data_2RCQ
# 
_entry.id   2RCQ 
# 
_audit_conform.dict_name       mmcif_pdbx.dic 
_audit_conform.dict_version    5.377 
_audit_conform.dict_location   http://mmcif.pdb.org/dictionaries/ascii/mmcif_pdbx.dic 
# 
loop_
_database_2.database_id 
_database_2.database_code 
_database_2.pdbx_database_accession 
_database_2.pdbx_DOI 
PDB   2RCQ         pdb_00002rcq 10.2210/pdb2rcq/pdb 
RCSB  RCSB044703   ?            ?                   
WWPDB D_1000044703 ?            ?                   
# 
_pdbx_database_related.db_name        PDB 
_pdbx_database_related.db_id          2rct 
_pdbx_database_related.details        . 
_pdbx_database_related.content_type   unspecified 
# 
_pdbx_database_status.entry_id                        2RCQ 
_pdbx_database_status.deposit_site                    RCSB 
_pdbx_database_status.process_site                    RCSB 
_pdbx_database_status.recvd_initial_deposition_date   2007-09-20 
_pdbx_database_status.status_code                     REL 
_pdbx_database_status.status_code_sf                  REL 
_pdbx_database_status.status_code_mr                  ? 
_pdbx_database_status.SG_entry                        ? 
_pdbx_database_status.status_code_cs                  ? 
_pdbx_database_status.methods_development_category    ? 
_pdbx_database_status.pdb_format_compatible           Y 
_pdbx_database_status.status_code_nmr_data            ? 
# 
loop_
_audit_author.name 
_audit_author.pdbx_ordinal 
'Monaco, H.L.' 1 
'Capaldi, S.'  2 
'Perduca, M.'  3 
# 
_citation.id                        primary 
_citation.title                     'Crystal structure of human cellular retinol-binding protein II to 1.2 A resolution.' 
_citation.journal_abbrev            Proteins 
_citation.journal_volume            70 
_citation.page_first                1626 
_citation.page_last                 1630 
_citation.year                      2007 
_citation.journal_id_ASTM           PSFGEY 
_citation.country                   US 
_citation.journal_id_ISSN           0887-3585 
_citation.journal_id_CSD            0867 
_citation.book_publisher            ? 
_citation.pdbx_database_id_PubMed   18076076 
_citation.pdbx_database_id_DOI      10.1002/prot.21848 
# 
loop_
_citation_author.citation_id 
_citation_author.name 
_citation_author.ordinal 
_citation_author.identifier_ORCID 
primary 'Tarter, M.'    1 ? 
primary 'Capaldi, S.'   2 ? 
primary 'Carrizo, M.E.' 3 ? 
primary 'Ambrosi, E.'   4 ? 
primary 'Perduca, M.'   5 ? 
primary 'Monaco, H.L.'  6 ? 
# 
_cell.entry_id           2RCQ 
_cell.length_a           35.518 
_cell.length_b           49.834 
_cell.length_c           74.398 
_cell.angle_alpha        90.00 
_cell.angle_beta         90.00 
_cell.angle_gamma        90.00 
_cell.Z_PDB              4 
_cell.pdbx_unique_axis   ? 
_cell.length_a_esd       ? 
_cell.length_b_esd       ? 
_cell.length_c_esd       ? 
_cell.angle_alpha_esd    ? 
_cell.angle_beta_esd     ? 
_cell.angle_gamma_esd    ? 
# 
_symmetry.entry_id                         2RCQ 
_symmetry.space_group_name_H-M             'P 21 21 21' 
_symmetry.pdbx_full_space_group_name_H-M   ? 
_symmetry.cell_setting                     ? 
_symmetry.Int_Tables_number                19 
_symmetry.space_group_name_Hall            ? 
# 
loop_
_entity.id 
_entity.type 
_entity.src_method 
_entity.pdbx_description 
_entity.formula_weight 
_entity.pdbx_number_of_molecules 
_entity.pdbx_ec 
_entity.pdbx_mutation 
_entity.pdbx_fragment 
_entity.details 
1 polymer     man 'Retinol-binding protein II, cellular' 16496.570 1   ? ? ? ? 
2 non-polymer syn 'SULFATE ION'                          96.063    2   ? ? ? ? 
3 non-polymer syn 'L(+)-TARTARIC ACID'                   150.087   1   ? ? ? ? 
4 water       nat water                                  18.015    156 ? ? ? ? 
# 
_entity_name_com.entity_id   1 
_entity_name_com.name        CRBP-II 
# 
_entity_poly.entity_id                      1 
_entity_poly.type                           'polypeptide(L)' 
_entity_poly.nstd_linkage                   no 
_entity_poly.nstd_monomer                   no 
_entity_poly.pdbx_seq_one_letter_code       
;MRGSTRDQNGTWEMESNENFEGYMKALDIDFATRKIAVRLTQTKVIDQDGDNFKTKTTSTFRNYDVDFTVGVEFDEYTKS
LDNRHVKALVTWEGDVLVCVQKGEKENRGWKQWIEGDKLYLELTCGDQVCRQVFKKKLVPR
;
_entity_poly.pdbx_seq_one_letter_code_can   
;MRGSTRDQNGTWEMESNENFEGYMKALDIDFATRKIAVRLTQTKVIDQDGDNFKTKTTSTFRNYDVDFTVGVEFDEYTKS
LDNRHVKALVTWEGDVLVCVQKGEKENRGWKQWIEGDKLYLELTCGDQVCRQVFKKKLVPR
;
_entity_poly.pdbx_strand_id                 A 
_entity_poly.pdbx_target_identifier         ? 
# 
loop_
_entity_poly_seq.entity_id 
_entity_poly_seq.num 
_entity_poly_seq.mon_id 
_entity_poly_seq.hetero 
1 1   MET n 
1 2   ARG n 
1 3   GLY n 
1 4   SER n 
1 5   THR n 
1 6   ARG n 
1 7   ASP n 
1 8   GLN n 
1 9   ASN n 
1 10  GLY n 
1 11  THR n 
1 12  TRP n 
1 13  GLU n 
1 14  MET n 
1 15  GLU n 
1 16  SER n 
1 17  ASN n 
1 18  GLU n 
1 19  ASN n 
1 20  PHE n 
1 21  GLU n 
1 22  GLY n 
1 23  TYR n 
1 24  MET n 
1 25  LYS n 
1 26  ALA n 
1 27  LEU n 
1 28  ASP n 
1 29  ILE n 
1 30  ASP n 
1 31  PHE n 
1 32  ALA n 
1 33  THR n 
1 34  ARG n 
1 35  LYS n 
1 36  ILE n 
1 37  ALA n 
1 38  VAL n 
1 39  ARG n 
1 40  LEU n 
1 41  THR n 
1 42  GLN n 
1 43  THR n 
1 44  LYS n 
1 45  VAL n 
1 46  ILE n 
1 47  ASP n 
1 48  GLN n 
1 49  ASP n 
1 50  GLY n 
1 51  ASP n 
1 52  ASN n 
1 53  PHE n 
1 54  LYS n 
1 55  THR n 
1 56  LYS n 
1 57  THR n 
1 58  THR n 
1 59  SER n 
1 60  THR n 
1 61  PHE n 
1 62  ARG n 
1 63  ASN n 
1 64  TYR n 
1 65  ASP n 
1 66  VAL n 
1 67  ASP n 
1 68  PHE n 
1 69  THR n 
1 70  VAL n 
1 71  GLY n 
1 72  VAL n 
1 73  GLU n 
1 74  PHE n 
1 75  ASP n 
1 76  GLU n 
1 77  TYR n 
1 78  THR n 
1 79  LYS n 
1 80  SER n 
1 81  LEU n 
1 82  ASP n 
1 83  ASN n 
1 84  ARG n 
1 85  HIS n 
1 86  VAL n 
1 87  LYS n 
1 88  ALA n 
1 89  LEU n 
1 90  VAL n 
1 91  THR n 
1 92  TRP n 
1 93  GLU n 
1 94  GLY n 
1 95  ASP n 
1 96  VAL n 
1 97  LEU n 
1 98  VAL n 
1 99  CYS n 
1 100 VAL n 
1 101 GLN n 
1 102 LYS n 
1 103 GLY n 
1 104 GLU n 
1 105 LYS n 
1 106 GLU n 
1 107 ASN n 
1 108 ARG n 
1 109 GLY n 
1 110 TRP n 
1 111 LYS n 
1 112 GLN n 
1 113 TRP n 
1 114 ILE n 
1 115 GLU n 
1 116 GLY n 
1 117 ASP n 
1 118 LYS n 
1 119 LEU n 
1 120 TYR n 
1 121 LEU n 
1 122 GLU n 
1 123 LEU n 
1 124 THR n 
1 125 CYS n 
1 126 GLY n 
1 127 ASP n 
1 128 GLN n 
1 129 VAL n 
1 130 CYS n 
1 131 ARG n 
1 132 GLN n 
1 133 VAL n 
1 134 PHE n 
1 135 LYS n 
1 136 LYS n 
1 137 LYS n 
1 138 LEU n 
1 139 VAL n 
1 140 PRO n 
1 141 ARG n 
# 
_entity_src_gen.entity_id                          1 
_entity_src_gen.pdbx_src_id                        1 
_entity_src_gen.pdbx_alt_source_flag               sample 
_entity_src_gen.pdbx_seq_type                      ? 
_entity_src_gen.pdbx_beg_seq_num                   ? 
_entity_src_gen.pdbx_end_seq_num                   ? 
_entity_src_gen.gene_src_common_name               human 
_entity_src_gen.gene_src_genus                     Homo 
_entity_src_gen.pdbx_gene_src_gene                 'RBP2, CRBP2' 
_entity_src_gen.gene_src_species                   ? 
_entity_src_gen.gene_src_strain                    ? 
_entity_src_gen.gene_src_tissue                    ? 
_entity_src_gen.gene_src_tissue_fraction           ? 
_entity_src_gen.gene_src_details                   ? 
_entity_src_gen.pdbx_gene_src_fragment             ? 
_entity_src_gen.pdbx_gene_src_scientific_name      'Homo sapiens' 
_entity_src_gen.pdbx_gene_src_ncbi_taxonomy_id     9606 
_entity_src_gen.pdbx_gene_src_variant              ? 
_entity_src_gen.pdbx_gene_src_cell_line            ? 
_entity_src_gen.pdbx_gene_src_atcc                 ? 
_entity_src_gen.pdbx_gene_src_organ                ? 
_entity_src_gen.pdbx_gene_src_organelle            ? 
_entity_src_gen.pdbx_gene_src_cell                 ? 
_entity_src_gen.pdbx_gene_src_cellular_location    ? 
_entity_src_gen.host_org_common_name               ? 
_entity_src_gen.pdbx_host_org_scientific_name      'Escherichia coli' 
_entity_src_gen.pdbx_host_org_ncbi_taxonomy_id     562 
_entity_src_gen.host_org_genus                     Escherichia 
_entity_src_gen.pdbx_host_org_gene                 ? 
_entity_src_gen.pdbx_host_org_organ                ? 
_entity_src_gen.host_org_species                   ? 
_entity_src_gen.pdbx_host_org_tissue               ? 
_entity_src_gen.pdbx_host_org_tissue_fraction      ? 
_entity_src_gen.pdbx_host_org_strain               SG13009 
_entity_src_gen.pdbx_host_org_variant              ? 
_entity_src_gen.pdbx_host_org_cell_line            ? 
_entity_src_gen.pdbx_host_org_atcc                 ? 
_entity_src_gen.pdbx_host_org_culture_collection   ? 
_entity_src_gen.pdbx_host_org_cell                 ? 
_entity_src_gen.pdbx_host_org_organelle            ? 
_entity_src_gen.pdbx_host_org_cellular_location    ? 
_entity_src_gen.pdbx_host_org_vector_type          plasmid 
_entity_src_gen.pdbx_host_org_vector               ? 
_entity_src_gen.host_org_details                   ? 
_entity_src_gen.expression_system_id               ? 
_entity_src_gen.plasmid_name                       pQE50 
_entity_src_gen.plasmid_details                    ? 
_entity_src_gen.pdbx_description                   ? 
# 
_struct_ref.id                         1 
_struct_ref.db_name                    UNP 
_struct_ref.db_code                    RET2_HUMAN 
_struct_ref.pdbx_db_accession          P50120 
_struct_ref.entity_id                  1 
_struct_ref.pdbx_seq_one_letter_code   
;TRDQNGTWEMESNENFEGYMKALDIDFATRKIAVRLTQTKVIDQDGDNFKTKTTSTFRNYDVDFTVGVEFDEYTKSLDNR
HVKALVTWEGDVLVCVQKGEKENRGWKQWIEGDKLYLELTCGDQVCRQVFKKK
;
_struct_ref.pdbx_align_begin           2 
_struct_ref.pdbx_db_isoform            ? 
# 
_struct_ref_seq.align_id                      1 
_struct_ref_seq.ref_id                        1 
_struct_ref_seq.pdbx_PDB_id_code              2RCQ 
_struct_ref_seq.pdbx_strand_id                A 
_struct_ref_seq.seq_align_beg                 5 
_struct_ref_seq.pdbx_seq_align_beg_ins_code   ? 
_struct_ref_seq.seq_align_end                 137 
_struct_ref_seq.pdbx_seq_align_end_ins_code   ? 
_struct_ref_seq.pdbx_db_accession             P50120 
_struct_ref_seq.db_align_beg                  2 
_struct_ref_seq.pdbx_db_align_beg_ins_code    ? 
_struct_ref_seq.db_align_end                  134 
_struct_ref_seq.pdbx_db_align_end_ins_code    ? 
_struct_ref_seq.pdbx_auth_seq_align_beg       1 
_struct_ref_seq.pdbx_auth_seq_align_end       133 
# 
loop_
_struct_ref_seq_dif.align_id 
_struct_ref_seq_dif.pdbx_pdb_id_code 
_struct_ref_seq_dif.mon_id 
_struct_ref_seq_dif.pdbx_pdb_strand_id 
_struct_ref_seq_dif.seq_num 
_struct_ref_seq_dif.pdbx_pdb_ins_code 
_struct_ref_seq_dif.pdbx_seq_db_name 
_struct_ref_seq_dif.pdbx_seq_db_accession_code 
_struct_ref_seq_dif.db_mon_id 
_struct_ref_seq_dif.pdbx_seq_db_seq_num 
_struct_ref_seq_dif.details 
_struct_ref_seq_dif.pdbx_auth_seq_num 
_struct_ref_seq_dif.pdbx_ordinal 
1 2RCQ MET A 1   ? UNP P50120 ? ? 'expression tag' -3  1 
1 2RCQ ARG A 2   ? UNP P50120 ? ? 'expression tag' -2  2 
1 2RCQ GLY A 3   ? UNP P50120 ? ? 'expression tag' -1  3 
1 2RCQ SER A 4   ? UNP P50120 ? ? 'expression tag' 0   4 
1 2RCQ LEU A 138 ? UNP P50120 ? ? 'expression tag' 134 5 
1 2RCQ VAL A 139 ? UNP P50120 ? ? 'expression tag' 135 6 
1 2RCQ PRO A 140 ? UNP P50120 ? ? 'expression tag' 136 7 
1 2RCQ ARG A 141 ? UNP P50120 ? ? 'expression tag' 137 8 
# 
loop_
_chem_comp.id 
_chem_comp.type 
_chem_comp.mon_nstd_flag 
_chem_comp.name 
_chem_comp.pdbx_synonyms 
_chem_comp.formula 
_chem_comp.formula_weight 
ALA 'L-peptide linking' y ALANINE              ? 'C3 H7 N O2'     89.093  
ARG 'L-peptide linking' y ARGININE             ? 'C6 H15 N4 O2 1' 175.209 
ASN 'L-peptide linking' y ASPARAGINE           ? 'C4 H8 N2 O3'    132.118 
ASP 'L-peptide linking' y 'ASPARTIC ACID'      ? 'C4 H7 N O4'     133.103 
CYS 'L-peptide linking' y CYSTEINE             ? 'C3 H7 N O2 S'   121.158 
GLN 'L-peptide linking' y GLUTAMINE            ? 'C5 H10 N2 O3'   146.144 
GLU 'L-peptide linking' y 'GLUTAMIC ACID'      ? 'C5 H9 N O4'     147.129 
GLY 'peptide linking'   y GLYCINE              ? 'C2 H5 N O2'     75.067  
HIS 'L-peptide linking' y HISTIDINE            ? 'C6 H10 N3 O2 1' 156.162 
HOH non-polymer         . WATER                ? 'H2 O'           18.015  
ILE 'L-peptide linking' y ISOLEUCINE           ? 'C6 H13 N O2'    131.173 
LEU 'L-peptide linking' y LEUCINE              ? 'C6 H13 N O2'    131.173 
LYS 'L-peptide linking' y LYSINE               ? 'C6 H15 N2 O2 1' 147.195 
MET 'L-peptide linking' y METHIONINE           ? 'C5 H11 N O2 S'  149.211 
PHE 'L-peptide linking' y PHENYLALANINE        ? 'C9 H11 N O2'    165.189 
PRO 'L-peptide linking' y PROLINE              ? 'C5 H9 N O2'     115.130 
SER 'L-peptide linking' y SERINE               ? 'C3 H7 N O3'     105.093 
SO4 non-polymer         . 'SULFATE ION'        ? 'O4 S -2'        96.063  
THR 'L-peptide linking' y THREONINE            ? 'C4 H9 N O3'     119.119 
TLA non-polymer         . 'L(+)-TARTARIC ACID' ? 'C4 H6 O6'       150.087 
TRP 'L-peptide linking' y TRYPTOPHAN           ? 'C11 H12 N2 O2'  204.225 
TYR 'L-peptide linking' y TYROSINE             ? 'C9 H11 N O3'    181.189 
VAL 'L-peptide linking' y VALINE               ? 'C5 H11 N O2'    117.146 
# 
_exptl.crystals_number   1 
_exptl.entry_id          2RCQ 
_exptl.method            'X-RAY DIFFRACTION' 
# 
_exptl_crystal.id                    1 
_exptl_crystal.density_Matthews      2.00 
_exptl_crystal.density_meas          ? 
_exptl_crystal.density_percent_sol   38.37 
_exptl_crystal.description           ? 
_exptl_crystal.F_000                 ? 
_exptl_crystal.preparation           ? 
# 
_exptl_crystal_grow.crystal_id      1 
_exptl_crystal_grow.method          'VAPOR DIFFUSION, HANGING DROP' 
_exptl_crystal_grow.pH              5.6 
_exptl_crystal_grow.temp            293 
_exptl_crystal_grow.temp_details    ? 
_exptl_crystal_grow.pdbx_details    
;0.1 M sodium citrate, 0.2 M sodium/potassium tartrate, 1.4 M ammonium sulphate, pH 5.6, VAPOR DIFFUSION, HANGING DROP, temperature 293K
;
_exptl_crystal_grow.pdbx_pH_range   . 
# 
_diffrn.id                     1 
_diffrn.ambient_temp           100 
_diffrn.ambient_temp_details   ? 
_diffrn.crystal_id             1 
# 
_diffrn_detector.diffrn_id              1 
_diffrn_detector.detector               CCD 
_diffrn_detector.type                   'MAR CCD 165 mm' 
_diffrn_detector.pdbx_collection_date   2006-05-12 
_diffrn_detector.details                'DOUBLE CRYSTAL (SI111, SI220) THREE-SEGMENT PT-COATED TOROIDAL MIRRORS' 
# 
_diffrn_radiation.diffrn_id                        1 
_diffrn_radiation.wavelength_id                    1 
_diffrn_radiation.pdbx_diffrn_protocol             'SINGLE WAVELENGTH' 
_diffrn_radiation.monochromator                    ? 
_diffrn_radiation.pdbx_monochromatic_or_laue_m_l   M 
_diffrn_radiation.pdbx_scattering_type             x-ray 
# 
_diffrn_radiation_wavelength.id           1 
_diffrn_radiation_wavelength.wavelength   1.0 
_diffrn_radiation_wavelength.wt           1.0 
# 
_diffrn_source.diffrn_id                   1 
_diffrn_source.source                      SYNCHROTRON 
_diffrn_source.type                        'ELETTRA BEAMLINE 5.2R' 
_diffrn_source.pdbx_wavelength             ? 
_diffrn_source.pdbx_wavelength_list        1.0 
_diffrn_source.pdbx_synchrotron_site       ELETTRA 
_diffrn_source.pdbx_synchrotron_beamline   5.2R 
# 
_reflns.entry_id                     2RCQ 
_reflns.observed_criterion_sigma_F   0 
_reflns.observed_criterion_sigma_I   0 
_reflns.d_resolution_high            1.2 
_reflns.d_resolution_low             27.0 
_reflns.number_all                   ? 
_reflns.number_obs                   40046 
_reflns.percent_possible_obs         96.0 
_reflns.pdbx_Rmerge_I_obs            0.047 
_reflns.pdbx_Rsym_value              0.047 
_reflns.pdbx_netI_over_sigmaI        18.9 
_reflns.B_iso_Wilson_estimate        ? 
_reflns.pdbx_redundancy              4.0 
_reflns.R_free_details               ? 
_reflns.limit_h_max                  ? 
_reflns.limit_h_min                  ? 
_reflns.limit_k_max                  ? 
_reflns.limit_k_min                  ? 
_reflns.limit_l_max                  ? 
_reflns.limit_l_min                  ? 
_reflns.observed_criterion_F_max     ? 
_reflns.observed_criterion_F_min     ? 
_reflns.pdbx_chi_squared             ? 
_reflns.pdbx_scaling_rejects         ? 
_reflns.pdbx_ordinal                 1 
_reflns.pdbx_diffrn_id               1 
# 
_reflns_shell.d_res_high             1.20 
_reflns_shell.d_res_low              1.23 
_reflns_shell.percent_possible_obs   ? 
_reflns_shell.percent_possible_all   95.4 
_reflns_shell.Rmerge_I_obs           0.187 
_reflns_shell.meanI_over_sigI_obs    8.0 
_reflns_shell.pdbx_Rsym_value        0.187 
_reflns_shell.pdbx_redundancy        4.0 
_reflns_shell.number_unique_all      5747 
_reflns_shell.number_measured_all    ? 
_reflns_shell.number_measured_obs    ? 
_reflns_shell.number_unique_obs      ? 
_reflns_shell.pdbx_chi_squared       ? 
_reflns_shell.pdbx_ordinal           1 
_reflns_shell.pdbx_diffrn_id         1 
# 
_refine.entry_id                                 2RCQ 
_refine.ls_d_res_high                            1.200 
_refine.ls_d_res_low                             25.000 
_refine.pdbx_ls_sigma_F                          0.00 
_refine.ls_percent_reflns_obs                    95.110 
_refine.ls_number_reflns_obs                     40021 
_refine.pdbx_ls_cross_valid_method               THROUGHOUT 
_refine.pdbx_R_Free_selection_details            RANDOM 
_refine.details                                  'HYDROGENS HAVE BEEN ADDED IN THE RIDING POSITIONS' 
_refine.ls_R_factor_obs                          0.197 
_refine.ls_R_factor_R_work                       0.196 
_refine.ls_R_factor_R_free                       0.217 
_refine.ls_percent_reflns_R_free                 5.100 
_refine.ls_number_reflns_R_free                  2028 
_refine.B_iso_mean                               9.582 
_refine.aniso_B[1][1]                            0.290 
_refine.aniso_B[2][2]                            -0.120 
_refine.aniso_B[3][3]                            -0.160 
_refine.aniso_B[1][2]                            0.000 
_refine.aniso_B[1][3]                            0.000 
_refine.aniso_B[2][3]                            0.000 
_refine.correlation_coeff_Fo_to_Fc               0.940 
_refine.correlation_coeff_Fo_to_Fc_free          0.932 
_refine.pdbx_overall_ESU_R                       0.049 
_refine.pdbx_overall_ESU_R_Free                  0.051 
_refine.overall_SU_ML                            0.027 
_refine.overall_SU_B                             0.569 
_refine.solvent_model_details                    MASK 
_refine.pdbx_solvent_vdw_probe_radii             1.400 
_refine.pdbx_solvent_ion_probe_radii             0.800 
_refine.pdbx_solvent_shrinkage_radii             0.800 
_refine.pdbx_method_to_determine_struct          ? 
_refine.pdbx_stereochemistry_target_values       'MAXIMUM LIKELIHOOD' 
_refine.pdbx_ls_sigma_I                          ? 
_refine.ls_number_reflns_all                     37993 
_refine.ls_R_factor_all                          0.197 
_refine.ls_redundancy_reflns_obs                 ? 
_refine.pdbx_data_cutoff_high_absF               ? 
_refine.pdbx_data_cutoff_low_absF                ? 
_refine.ls_number_parameters                     ? 
_refine.ls_number_restraints                     ? 
_refine.ls_R_factor_R_free_error                 ? 
_refine.ls_R_factor_R_free_error_details         ? 
_refine.pdbx_starting_model                      'PDB ENTRY 1OPA' 
_refine.pdbx_stereochem_target_val_spec_case     ? 
_refine.solvent_model_param_bsol                 ? 
_refine.solvent_model_param_ksol                 ? 
_refine.occupancy_max                            ? 
_refine.occupancy_min                            ? 
_refine.pdbx_isotropic_thermal_model             ? 
_refine.B_iso_min                                ? 
_refine.B_iso_max                                ? 
_refine.overall_SU_R_Cruickshank_DPI             ? 
_refine.overall_SU_R_free                        ? 
_refine.pdbx_data_cutoff_high_rms_absF           ? 
_refine.ls_wR_factor_R_free                      ? 
_refine.ls_wR_factor_R_work                      ? 
_refine.overall_FOM_free_R_set                   ? 
_refine.overall_FOM_work_R_set                   ? 
_refine.pdbx_refine_id                           'X-RAY DIFFRACTION' 
_refine.pdbx_overall_phase_error                 ? 
_refine.pdbx_diffrn_id                           1 
_refine.pdbx_TLS_residual_ADP_flag               ? 
_refine.pdbx_overall_SU_R_free_Cruickshank_DPI   ? 
_refine.pdbx_overall_SU_R_Blow_DPI               ? 
_refine.pdbx_overall_SU_R_free_Blow_DPI          ? 
# 
_refine_hist.pdbx_refine_id                   'X-RAY DIFFRACTION' 
_refine_hist.cycle_id                         LAST 
_refine_hist.pdbx_number_atoms_protein        1158 
_refine_hist.pdbx_number_atoms_nucleic_acid   0 
_refine_hist.pdbx_number_atoms_ligand         20 
_refine_hist.number_atoms_solvent             156 
_refine_hist.number_atoms_total               1334 
_refine_hist.d_res_high                       1.200 
_refine_hist.d_res_low                        25.000 
# 
loop_
_refine_ls_restr.type 
_refine_ls_restr.number 
_refine_ls_restr.dev_ideal 
_refine_ls_restr.dev_ideal_target 
_refine_ls_restr.weight 
_refine_ls_restr.pdbx_refine_id 
_refine_ls_restr.pdbx_restraint_function 
r_bond_refined_d         1211 0.007  0.022  ? 'X-RAY DIFFRACTION' ? 
r_angle_refined_deg      1633 1.044  1.950  ? 'X-RAY DIFFRACTION' ? 
r_dihedral_angle_1_deg   142  6.683  5.000  ? 'X-RAY DIFFRACTION' ? 
r_dihedral_angle_2_deg   64   32.983 24.531 ? 'X-RAY DIFFRACTION' ? 
r_dihedral_angle_3_deg   225  12.690 15.000 ? 'X-RAY DIFFRACTION' ? 
r_dihedral_angle_4_deg   9    11.854 15.000 ? 'X-RAY DIFFRACTION' ? 
r_chiral_restr           174  ?      0.200  ? 'X-RAY DIFFRACTION' ? 
r_gen_planes_refined     916  0.005  0.020  ? 'X-RAY DIFFRACTION' ? 
r_nbd_refined            493  0.192  0.200  ? 'X-RAY DIFFRACTION' ? 
r_nbtor_refined          814  0.309  0.200  ? 'X-RAY DIFFRACTION' ? 
r_xyhbond_nbd_refined    127  0.077  0.200  ? 'X-RAY DIFFRACTION' ? 
r_symmetry_vdw_refined   56   0.154  0.200  ? 'X-RAY DIFFRACTION' ? 
r_symmetry_hbond_refined 12   0.095  0.200  ? 'X-RAY DIFFRACTION' ? 
r_mcbond_it              721  1.176  3.000  ? 'X-RAY DIFFRACTION' ? 
r_mcangle_it             1140 1.697  3.000  ? 'X-RAY DIFFRACTION' ? 
r_scbond_it              558  1.238  2.000  ? 'X-RAY DIFFRACTION' ? 
r_scangle_it             493  1.875  3.000  ? 'X-RAY DIFFRACTION' ? 
# 
_refine_ls_shell.d_res_high                       1.200 
_refine_ls_shell.d_res_low                        1.231 
_refine_ls_shell.pdbx_total_number_of_bins_used   20 
_refine_ls_shell.percent_reflns_obs               94.680 
_refine_ls_shell.number_reflns_R_work             2754 
_refine_ls_shell.R_factor_all                     ? 
_refine_ls_shell.R_factor_R_work                  0.191 
_refine_ls_shell.R_factor_R_free                  0.193 
_refine_ls_shell.percent_reflns_R_free            ? 
_refine_ls_shell.number_reflns_R_free             147 
_refine_ls_shell.R_factor_R_free_error            ? 
_refine_ls_shell.number_reflns_all                2901 
_refine_ls_shell.number_reflns_obs                ? 
_refine_ls_shell.redundancy_reflns_obs            ? 
_refine_ls_shell.pdbx_refine_id                   'X-RAY DIFFRACTION' 
# 
_struct.entry_id                  2RCQ 
_struct.title                     'Crystal structure of human apo Cellular Retinol Binding Protein II (CRBP-II)' 
_struct.pdbx_model_details        ? 
_struct.pdbx_CASP_flag            ? 
_struct.pdbx_model_type_details   ? 
# 
_struct_keywords.entry_id        2RCQ 
_struct_keywords.pdbx_keywords   'RETINOL-BINDING PROTEIN' 
_struct_keywords.text            
;cellular retinol binding protein II, CRBP-II, retinol, lipid-binding protein, Retinol-binding, Transport, Vitamin A, RETINOL-BINDING PROTEIN
;
# 
loop_
_struct_asym.id 
_struct_asym.pdbx_blank_PDB_chainid_flag 
_struct_asym.pdbx_modified 
_struct_asym.entity_id 
_struct_asym.details 
A N N 1 ? 
B N N 2 ? 
C N N 2 ? 
D N N 3 ? 
E N N 4 ? 
# 
_struct_biol.id        1 
_struct_biol.details   ? 
# 
loop_
_struct_conf.conf_type_id 
_struct_conf.id 
_struct_conf.pdbx_PDB_helix_id 
_struct_conf.beg_label_comp_id 
_struct_conf.beg_label_asym_id 
_struct_conf.beg_label_seq_id 
_struct_conf.pdbx_beg_PDB_ins_code 
_struct_conf.end_label_comp_id 
_struct_conf.end_label_asym_id 
_struct_conf.end_label_seq_id 
_struct_conf.pdbx_end_PDB_ins_code 
_struct_conf.beg_auth_comp_id 
_struct_conf.beg_auth_asym_id 
_struct_conf.beg_auth_seq_id 
_struct_conf.end_auth_comp_id 
_struct_conf.end_auth_asym_id 
_struct_conf.end_auth_seq_id 
_struct_conf.pdbx_PDB_helix_class 
_struct_conf.details 
_struct_conf.pdbx_PDB_helix_length 
HELX_P HELX_P1 1 ASN A 19 ? LEU A 27 ? ASN A 15 LEU A 23 1 ? 9 
HELX_P HELX_P2 2 ASP A 30 ? VAL A 38 ? ASP A 26 VAL A 34 1 ? 9 
# 
_struct_conf_type.id          HELX_P 
_struct_conf_type.criteria    ? 
_struct_conf_type.reference   ? 
# 
_struct_sheet.id               A 
_struct_sheet.type             ? 
_struct_sheet.number_strands   10 
_struct_sheet.details          ? 
# 
loop_
_struct_sheet_order.sheet_id 
_struct_sheet_order.range_id_1 
_struct_sheet_order.range_id_2 
_struct_sheet_order.offset 
_struct_sheet_order.sense 
A 1 2  ? anti-parallel 
A 2 3  ? anti-parallel 
A 3 4  ? anti-parallel 
A 4 5  ? anti-parallel 
A 5 6  ? anti-parallel 
A 6 7  ? anti-parallel 
A 7 8  ? anti-parallel 
A 8 9  ? anti-parallel 
A 9 10 ? anti-parallel 
# 
loop_
_struct_sheet_range.sheet_id 
_struct_sheet_range.id 
_struct_sheet_range.beg_label_comp_id 
_struct_sheet_range.beg_label_asym_id 
_struct_sheet_range.beg_label_seq_id 
_struct_sheet_range.pdbx_beg_PDB_ins_code 
_struct_sheet_range.end_label_comp_id 
_struct_sheet_range.end_label_asym_id 
_struct_sheet_range.end_label_seq_id 
_struct_sheet_range.pdbx_end_PDB_ins_code 
_struct_sheet_range.beg_auth_comp_id 
_struct_sheet_range.beg_auth_asym_id 
_struct_sheet_range.beg_auth_seq_id 
_struct_sheet_range.end_auth_comp_id 
_struct_sheet_range.end_auth_asym_id 
_struct_sheet_range.end_auth_seq_id 
A 1  VAL A 66  ? THR A 69  ? VAL A 62  THR A 65  
A 2  ASN A 52  ? THR A 58  ? ASN A 48  THR A 54  
A 3  THR A 43  ? ASP A 49  ? THR A 39  ASP A 45  
A 4  GLY A 10  ? GLU A 18  ? GLY A 6   GLU A 14  
A 5  GLN A 128 ? LEU A 138 ? GLN A 124 LEU A 134 
A 6  LYS A 118 ? CYS A 125 ? LYS A 114 CYS A 121 
A 7  GLY A 109 ? GLU A 115 ? GLY A 105 GLU A 111 
A 8  VAL A 96  ? LYS A 102 ? VAL A 92  LYS A 98  
A 9  HIS A 85  ? GLU A 93  ? HIS A 81  GLU A 89  
A 10 PHE A 74  ? TYR A 77  ? PHE A 70  TYR A 73  
# 
loop_
_pdbx_struct_sheet_hbond.sheet_id 
_pdbx_struct_sheet_hbond.range_id_1 
_pdbx_struct_sheet_hbond.range_id_2 
_pdbx_struct_sheet_hbond.range_1_label_atom_id 
_pdbx_struct_sheet_hbond.range_1_label_comp_id 
_pdbx_struct_sheet_hbond.range_1_label_asym_id 
_pdbx_struct_sheet_hbond.range_1_label_seq_id 
_pdbx_struct_sheet_hbond.range_1_PDB_ins_code 
_pdbx_struct_sheet_hbond.range_1_auth_atom_id 
_pdbx_struct_sheet_hbond.range_1_auth_comp_id 
_pdbx_struct_sheet_hbond.range_1_auth_asym_id 
_pdbx_struct_sheet_hbond.range_1_auth_seq_id 
_pdbx_struct_sheet_hbond.range_2_label_atom_id 
_pdbx_struct_sheet_hbond.range_2_label_comp_id 
_pdbx_struct_sheet_hbond.range_2_label_asym_id 
_pdbx_struct_sheet_hbond.range_2_label_seq_id 
_pdbx_struct_sheet_hbond.range_2_PDB_ins_code 
_pdbx_struct_sheet_hbond.range_2_auth_atom_id 
_pdbx_struct_sheet_hbond.range_2_auth_comp_id 
_pdbx_struct_sheet_hbond.range_2_auth_asym_id 
_pdbx_struct_sheet_hbond.range_2_auth_seq_id 
A 1 2  O PHE A 68  ? O PHE A 64  N PHE A 53  ? N PHE A 49  
A 2 3  O LYS A 56  ? O LYS A 52  N VAL A 45  ? N VAL A 41  
A 3 4  O LYS A 44  ? O LYS A 40  N TRP A 12  ? N TRP A 8   
A 4 5  N GLU A 15  ? N GLU A 11  O VAL A 133 ? O VAL A 129 
A 5 6  O PHE A 134 ? O PHE A 130 N LEU A 119 ? N LEU A 115 
A 6 7  O TYR A 120 ? O TYR A 116 N TRP A 113 ? N TRP A 109 
A 7 8  O TRP A 110 ? O TRP A 106 N CYS A 99  ? N CYS A 95  
A 8 9  O VAL A 98  ? O VAL A 94  N THR A 91  ? N THR A 87  
A 9 10 O ALA A 88  ? O ALA A 84  N PHE A 74  ? N PHE A 70  
# 
loop_
_struct_site.id 
_struct_site.pdbx_evidence_code 
_struct_site.pdbx_auth_asym_id 
_struct_site.pdbx_auth_comp_id 
_struct_site.pdbx_auth_seq_id 
_struct_site.pdbx_auth_ins_code 
_struct_site.pdbx_num_residues 
_struct_site.details 
AC1 Software A SO4 151 ? 8  'BINDING SITE FOR RESIDUE SO4 A 151' 
AC2 Software A SO4 152 ? 5  'BINDING SITE FOR RESIDUE SO4 A 152' 
AC3 Software A TLA 150 ? 11 'BINDING SITE FOR RESIDUE TLA A 150' 
# 
loop_
_struct_site_gen.id 
_struct_site_gen.site_id 
_struct_site_gen.pdbx_num_res 
_struct_site_gen.label_comp_id 
_struct_site_gen.label_asym_id 
_struct_site_gen.label_seq_id 
_struct_site_gen.pdbx_auth_ins_code 
_struct_site_gen.auth_comp_id 
_struct_site_gen.auth_asym_id 
_struct_site_gen.auth_seq_id 
_struct_site_gen.label_atom_id 
_struct_site_gen.label_alt_id 
_struct_site_gen.symmetry 
_struct_site_gen.details 
1  AC1 8  ASP A 30  ? ASP A 26  . ? 2_654 ? 
2  AC1 8  PHE A 31  ? PHE A 27  . ? 2_654 ? 
3  AC1 8  ARG A 34  ? ARG A 30  . ? 2_654 ? 
4  AC1 8  HOH E .   ? HOH A 206 . ? 1_555 ? 
5  AC1 8  HOH E .   ? HOH A 242 . ? 1_555 ? 
6  AC1 8  HOH E .   ? HOH A 260 . ? 2_654 ? 
7  AC1 8  HOH E .   ? HOH A 274 . ? 2_654 ? 
8  AC1 8  HOH E .   ? HOH A 297 . ? 1_555 ? 
9  AC2 5  ARG A 62  ? ARG A 58  . ? 1_555 ? 
10 AC2 5  LYS A 102 ? LYS A 98  . ? 3_645 ? 
11 AC2 5  HOH E .   ? HOH A 202 . ? 3_645 ? 
12 AC2 5  HOH E .   ? HOH A 226 . ? 3_645 ? 
13 AC2 5  HOH E .   ? HOH A 285 . ? 3_645 ? 
14 AC3 11 ASN A 17  ? ASN A 13  . ? 1_555 ? 
15 AC3 11 GLU A 18  ? GLU A 14  . ? 1_555 ? 
16 AC3 11 ASN A 19  ? ASN A 15  . ? 1_555 ? 
17 AC3 11 PHE A 20  ? PHE A 16  . ? 1_555 ? 
18 AC3 11 GLU A 21  ? GLU A 17  . ? 1_555 ? 
19 AC3 11 ARG A 39  ? ARG A 35  . ? 1_555 ? 
20 AC3 11 LYS A 137 ? LYS A 133 . ? 4_545 ? 
21 AC3 11 HOH E .   ? HOH A 167 . ? 1_555 ? 
22 AC3 11 HOH E .   ? HOH A 207 . ? 4_545 ? 
23 AC3 11 HOH E .   ? HOH A 229 . ? 1_555 ? 
24 AC3 11 HOH E .   ? HOH A 249 . ? 1_555 ? 
# 
_atom_sites.entry_id                    2RCQ 
_atom_sites.fract_transf_matrix[1][1]   0.01085617 
_atom_sites.fract_transf_matrix[1][2]   -0.02205222 
_atom_sites.fract_transf_matrix[1][3]   0.01373126 
_atom_sites.fract_transf_matrix[2][1]   0.01845623 
_atom_sites.fract_transf_matrix[2][2]   0.00739367 
_atom_sites.fract_transf_matrix[2][3]   -0.00271768 
_atom_sites.fract_transf_matrix[3][1]   -0.00098951 
_atom_sites.fract_transf_matrix[3][2]   0.00673091 
_atom_sites.fract_transf_matrix[3][3]   0.01159207 
_atom_sites.fract_transf_vector[1]      0.480663 
_atom_sites.fract_transf_vector[2]      0.014517 
_atom_sites.fract_transf_vector[3]      0.081857 
# 
loop_
_atom_type.symbol 
C 
N 
O 
S 
# 
loop_
_atom_site.group_PDB 
_atom_site.id 
_atom_site.type_symbol 
_atom_site.label_atom_id 
_atom_site.label_alt_id 
_atom_site.label_comp_id 
_atom_site.label_asym_id 
_atom_site.label_entity_id 
_atom_site.label_seq_id 
_atom_site.pdbx_PDB_ins_code 
_atom_site.Cartn_x 
_atom_site.Cartn_y 
_atom_site.Cartn_z 
_atom_site.occupancy 
_atom_site.B_iso_or_equiv 
_atom_site.pdbx_formal_charge 
_atom_site.auth_seq_id 
_atom_site.auth_comp_id 
_atom_site.auth_asym_id 
_atom_site.auth_atom_id 
_atom_site.pdbx_PDB_model_num 
ATOM   1    N N   . MET A 1 1   ? 10.146  -8.523  -9.086  1.00 10.40 ? -3  MET A N   1 
ATOM   2    C CA  . MET A 1 1   ? 8.771   -8.429  -9.637  1.00 11.59 ? -3  MET A CA  1 
ATOM   3    C C   . MET A 1 1   ? 8.745   -7.555  -10.891 1.00 8.60  ? -3  MET A C   1 
ATOM   4    O O   . MET A 1 1   ? 9.639   -6.732  -11.113 1.00 8.60  ? -3  MET A O   1 
ATOM   5    C CB  . MET A 1 1   ? 7.803   -7.902  -8.582  1.00 15.09 ? -3  MET A CB  1 
ATOM   6    C CG  . MET A 1 1   ? 7.791   -6.405  -8.458  1.00 17.84 ? -3  MET A CG  1 
ATOM   7    S SD  . MET A 1 1   ? 9.324   -5.769  -7.811  1.00 21.25 ? -3  MET A SD  1 
ATOM   8    C CE  . MET A 1 1   ? 8.882   -5.542  -6.098  1.00 18.36 ? -3  MET A CE  1 
ATOM   9    N N   . ARG A 1 2   ? 7.705   -7.743  -11.696 1.00 8.96  ? -2  ARG A N   1 
ATOM   10   C CA  . ARG A 1 2   ? 7.538   -7.032  -12.951 1.00 7.93  ? -2  ARG A CA  1 
ATOM   11   C C   . ARG A 1 2   ? 6.062   -6.726  -13.139 1.00 7.68  ? -2  ARG A C   1 
ATOM   12   O O   . ARG A 1 2   ? 5.221   -7.616  -12.998 1.00 8.55  ? -2  ARG A O   1 
ATOM   13   C CB  . ARG A 1 2   ? 8.045   -7.895  -14.113 1.00 9.25  ? -2  ARG A CB  1 
ATOM   14   C CG  . ARG A 1 2   ? 7.824   -7.292  -15.494 1.00 9.96  ? -2  ARG A CG  1 
ATOM   15   C CD  . ARG A 1 2   ? 8.091   -8.320  -16.579 1.00 12.07 ? -2  ARG A CD  1 
ATOM   16   N NE  . ARG A 1 2   ? 7.815   -7.815  -17.925 1.00 13.28 ? -2  ARG A NE  1 
ATOM   17   C CZ  . ARG A 1 2   ? 6.640   -7.909  -18.546 1.00 14.22 ? -2  ARG A CZ  1 
ATOM   18   N NH1 . ARG A 1 2   ? 5.599   -8.475  -17.945 1.00 14.30 ? -2  ARG A NH1 1 
ATOM   19   N NH2 . ARG A 1 2   ? 6.502   -7.432  -19.776 1.00 15.52 ? -2  ARG A NH2 1 
ATOM   20   N N   . GLY A 1 3   ? 5.741   -5.473  -13.431 1.00 6.43  ? -1  GLY A N   1 
ATOM   21   C CA  . GLY A 1 3   ? 4.378   -5.115  -13.772 1.00 6.23  ? -1  GLY A CA  1 
ATOM   22   C C   . GLY A 1 3   ? 4.111   -5.342  -15.247 1.00 6.28  ? -1  GLY A C   1 
ATOM   23   O O   . GLY A 1 3   ? 4.970   -5.087  -16.090 1.00 7.32  ? -1  GLY A O   1 
ATOM   24   N N   . SER A 1 4   ? 2.909   -5.806  -15.568 1.00 8.10  ? 0   SER A N   1 
ATOM   25   C CA  . SER A 1 4   ? 2.538   -6.020  -16.964 1.00 9.33  ? 0   SER A CA  1 
ATOM   26   C C   . SER A 1 4   ? 1.954   -4.756  -17.589 1.00 8.71  ? 0   SER A C   1 
ATOM   27   O O   . SER A 1 4   ? 1.856   -4.658  -18.816 1.00 10.74 ? 0   SER A O   1 
ATOM   28   C CB  . SER A 1 4   ? 1.558   -7.188  -17.093 1.00 10.01 ? 0   SER A CB  1 
ATOM   29   O OG  . SER A 1 4   ? 0.418   -6.995  -16.282 1.00 11.65 ? 0   SER A OG  1 
ATOM   30   N N   . THR A 1 5   ? 1.556   -3.807  -16.747 1.00 7.95  ? 1   THR A N   1 
ATOM   31   C CA  . THR A 1 5   ? 0.997   -2.535  -17.172 1.00 7.96  ? 1   THR A CA  1 
ATOM   32   C C   . THR A 1 5   ? 1.174   -1.536  -16.032 1.00 8.32  ? 1   THR A C   1 
ATOM   33   O O   . THR A 1 5   ? 1.266   -1.934  -14.864 1.00 8.86  ? 1   THR A O   1 
ATOM   34   C CB  . THR A 1 5   ? -0.514  -2.658  -17.500 1.00 8.59  ? 1   THR A CB  1 
ATOM   35   O OG1 . THR A 1 5   ? -1.018  -1.369  -17.853 1.00 8.70  ? 1   THR A OG1 1 
ATOM   36   C CG2 . THR A 1 5   ? -1.309  -3.208  -16.298 1.00 9.02  ? 1   THR A CG2 1 
ATOM   37   N N   . ARG A 1 6   ? 1.211   -0.251  -16.361 1.00 7.50  ? 2   ARG A N   1 
ATOM   38   C CA  . ARG A 1 6   ? 1.158   0.798   -15.350 1.00 7.99  ? 2   ARG A CA  1 
ATOM   39   C C   . ARG A 1 6   ? -0.269  1.137   -14.922 1.00 8.18  ? 2   ARG A C   1 
ATOM   40   O O   . ARG A 1 6   ? -0.468  1.805   -13.913 1.00 9.67  ? 2   ARG A O   1 
ATOM   41   C CB  . ARG A 1 6   ? 1.863   2.065   -15.834 1.00 7.29  ? 2   ARG A CB  1 
ATOM   42   C CG  . ARG A 1 6   ? 3.372   1.951   -15.844 1.00 6.93  ? 2   ARG A CG  1 
ATOM   43   C CD  . ARG A 1 6   ? 4.052   3.280   -16.041 1.00 7.50  ? 2   ARG A CD  1 
ATOM   44   N NE  . ARG A 1 6   ? 5.496   3.147   -15.910 1.00 6.50  ? 2   ARG A NE  1 
ATOM   45   C CZ  . ARG A 1 6   ? 6.361   4.130   -16.138 1.00 6.50  ? 2   ARG A CZ  1 
ATOM   46   N NH1 . ARG A 1 6   ? 5.927   5.329   -16.508 1.00 6.93  ? 2   ARG A NH1 1 
ATOM   47   N NH2 . ARG A 1 6   ? 7.657   3.903   -16.009 1.00 6.61  ? 2   ARG A NH2 1 
ATOM   48   N N   . ASP A 1 7   ? -1.257  0.669   -15.683 1.00 8.31  ? 3   ASP A N   1 
ATOM   49   C CA  . ASP A 1 7   ? -2.655  0.976   -15.390 1.00 8.44  ? 3   ASP A CA  1 
ATOM   50   C C   . ASP A 1 7   ? -3.172  0.167   -14.197 1.00 7.17  ? 3   ASP A C   1 
ATOM   51   O O   . ASP A 1 7   ? -3.481  -1.020  -14.331 1.00 9.50  ? 3   ASP A O   1 
ATOM   52   C CB  . ASP A 1 7   ? -3.525  0.729   -16.627 1.00 9.56  ? 3   ASP A CB  1 
ATOM   53   C CG  . ASP A 1 7   ? -4.942  1.247   -16.458 1.00 10.59 ? 3   ASP A CG  1 
ATOM   54   O OD1 . ASP A 1 7   ? -5.257  1.820   -15.387 1.00 9.98  ? 3   ASP A OD1 1 
ATOM   55   O OD2 . ASP A 1 7   ? -5.742  1.080   -17.406 1.00 12.15 ? 3   ASP A OD2 1 
ATOM   56   N N   . GLN A 1 8   ? -3.263  0.824   -13.040 1.00 6.59  ? 4   GLN A N   1 
ATOM   57   C CA  . GLN A 1 8   ? -3.669  0.172   -11.799 1.00 5.25  ? 4   GLN A CA  1 
ATOM   58   C C   . GLN A 1 8   ? -5.105  0.503   -11.405 1.00 5.88  ? 4   GLN A C   1 
ATOM   59   O O   . GLN A 1 8   ? -5.579  0.076   -10.349 1.00 5.55  ? 4   GLN A O   1 
ATOM   60   C CB  . GLN A 1 8   ? -2.689  0.499   -10.666 1.00 5.76  ? 4   GLN A CB  1 
ATOM   61   C CG  . GLN A 1 8   ? -1.267  0.080   -11.014 1.00 6.15  ? 4   GLN A CG  1 
ATOM   62   C CD  . GLN A 1 8   ? -0.283  0.168   -9.867  1.00 5.75  ? 4   GLN A CD  1 
ATOM   63   O OE1 . GLN A 1 8   ? 0.834   -0.348  -9.963  1.00 6.70  ? 4   GLN A OE1 1 
ATOM   64   N NE2 . GLN A 1 8   ? -0.676  0.806   -8.791  1.00 4.77  ? 4   GLN A NE2 1 
ATOM   65   N N   . ASN A 1 9   ? -5.796  1.260   -12.259 1.00 5.45  ? 5   ASN A N   1 
ATOM   66   C CA  . ASN A 1 9   ? -7.194  1.601   -12.022 1.00 5.84  ? 5   ASN A CA  1 
ATOM   67   C C   . ASN A 1 9   ? -8.036  0.399   -11.676 1.00 5.31  ? 5   ASN A C   1 
ATOM   68   O O   . ASN A 1 9   ? -7.935  -0.644  -12.313 1.00 6.23  ? 5   ASN A O   1 
ATOM   69   C CB  . ASN A 1 9   ? -7.805  2.261   -13.255 1.00 6.47  ? 5   ASN A CB  1 
ATOM   70   C CG  . ASN A 1 9   ? -7.449  3.712   -13.370 1.00 7.47  ? 5   ASN A CG  1 
ATOM   71   O OD1 . ASN A 1 9   ? -6.595  4.098   -14.179 1.00 9.36  ? 5   ASN A OD1 1 
ATOM   72   N ND2 . ASN A 1 9   ? -8.078  4.528   -12.548 1.00 6.15  ? 5   ASN A ND2 1 
ATOM   73   N N   . GLY A 1 10  ? -8.906  0.575   -10.691 1.00 5.42  ? 6   GLY A N   1 
ATOM   74   C CA  . GLY A 1 10  ? -9.926  -0.407  -10.411 1.00 5.75  ? 6   GLY A CA  1 
ATOM   75   C C   . GLY A 1 10  ? -10.157 -0.665  -8.945  1.00 4.67  ? 6   GLY A C   1 
ATOM   76   O O   . GLY A 1 10  ? -9.656  0.059   -8.076  1.00 5.85  ? 6   GLY A O   1 
ATOM   77   N N   . THR A 1 11  ? -10.947 -1.700  -8.689  1.00 4.40  ? 7   THR A N   1 
ATOM   78   C CA  . THR A 1 11  ? -11.242 -2.170  -7.353  1.00 5.11  ? 7   THR A CA  1 
ATOM   79   C C   . THR A 1 11  ? -10.702 -3.579  -7.228  1.00 4.62  ? 7   THR A C   1 
ATOM   80   O O   . THR A 1 11  ? -10.946 -4.422  -8.096  1.00 4.90  ? 7   THR A O   1 
ATOM   81   C CB  . THR A 1 11  ? -12.750 -2.149  -7.079  1.00 4.97  ? 7   THR A CB  1 
ATOM   82   O OG1 . THR A 1 11  ? -13.212 -0.802  -7.172  1.00 5.77  ? 7   THR A OG1 1 
ATOM   83   C CG2 . THR A 1 11  ? -13.068 -2.702  -5.690  1.00 6.11  ? 7   THR A CG2 1 
ATOM   84   N N   . TRP A 1 12  ? -9.962  -3.810  -6.143  1.00 4.89  ? 8   TRP A N   1 
ATOM   85   C CA  . TRP A 1 12  ? -9.156  -4.999  -5.962  1.00 4.98  ? 8   TRP A CA  1 
ATOM   86   C C   . TRP A 1 12  ? -9.447  -5.555  -4.573  1.00 4.65  ? 8   TRP A C   1 
ATOM   87   O O   . TRP A 1 12  ? -9.489  -4.803  -3.597  1.00 5.94  ? 8   TRP A O   1 
ATOM   88   C CB  . TRP A 1 12  ? -7.674  -4.627  -6.075  1.00 5.68  ? 8   TRP A CB  1 
ATOM   89   C CG  . TRP A 1 12  ? -7.321  -3.943  -7.358  1.00 5.45  ? 8   TRP A CG  1 
ATOM   90   C CD1 . TRP A 1 12  ? -7.305  -2.596  -7.594  1.00 5.43  ? 8   TRP A CD1 1 
ATOM   91   C CD2 . TRP A 1 12  ? -6.948  -4.572  -8.587  1.00 5.57  ? 8   TRP A CD2 1 
ATOM   92   N NE1 . TRP A 1 12  ? -6.942  -2.350  -8.897  1.00 5.70  ? 8   TRP A NE1 1 
ATOM   93   C CE2 . TRP A 1 12  ? -6.708  -3.543  -9.527  1.00 5.58  ? 8   TRP A CE2 1 
ATOM   94   C CE3 . TRP A 1 12  ? -6.779  -5.903  -8.986  1.00 6.42  ? 8   TRP A CE3 1 
ATOM   95   C CZ2 . TRP A 1 12  ? -6.315  -3.804  -10.838 1.00 6.52  ? 8   TRP A CZ2 1 
ATOM   96   C CZ3 . TRP A 1 12  ? -6.397  -6.159  -10.292 1.00 6.77  ? 8   TRP A CZ3 1 
ATOM   97   C CH2 . TRP A 1 12  ? -6.164  -5.117  -11.200 1.00 6.80  ? 8   TRP A CH2 1 
ATOM   98   N N   . GLU A 1 13  ? -9.647  -6.867  -4.470  1.00 5.25  ? 9   GLU A N   1 
ATOM   99   C CA  . GLU A 1 13  ? -9.928  -7.464  -3.172  1.00 5.41  ? 9   GLU A CA  1 
ATOM   100  C C   . GLU A 1 13  ? -8.805  -8.389  -2.738  1.00 5.03  ? 9   GLU A C   1 
ATOM   101  O O   . GLU A 1 13  ? -8.374  -9.258  -3.482  1.00 5.14  ? 9   GLU A O   1 
ATOM   102  C CB  . GLU A 1 13  ? -11.254 -8.206  -3.188  1.00 8.08  ? 9   GLU A CB  1 
ATOM   103  C CG  . GLU A 1 13  ? -11.536 -8.906  -1.851  1.00 7.35  ? 9   GLU A CG  1 
ATOM   104  C CD  . GLU A 1 13  ? -12.865 -9.604  -1.805  1.00 8.64  ? 9   GLU A CD  1 
ATOM   105  O OE1 . GLU A 1 13  ? -13.888 -8.947  -2.084  1.00 9.58  ? 9   GLU A OE1 1 
ATOM   106  O OE2 . GLU A 1 13  ? -12.891 -10.814 -1.475  1.00 9.37  ? 9   GLU A OE2 1 
ATOM   107  N N   . MET A 1 14  ? -8.336  -8.196  -1.515  1.00 4.78  ? 10  MET A N   1 
ATOM   108  C CA  . MET A 1 14  ? -7.230  -8.973  -0.979  1.00 4.49  ? 10  MET A CA  1 
ATOM   109  C C   . MET A 1 14  ? -7.552  -10.454 -0.992  1.00 3.98  ? 10  MET A C   1 
ATOM   110  O O   . MET A 1 14  ? -8.603  -10.879 -0.498  1.00 5.33  ? 10  MET A O   1 
ATOM   111  C CB  . MET A 1 14  ? -6.963  -8.515  0.446   1.00 4.81  ? 10  MET A CB  1 
ATOM   112  C CG  . MET A 1 14  ? -5.904  -9.281  1.181   1.00 5.86  ? 10  MET A CG  1 
ATOM   113  S SD  . MET A 1 14  ? -5.631  -8.573  2.820   1.00 4.84  ? 10  MET A SD  1 
ATOM   114  C CE  . MET A 1 14  ? -4.491  -7.244  2.406   1.00 6.06  ? 10  MET A CE  1 
ATOM   115  N N   . GLU A 1 15  ? -6.629  -11.230 -1.551  1.00 4.45  ? 11  GLU A N   1 
ATOM   116  C CA  . GLU A 1 15  ? -6.725  -12.683 -1.523  1.00 5.52  ? 11  GLU A CA  1 
ATOM   117  C C   . GLU A 1 15  ? -5.672  -13.325 -0.640  1.00 4.33  ? 11  GLU A C   1 
ATOM   118  O O   . GLU A 1 15  ? -5.825  -14.489 -0.257  1.00 4.58  ? 11  GLU A O   1 
ATOM   119  C CB  . GLU A 1 15  ? -6.685  -13.276 -2.937  1.00 8.13  ? 11  GLU A CB  1 
ATOM   120  C CG  . GLU A 1 15  ? -5.374  -13.079 -3.661  1.00 10.22 ? 11  GLU A CG  1 
ATOM   121  C CD  . GLU A 1 15  ? -5.254  -13.915 -4.921  1.00 11.54 ? 11  GLU A CD  1 
ATOM   122  O OE1 . GLU A 1 15  ? -6.188  -13.895 -5.739  1.00 13.70 ? 11  GLU A OE1 1 
ATOM   123  O OE2 . GLU A 1 15  ? -4.205  -14.566 -5.102  1.00 12.44 ? 11  GLU A OE2 1 
ATOM   124  N N   . SER A 1 16  ? -4.607  -12.599 -0.324  1.00 4.81  ? 12  SER A N   1 
ATOM   125  C CA  . SER A 1 16  ? -3.610  -13.095 0.620   1.00 4.96  ? 12  SER A CA  1 
ATOM   126  C C   . SER A 1 16  ? -2.860  -11.933 1.235   1.00 4.52  ? 12  SER A C   1 
ATOM   127  O O   . SER A 1 16  ? -2.743  -10.856 0.641   1.00 4.83  ? 12  SER A O   1 
ATOM   128  C CB  . SER A 1 16  ? -2.643  -14.069 -0.044  1.00 5.94  ? 12  SER A CB  1 
ATOM   129  O OG  . SER A 1 16  ? -1.896  -13.420 -1.045  1.00 6.58  ? 12  SER A OG  1 
ATOM   130  N N   . ASN A 1 17  ? -2.365  -12.160 2.441   1.00 4.76  ? 13  ASN A N   1 
ATOM   131  C CA  . ASN A 1 17  ? -1.654  -11.158 3.210   1.00 5.45  ? 13  ASN A CA  1 
ATOM   132  C C   . ASN A 1 17  ? -0.701  -11.935 4.100   1.00 5.40  ? 13  ASN A C   1 
ATOM   133  O O   . ASN A 1 17  ? -1.133  -12.784 4.881   1.00 6.17  ? 13  ASN A O   1 
ATOM   134  C CB  . ASN A 1 17  ? -2.646  -10.353 4.061   1.00 5.44  ? 13  ASN A CB  1 
ATOM   135  C CG  . ASN A 1 17  ? -2.052  -9.069  4.618   1.00 4.99  ? 13  ASN A CG  1 
ATOM   136  O OD1 . ASN A 1 17  ? -0.879  -8.753  4.410   1.00 5.70  ? 13  ASN A OD1 1 
ATOM   137  N ND2 . ASN A 1 17  ? -2.879  -8.309  5.329   1.00 5.57  ? 13  ASN A ND2 1 
ATOM   138  N N   . GLU A 1 18  ? 0.592   -11.684 3.958   1.00 5.46  ? 14  GLU A N   1 
ATOM   139  C CA  . GLU A 1 18  ? 1.571   -12.440 4.713   1.00 6.19  ? 14  GLU A CA  1 
ATOM   140  C C   . GLU A 1 18  ? 2.550   -11.506 5.406   1.00 5.95  ? 14  GLU A C   1 
ATOM   141  O O   . GLU A 1 18  ? 3.088   -10.562 4.808   1.00 5.86  ? 14  GLU A O   1 
ATOM   142  C CB  . GLU A 1 18  ? 2.277   -13.477 3.828   1.00 9.75  ? 14  GLU A CB  1 
ATOM   143  C CG  . GLU A 1 18  ? 1.336   -14.548 3.212   1.00 11.56 ? 14  GLU A CG  1 
ATOM   144  C CD  . GLU A 1 18  ? 0.607   -15.431 4.241   1.00 11.80 ? 14  GLU A CD  1 
ATOM   145  O OE1 . GLU A 1 18  ? -0.515  -15.903 3.928   1.00 12.49 ? 14  GLU A OE1 1 
ATOM   146  O OE2 . GLU A 1 18  ? 1.149   -15.670 5.347   1.00 13.52 ? 14  GLU A OE2 1 
ATOM   147  N N   . ASN A 1 19  ? 2.740   -11.763 6.694   1.00 6.14  ? 15  ASN A N   1 
ATOM   148  C CA  . ASN A 1 19  ? 3.562   -10.921 7.578   1.00 6.49  ? 15  ASN A CA  1 
ATOM   149  C C   . ASN A 1 19  ? 3.091   -9.476  7.731   1.00 5.37  ? 15  ASN A C   1 
ATOM   150  O O   . ASN A 1 19  ? 3.896   -8.566  7.949   1.00 6.05  ? 15  ASN A O   1 
ATOM   151  C CB  . ASN A 1 19  ? 5.051   -10.957 7.199   1.00 6.31  ? 15  ASN A CB  1 
ATOM   152  C CG  . ASN A 1 19  ? 5.940   -10.472 8.326   1.00 6.93  ? 15  ASN A CG  1 
ATOM   153  O OD1 . ASN A 1 19  ? 5.643   -10.696 9.500   1.00 7.21  ? 15  ASN A OD1 1 
ATOM   154  N ND2 . ASN A 1 19  ? 7.022   -9.775  7.978   1.00 7.12  ? 15  ASN A ND2 1 
ATOM   155  N N   . PHE A 1 20  ? 1.783   -9.268  7.630   1.00 5.81  ? 16  PHE A N   1 
ATOM   156  C CA  . PHE A 1 20  ? 1.208   -7.977  7.987   1.00 5.79  ? 16  PHE A CA  1 
ATOM   157  C C   . PHE A 1 20  ? 1.476   -7.678  9.471   1.00 5.78  ? 16  PHE A C   1 
ATOM   158  O O   . PHE A 1 20  ? 1.700   -6.534  9.840   1.00 6.34  ? 16  PHE A O   1 
ATOM   159  C CB  . PHE A 1 20  ? -0.286  -7.997  7.679   1.00 5.93  ? 16  PHE A CB  1 
ATOM   160  C CG  . PHE A 1 20  ? -0.972  -6.654  7.761   1.00 5.96  ? 16  PHE A CG  1 
ATOM   161  C CD1 . PHE A 1 20  ? -0.349  -5.492  7.333   1.00 6.88  ? 16  PHE A CD1 1 
ATOM   162  C CD2 . PHE A 1 20  ? -2.282  -6.574  8.221   1.00 6.04  ? 16  PHE A CD2 1 
ATOM   163  C CE1 . PHE A 1 20  ? -1.008  -4.268  7.397   1.00 8.04  ? 16  PHE A CE1 1 
ATOM   164  C CE2 . PHE A 1 20  ? -2.944  -5.356  8.280   1.00 7.29  ? 16  PHE A CE2 1 
ATOM   165  C CZ  . PHE A 1 20  ? -2.305  -4.206  7.871   1.00 7.68  ? 16  PHE A CZ  1 
ATOM   166  N N   . GLU A 1 21  ? 1.490   -8.722  10.306  1.00 6.62  ? 17  GLU A N   1 
ATOM   167  C CA  . GLU A 1 21  ? 1.802   -8.568  11.732  1.00 7.68  ? 17  GLU A CA  1 
ATOM   168  C C   . GLU A 1 21  ? 3.201   -8.000  11.954  1.00 7.27  ? 17  GLU A C   1 
ATOM   169  O O   . GLU A 1 21  ? 3.377   -7.073  12.748  1.00 6.79  ? 17  GLU A O   1 
ATOM   170  C CB  . GLU A 1 21  ? 1.653   -9.913  12.465  1.00 12.16 ? 17  GLU A CB  1 
ATOM   171  C CG  . GLU A 1 21  ? 1.963   -9.886  13.975  1.00 15.32 ? 17  GLU A CG  1 
ATOM   172  C CD  . GLU A 1 21  ? 0.712   -9.954  14.852  1.00 16.94 ? 17  GLU A CD  1 
ATOM   173  O OE1 . GLU A 1 21  ? -0.307  -10.524 14.407  1.00 18.72 ? 17  GLU A OE1 1 
ATOM   174  O OE2 . GLU A 1 21  ? 0.757   -9.465  16.005  1.00 17.57 ? 17  GLU A OE2 1 
ATOM   175  N N   . GLY A 1 22  ? 4.188   -8.545  11.251  1.00 6.76  ? 18  GLY A N   1 
ATOM   176  C CA  . GLY A 1 22  ? 5.559   -8.074  11.389  1.00 7.37  ? 18  GLY A CA  1 
ATOM   177  C C   . GLY A 1 22  ? 5.720   -6.631  10.949  1.00 6.22  ? 18  GLY A C   1 
ATOM   178  O O   . GLY A 1 22  ? 6.401   -5.839  11.607  1.00 6.43  ? 18  GLY A O   1 
ATOM   179  N N   . TYR A 1 23  ? 5.098   -6.288  9.824   1.00 5.97  ? 19  TYR A N   1 
ATOM   180  C CA  . TYR A 1 23  ? 5.103   -4.920  9.337   1.00 5.39  ? 19  TYR A CA  1 
ATOM   181  C C   . TYR A 1 23  ? 4.483   -3.983  10.375  1.00 5.67  ? 19  TYR A C   1 
ATOM   182  O O   . TYR A 1 23  ? 5.060   -2.952  10.715  1.00 6.38  ? 19  TYR A O   1 
ATOM   183  C CB  . TYR A 1 23  ? 4.351   -4.862  8.009   1.00 6.16  ? 19  TYR A CB  1 
ATOM   184  C CG  . TYR A 1 23  ? 4.122   -3.478  7.465   1.00 5.72  ? 19  TYR A CG  1 
ATOM   185  C CD1 . TYR A 1 23  ? 5.155   -2.761  6.853   1.00 5.90  ? 19  TYR A CD1 1 
ATOM   186  C CD2 . TYR A 1 23  ? 2.863   -2.895  7.529   1.00 5.89  ? 19  TYR A CD2 1 
ATOM   187  C CE1 . TYR A 1 23  ? 4.933   -1.499  6.329   1.00 6.13  ? 19  TYR A CE1 1 
ATOM   188  C CE2 . TYR A 1 23  ? 2.636   -1.635  7.018   1.00 6.27  ? 19  TYR A CE2 1 
ATOM   189  C CZ  . TYR A 1 23  ? 3.668   -0.943  6.412   1.00 6.13  ? 19  TYR A CZ  1 
ATOM   190  O OH  . TYR A 1 23  ? 3.396   0.306   5.905   1.00 6.45  ? 19  TYR A OH  1 
ATOM   191  N N   . MET A 1 24  ? 3.310   -4.347  10.884  1.00 5.88  ? 20  MET A N   1 
ATOM   192  C CA  . MET A 1 24  ? 2.654   -3.516  11.893  1.00 6.42  ? 20  MET A CA  1 
ATOM   193  C C   . MET A 1 24  ? 3.496   -3.375  13.162  1.00 5.88  ? 20  MET A C   1 
ATOM   194  O O   . MET A 1 24  ? 3.582   -2.293  13.737  1.00 6.92  ? 20  MET A O   1 
ATOM   195  C CB  . MET A 1 24  ? 1.265   -4.061  12.237  1.00 5.80  ? 20  MET A CB  1 
ATOM   196  C CG  . MET A 1 24  ? 0.208   -3.847  11.155  1.00 6.81  ? 20  MET A CG  1 
ATOM   197  S SD  . MET A 1 24  ? -1.453  -4.188  11.762  1.00 7.58  ? 20  MET A SD  1 
ATOM   198  C CE  . MET A 1 24  ? -1.430  -5.996  11.757  1.00 8.69  ? 20  MET A CE  1 
ATOM   199  N N   . LYS A 1 25  ? 4.109   -4.471  13.600  1.00 7.34  ? 21  LYS A N   1 
ATOM   200  C CA  . LYS A 1 25  ? 4.969   -4.412  14.773  1.00 7.76  ? 21  LYS A CA  1 
ATOM   201  C C   . LYS A 1 25  ? 6.166   -3.484  14.563  1.00 7.83  ? 21  LYS A C   1 
ATOM   202  O O   . LYS A 1 25  ? 6.544   -2.746  15.473  1.00 8.10  ? 21  LYS A O   1 
ATOM   203  C CB  . LYS A 1 25  ? 5.433   -5.807  15.206  1.00 10.68 ? 21  LYS A CB  1 
ATOM   204  C CG  . LYS A 1 25  ? 6.032   -5.823  16.613  1.00 13.98 ? 21  LYS A CG  1 
ATOM   205  C CD  . LYS A 1 25  ? 5.971   -7.195  17.259  1.00 16.57 ? 21  LYS A CD  1 
ATOM   206  C CE  . LYS A 1 25  ? 6.375   -7.120  18.730  1.00 18.17 ? 21  LYS A CE  1 
ATOM   207  N NZ  . LYS A 1 25  ? 6.331   -8.445  19.411  1.00 19.62 ? 21  LYS A NZ  1 
ATOM   208  N N   . ALA A 1 26  ? 6.741   -3.507  13.362  1.00 6.83  ? 22  ALA A N   1 
ATOM   209  C CA  . ALA A 1 26  ? 7.872   -2.641  13.030  1.00 7.83  ? 22  ALA A CA  1 
ATOM   210  C C   . ALA A 1 26  ? 7.480   -1.164  13.109  1.00 7.68  ? 22  ALA A C   1 
ATOM   211  O O   . ALA A 1 26  ? 8.319   -0.305  13.386  1.00 9.38  ? 22  ALA A O   1 
ATOM   212  C CB  . ALA A 1 26  ? 8.423   -2.976  11.656  1.00 7.28  ? 22  ALA A CB  1 
ATOM   213  N N   . LEU A 1 27  ? 6.194   -0.884  12.897  1.00 7.48  ? 23  LEU A N   1 
ATOM   214  C CA  . LEU A 1 27  ? 5.657   0.469   12.969  1.00 7.25  ? 23  LEU A CA  1 
ATOM   215  C C   . LEU A 1 27  ? 5.224   0.844   14.381  1.00 7.45  ? 23  LEU A C   1 
ATOM   216  O O   . LEU A 1 27  ? 4.711   1.939   14.597  1.00 7.98  ? 23  LEU A O   1 
ATOM   217  C CB  . LEU A 1 27  ? 4.468   0.610   12.020  1.00 7.26  ? 23  LEU A CB  1 
ATOM   218  C CG  . LEU A 1 27  ? 4.786   0.611   10.527  1.00 7.83  ? 23  LEU A CG  1 
ATOM   219  C CD1 . LEU A 1 27  ? 3.503   0.687   9.720   1.00 9.03  ? 23  LEU A CD1 1 
ATOM   220  C CD2 . LEU A 1 27  ? 5.697   1.782   10.177  1.00 9.66  ? 23  LEU A CD2 1 
ATOM   221  N N   . ASP A 1 28  ? 5.422   -0.069  15.333  1.00 8.38  ? 24  ASP A N   1 
ATOM   222  C CA  . ASP A 1 28  ? 5.015   0.124   16.738  1.00 9.63  ? 24  ASP A CA  1 
ATOM   223  C C   . ASP A 1 28  ? 3.506   0.193   16.930  1.00 10.01 ? 24  ASP A C   1 
ATOM   224  O O   . ASP A 1 28  ? 3.025   0.779   17.901  1.00 11.80 ? 24  ASP A O   1 
ATOM   225  C CB  . ASP A 1 28  ? 5.677   1.367   17.348  1.00 11.10 ? 24  ASP A CB  1 
ATOM   226  C CG  . ASP A 1 28  ? 7.172   1.354   17.195  1.00 12.25 ? 24  ASP A CG  1 
ATOM   227  O OD1 . ASP A 1 28  ? 7.796   0.364   17.617  1.00 13.40 ? 24  ASP A OD1 1 
ATOM   228  O OD2 . ASP A 1 28  ? 7.719   2.322   16.642  1.00 13.12 ? 24  ASP A OD2 1 
ATOM   229  N N   . ILE A 1 29  ? 2.758   -0.400  16.007  1.00 9.30  ? 25  ILE A N   1 
ATOM   230  C CA  . ILE A 1 29  ? 1.315   -0.514  16.165  1.00 9.44  ? 25  ILE A CA  1 
ATOM   231  C C   . ILE A 1 29  ? 1.024   -1.452  17.325  1.00 9.01  ? 25  ILE A C   1 
ATOM   232  O O   . ILE A 1 29  ? 1.647   -2.501  17.455  1.00 8.69  ? 25  ILE A O   1 
ATOM   233  C CB  . ILE A 1 29  ? 0.642   -0.969  14.854  1.00 10.45 ? 25  ILE A CB  1 
ATOM   234  C CG1 . ILE A 1 29  ? 0.755   0.164   13.824  1.00 12.84 ? 25  ILE A CG1 1 
ATOM   235  C CG2 . ILE A 1 29  ? -0.824  -1.334  15.084  1.00 9.37  ? 25  ILE A CG2 1 
ATOM   236  C CD1 . ILE A 1 29  ? 0.505   -0.243  12.407  1.00 14.41 ? 25  ILE A CD1 1 
ATOM   237  N N   . ASP A 1 30  ? 0.102   -1.046  18.190  1.00 8.72  ? 26  ASP A N   1 
ATOM   238  C CA  . ASP A 1 30  ? -0.136  -1.752  19.440  1.00 10.07 ? 26  ASP A CA  1 
ATOM   239  C C   . ASP A 1 30  ? -0.726  -3.147  19.229  1.00 8.12  ? 26  ASP A C   1 
ATOM   240  O O   . ASP A 1 30  ? -1.368  -3.420  18.209  1.00 8.89  ? 26  ASP A O   1 
ATOM   241  C CB  . ASP A 1 30  ? -1.062  -0.931  20.334  1.00 12.98 ? 26  ASP A CB  1 
ATOM   242  C CG  . ASP A 1 30  ? -2.439  -0.757  19.727  1.00 14.28 ? 26  ASP A CG  1 
ATOM   243  O OD1 . ASP A 1 30  ? -2.610  0.139   18.870  1.00 16.14 ? 26  ASP A OD1 1 
ATOM   244  O OD2 . ASP A 1 30  ? -3.345  -1.529  20.084  1.00 15.84 ? 26  ASP A OD2 1 
ATOM   245  N N   . PHE A 1 31  ? -0.520  -4.009  20.218  1.00 9.43  ? 27  PHE A N   1 
ATOM   246  C CA  . PHE A 1 31  ? -0.935  -5.399  20.168  1.00 8.60  ? 27  PHE A CA  1 
ATOM   247  C C   . PHE A 1 31  ? -2.418  -5.549  19.816  1.00 8.15  ? 27  PHE A C   1 
ATOM   248  O O   . PHE A 1 31  ? -2.773  -6.346  18.947  1.00 7.54  ? 27  PHE A O   1 
ATOM   249  C CB  . PHE A 1 31  ? -0.615  -6.075  21.506  1.00 10.36 ? 27  PHE A CB  1 
ATOM   250  C CG  . PHE A 1 31  ? -1.024  -7.515  21.576  1.00 11.03 ? 27  PHE A CG  1 
ATOM   251  C CD1 . PHE A 1 31  ? -0.102  -8.525  21.326  1.00 12.05 ? 27  PHE A CD1 1 
ATOM   252  C CD2 . PHE A 1 31  ? -2.326  -7.864  21.901  1.00 11.58 ? 27  PHE A CD2 1 
ATOM   253  C CE1 . PHE A 1 31  ? -0.478  -9.858  21.398  1.00 12.65 ? 27  PHE A CE1 1 
ATOM   254  C CE2 . PHE A 1 31  ? -2.707  -9.196  21.981  1.00 12.14 ? 27  PHE A CE2 1 
ATOM   255  C CZ  . PHE A 1 31  ? -1.782  -10.191 21.721  1.00 12.55 ? 27  PHE A CZ  1 
ATOM   256  N N   . ALA A 1 32  ? -3.281  -4.792  20.490  1.00 7.33  ? 28  ALA A N   1 
ATOM   257  C CA  . ALA A 1 32  ? -4.716  -4.938  20.297  1.00 7.50  ? 28  ALA A CA  1 
ATOM   258  C C   . ALA A 1 32  ? -5.132  -4.597  18.870  1.00 6.27  ? 28  ALA A C   1 
ATOM   259  O O   . ALA A 1 32  ? -5.974  -5.281  18.277  1.00 6.44  ? 28  ALA A O   1 
ATOM   260  C CB  . ALA A 1 32  ? -5.471  -4.083  21.301  1.00 8.59  ? 28  ALA A CB  1 
ATOM   261  N N   . THR A 1 33  ? -4.533  -3.541  18.325  1.00 6.60  ? 29  THR A N   1 
ATOM   262  C CA  . THR A 1 33  ? -4.814  -3.126  16.953  1.00 6.16  ? 29  THR A CA  1 
ATOM   263  C C   . THR A 1 33  ? -4.351  -4.200  15.972  1.00 5.88  ? 29  THR A C   1 
ATOM   264  O O   . THR A 1 33  ? -5.069  -4.559  15.042  1.00 5.60  ? 29  THR A O   1 
ATOM   265  C CB  . THR A 1 33  ? -4.136  -1.792  16.628  1.00 6.66  ? 29  THR A CB  1 
ATOM   266  O OG1 . THR A 1 33  ? -4.708  -0.765  17.446  1.00 8.14  ? 29  THR A OG1 1 
ATOM   267  C CG2 . THR A 1 33  ? -4.316  -1.417  15.175  1.00 7.76  ? 29  THR A CG2 1 
ATOM   268  N N   . ARG A 1 34  ? -3.156  -4.736  16.202  1.00 5.98  ? 30  ARG A N   1 
ATOM   269  C CA  . ARG A 1 34  ? -2.635  -5.783  15.331  1.00 5.48  ? 30  ARG A CA  1 
ATOM   270  C C   . ARG A 1 34  ? -3.553  -6.993  15.312  1.00 5.58  ? 30  ARG A C   1 
ATOM   271  O O   . ARG A 1 34  ? -3.829  -7.547  14.251  1.00 6.38  ? 30  ARG A O   1 
ATOM   272  C CB  . ARG A 1 34  ? -1.224  -6.203  15.742  1.00 6.79  ? 30  ARG A CB  1 
ATOM   273  C CG  . ARG A 1 34  ? -0.198  -5.100  15.671  1.00 7.19  ? 30  ARG A CG  1 
ATOM   274  C CD  . ARG A 1 34  ? 1.236   -5.621  15.641  1.00 8.89  ? 30  ARG A CD  1 
ATOM   275  N NE  . ARG A 1 34  ? 1.522   -6.627  16.665  1.00 10.81 ? 30  ARG A NE  1 
ATOM   276  C CZ  . ARG A 1 34  ? 1.957   -6.354  17.893  1.00 11.02 ? 30  ARG A CZ  1 
ATOM   277  N NH1 . ARG A 1 34  ? 2.150   -5.098  18.279  1.00 12.11 ? 30  ARG A NH1 1 
ATOM   278  N NH2 . ARG A 1 34  ? 2.205   -7.346  18.740  1.00 12.23 ? 30  ARG A NH2 1 
ATOM   279  N N   . LYS A 1 35  ? -4.050  -7.395  16.480  1.00 6.11  ? 31  LYS A N   1 
ATOM   280  C CA  . LYS A 1 35  ? -4.902  -8.580  16.564  1.00 7.33  ? 31  LYS A CA  1 
ATOM   281  C C   . LYS A 1 35  ? -6.210  -8.393  15.813  1.00 6.93  ? 31  LYS A C   1 
ATOM   282  O O   . LYS A 1 35  ? -6.719  -9.322  15.189  1.00 7.62  ? 31  LYS A O   1 
ATOM   283  C CB  . LYS A 1 35  ? -5.205  -8.951  18.020  1.00 10.17 ? 31  LYS A CB  1 
ATOM   284  C CG  . LYS A 1 35  ? -4.008  -9.318  18.879  1.00 14.07 ? 31  LYS A CG  1 
ATOM   285  C CD  . LYS A 1 35  ? -3.328  -10.604 18.439  1.00 15.79 ? 31  LYS A CD  1 
ATOM   286  C CE  . LYS A 1 35  ? -2.083  -10.304 17.624  1.00 16.25 ? 31  LYS A CE  1 
ATOM   287  N NZ  . LYS A 1 35  ? -1.377  -9.098  18.149  1.00 15.52 ? 31  LYS A NZ  1 
ATOM   288  N N   . ILE A 1 36  ? -6.763  -7.191  15.892  1.00 5.94  ? 32  ILE A N   1 
ATOM   289  C CA  . ILE A 1 36  ? -8.008  -6.886  15.206  1.00 5.76  ? 32  ILE A CA  1 
ATOM   290  C C   . ILE A 1 36  ? -7.798  -6.890  13.695  1.00 5.23  ? 32  ILE A C   1 
ATOM   291  O O   . ILE A 1 36  ? -8.578  -7.490  12.954  1.00 6.26  ? 32  ILE A O   1 
ATOM   292  C CB  . ILE A 1 36  ? -8.573  -5.524  15.660  1.00 6.25  ? 32  ILE A CB  1 
ATOM   293  C CG1 . ILE A 1 36  ? -9.050  -5.618  17.112  1.00 6.73  ? 32  ILE A CG1 1 
ATOM   294  C CG2 . ILE A 1 36  ? -9.703  -5.062  14.739  1.00 6.65  ? 32  ILE A CG2 1 
ATOM   295  C CD1 . ILE A 1 36  ? -9.240  -4.275  17.784  1.00 8.09  ? 32  ILE A CD1 1 
ATOM   296  N N   . ALA A 1 37  ? -6.736  -6.230  13.253  1.00 5.33  ? 33  ALA A N   1 
ATOM   297  C CA  . ALA A 1 37  ? -6.542  -5.940  11.837  1.00 4.52  ? 33  ALA A CA  1 
ATOM   298  C C   . ALA A 1 37  ? -5.935  -7.080  11.043  1.00 4.09  ? 33  ALA A C   1 
ATOM   299  O O   . ALA A 1 37  ? -6.114  -7.146  9.827   1.00 5.19  ? 33  ALA A O   1 
ATOM   300  C CB  . ALA A 1 37  ? -5.671  -4.717  11.679  1.00 6.09  ? 33  ALA A CB  1 
ATOM   301  N N   . VAL A 1 38  ? -5.156  -7.937  11.694  1.00 4.83  ? 34  VAL A N   1 
ATOM   302  C CA  . VAL A 1 38  ? -4.234  -8.788  10.948  1.00 5.43  ? 34  VAL A CA  1 
ATOM   303  C C   . VAL A 1 38  ? -4.876  -9.623  9.846   1.00 5.72  ? 34  VAL A C   1 
ATOM   304  O O   . VAL A 1 38  ? -4.328  -9.705  8.742   1.00 6.72  ? 34  VAL A O   1 
ATOM   305  C CB  . VAL A 1 38  ? -3.335  -9.643  11.876  1.00 6.13  ? 34  VAL A CB  1 
ATOM   306  C CG1 . VAL A 1 38  ? -4.152  -10.559 12.774  1.00 6.93  ? 34  VAL A CG1 1 
ATOM   307  C CG2 . VAL A 1 38  ? -2.309  -10.427 11.063  1.00 7.13  ? 34  VAL A CG2 1 
ATOM   308  N N   . ARG A 1 39  ? -6.039  -10.210 10.118  1.00 4.97  ? 35  ARG A N   1 
ATOM   309  C CA  . ARG A 1 39  ? -6.652  -11.106 9.138   1.00 5.94  ? 35  ARG A CA  1 
ATOM   310  C C   . ARG A 1 39  ? -8.002  -10.622 8.602   1.00 5.51  ? 35  ARG A C   1 
ATOM   311  O O   . ARG A 1 39  ? -8.804  -11.416 8.101   1.00 7.53  ? 35  ARG A O   1 
ATOM   312  C CB  . ARG A 1 39  ? -6.697  -12.550 9.663   1.00 6.92  ? 35  ARG A CB  1 
ATOM   313  C CG  . ARG A 1 39  ? -5.305  -13.130 9.875   1.00 7.84  ? 35  ARG A CG  1 
ATOM   314  C CD  . ARG A 1 39  ? -5.308  -14.581 10.317  1.00 8.89  ? 35  ARG A CD  1 
ATOM   315  N NE  . ARG A 1 39  ? -3.950  -15.057 10.584  1.00 10.98 ? 35  ARG A NE  1 
ATOM   316  C CZ  . ARG A 1 39  ? -3.376  -15.044 11.781  1.00 12.99 ? 35  ARG A CZ  1 
ATOM   317  N NH1 . ARG A 1 39  ? -2.137  -15.502 11.924  1.00 13.87 ? 35  ARG A NH1 1 
ATOM   318  N NH2 . ARG A 1 39  ? -4.036  -14.574 12.831  1.00 14.46 ? 35  ARG A NH2 1 
ATOM   319  N N   . LEU A 1 40  ? -8.242  -9.312  8.662   1.00 4.65  ? 36  LEU A N   1 
ATOM   320  C CA  . LEU A 1 40  ? -9.412  -8.733  8.007   1.00 4.76  ? 36  LEU A CA  1 
ATOM   321  C C   . LEU A 1 40  ? -9.109  -8.420  6.551   1.00 4.39  ? 36  LEU A C   1 
ATOM   322  O O   . LEU A 1 40  ? -8.117  -7.760  6.230   1.00 4.78  ? 36  LEU A O   1 
ATOM   323  C CB  . LEU A 1 40  ? -9.886  -7.463  8.723   1.00 5.26  ? 36  LEU A CB  1 
ATOM   324  C CG  . LEU A 1 40  ? -10.533 -7.665  10.096  1.00 4.99  ? 36  LEU A CG  1 
ATOM   325  C CD1 . LEU A 1 40  ? -10.804 -6.314  10.740  1.00 5.55  ? 36  LEU A CD1 1 
ATOM   326  C CD2 . LEU A 1 40  ? -11.821 -8.504  10.014  1.00 6.65  ? 36  LEU A CD2 1 
ATOM   327  N N   . THR A 1 41  ? -9.968  -8.895  5.668   1.00 4.49  ? 37  THR A N   1 
ATOM   328  C CA  . THR A 1 41  ? -9.810  -8.677  4.241   1.00 4.86  ? 37  THR A CA  1 
ATOM   329  C C   . THR A 1 41  ? -9.870  -7.203  3.883   1.00 5.02  ? 37  THR A C   1 
ATOM   330  O O   . THR A 1 41  ? -10.761 -6.479  4.337   1.00 6.11  ? 37  THR A O   1 
ATOM   331  C CB  . THR A 1 41  ? -10.901 -9.425  3.492   1.00 5.09  ? 37  THR A CB  1 
ATOM   332  O OG1 . THR A 1 41  ? -10.881 -10.782 3.934   1.00 6.56  ? 37  THR A OG1 1 
ATOM   333  C CG2 . THR A 1 41  ? -10.679 -9.376  1.984   1.00 6.46  ? 37  THR A CG2 1 
ATOM   334  N N   . GLN A 1 42  ? -8.919  -6.754  3.072   1.00 5.09  ? 38  GLN A N   1 
ATOM   335  C CA  . GLN A 1 42  ? -8.913  -5.375  2.601   1.00 5.46  ? 38  GLN A CA  1 
ATOM   336  C C   . GLN A 1 42  ? -9.364  -5.271  1.155   1.00 5.86  ? 38  GLN A C   1 
ATOM   337  O O   . GLN A 1 42  ? -9.133  -6.179  0.351   1.00 5.65  ? 38  GLN A O   1 
ATOM   338  C CB  . GLN A 1 42  ? -7.529  -4.771  2.748   1.00 6.29  ? 38  GLN A CB  1 
ATOM   339  C CG  . GLN A 1 42  ? -7.049  -4.752  4.188   1.00 6.79  ? 38  GLN A CG  1 
ATOM   340  C CD  . GLN A 1 42  ? -5.613  -4.304  4.325   1.00 6.58  ? 38  GLN A CD  1 
ATOM   341  O OE1 . GLN A 1 42  ? -5.055  -3.685  3.411   1.00 7.90  ? 38  GLN A OE1 1 
ATOM   342  N NE2 . GLN A 1 42  ? -5.002  -4.608  5.466   1.00 7.63  ? 38  GLN A NE2 1 
ATOM   343  N N   . THR A 1 43  ? -10.019 -4.159  0.840   1.00 5.68  ? 39  THR A N   1 
ATOM   344  C CA  . THR A 1 43  ? -10.368 -3.818  -0.527  1.00 6.44  ? 39  THR A CA  1 
ATOM   345  C C   . THR A 1 43  ? -9.648  -2.537  -0.894  1.00 6.24  ? 39  THR A C   1 
ATOM   346  O O   . THR A 1 43  ? -9.596  -1.602  -0.098  1.00 8.63  ? 39  THR A O   1 
ATOM   347  C CB  . THR A 1 43  ? -11.886 -3.648  -0.668  1.00 7.05  ? 39  THR A CB  1 
ATOM   348  O OG1 . THR A 1 43  ? -12.520 -4.906  -0.402  1.00 8.09  ? 39  THR A OG1 1 
ATOM   349  C CG2 . THR A 1 43  ? -12.267 -3.177  -2.070  1.00 7.39  ? 39  THR A CG2 1 
ATOM   350  N N   . LYS A 1 44  ? -9.064  -2.503  -2.085  1.00 5.98  ? 40  LYS A N   1 
ATOM   351  C CA  . LYS A 1 44  ? -8.316  -1.350  -2.522  1.00 6.26  ? 40  LYS A CA  1 
ATOM   352  C C   . LYS A 1 44  ? -8.936  -0.790  -3.782  1.00 6.12  ? 40  LYS A C   1 
ATOM   353  O O   . LYS A 1 44  ? -9.128  -1.513  -4.767  1.00 6.34  ? 40  LYS A O   1 
ATOM   354  C CB  . LYS A 1 44  ? -6.864  -1.731  -2.767  1.00 7.09  ? 40  LYS A CB  1 
ATOM   355  C CG  . LYS A 1 44  ? -5.964  -0.529  -2.981  1.00 8.12  ? 40  LYS A CG  1 
ATOM   356  C CD  . LYS A 1 44  ? -4.512  -0.936  -3.222  1.00 9.03  ? 40  LYS A CD  1 
ATOM   357  C CE  . LYS A 1 44  ? -3.902  -1.717  -2.054  1.00 9.38  ? 40  LYS A CE  1 
ATOM   358  N NZ  . LYS A 1 44  ? -3.598  -0.856  -0.872  1.00 9.27  ? 40  LYS A NZ  1 
ATOM   359  N N   . VAL A 1 45  ? -9.252  0.500   -3.731  1.00 5.69  ? 41  VAL A N   1 
ATOM   360  C CA  . VAL A 1 45  ? -9.797  1.222   -4.877  1.00 6.28  ? 41  VAL A CA  1 
ATOM   361  C C   . VAL A 1 45  ? -8.761  2.234   -5.340  1.00 5.85  ? 41  VAL A C   1 
ATOM   362  O O   . VAL A 1 45  ? -8.323  3.088   -4.561  1.00 7.59  ? 41  VAL A O   1 
ATOM   363  C CB  . VAL A 1 45  ? -11.116 1.942   -4.516  1.00 7.16  ? 41  VAL A CB  1 
ATOM   364  C CG1 . VAL A 1 45  ? -11.665 2.716   -5.715  1.00 8.68  ? 41  VAL A CG1 1 
ATOM   365  C CG2 . VAL A 1 45  ? -12.147 0.938   -4.022  1.00 8.78  ? 41  VAL A CG2 1 
ATOM   366  N N   . ILE A 1 46  ? -8.362  2.114   -6.604  1.00 6.40  ? 42  ILE A N   1 
ATOM   367  C CA  . ILE A 1 46  ? -7.362  2.984   -7.202  1.00 6.05  ? 42  ILE A CA  1 
ATOM   368  C C   . ILE A 1 46  ? -7.992  3.771   -8.336  1.00 6.38  ? 42  ILE A C   1 
ATOM   369  O O   . ILE A 1 46  ? -8.562  3.198   -9.269  1.00 5.66  ? 42  ILE A O   1 
ATOM   370  C CB  . ILE A 1 46  ? -6.170  2.176   -7.737  1.00 6.94  ? 42  ILE A CB  1 
ATOM   371  C CG1 . ILE A 1 46  ? -5.471  1.457   -6.584  1.00 8.03  ? 42  ILE A CG1 1 
ATOM   372  C CG2 . ILE A 1 46  ? -5.184  3.085   -8.468  1.00 6.61  ? 42  ILE A CG2 1 
ATOM   373  C CD1 . ILE A 1 46  ? -4.405  0.508   -7.015  1.00 8.73  ? 42  ILE A CD1 1 
ATOM   374  N N   . ASP A 1 47  ? -7.895  5.093   -8.229  1.00 7.00  ? 43  ASP A N   1 
ATOM   375  C CA  . ASP A 1 47  ? -8.336  6.012   -9.262  1.00 9.31  ? 43  ASP A CA  1 
ATOM   376  C C   . ASP A 1 47  ? -7.088  6.725   -9.751  1.00 9.12  ? 43  ASP A C   1 
ATOM   377  O O   . ASP A 1 47  ? -6.499  7.528   -9.022  1.00 10.66 ? 43  ASP A O   1 
ATOM   378  C CB  . ASP A 1 47  ? -9.345  7.009   -8.676  1.00 12.74 ? 43  ASP A CB  1 
ATOM   379  C CG  . ASP A 1 47  ? -9.995  7.890   -9.734  1.00 15.37 ? 43  ASP A CG  1 
ATOM   380  O OD1 . ASP A 1 47  ? -10.664 8.870   -9.344  1.00 17.67 ? 43  ASP A OD1 1 
ATOM   381  O OD2 . ASP A 1 47  ? -9.862  7.601   -10.941 1.00 17.05 ? 43  ASP A OD2 1 
ATOM   382  N N   . GLN A 1 48  ? -6.664  6.389   -10.964 1.00 8.65  ? 44  GLN A N   1 
ATOM   383  C CA  . GLN A 1 48  ? -5.386  6.814   -11.501 1.00 9.44  ? 44  GLN A CA  1 
ATOM   384  C C   . GLN A 1 48  ? -5.605  7.555   -12.817 1.00 9.87  ? 44  GLN A C   1 
ATOM   385  O O   . GLN A 1 48  ? -6.163  7.008   -13.779 1.00 9.40  ? 44  GLN A O   1 
ATOM   386  C CB  . GLN A 1 48  ? -4.480  5.596   -11.696 1.00 8.67  ? 44  GLN A CB  1 
ATOM   387  C CG  . GLN A 1 48  ? -3.189  5.844   -12.461 1.00 9.68  ? 44  GLN A CG  1 
ATOM   388  C CD  . GLN A 1 48  ? -2.483  4.548   -12.779 1.00 9.65  ? 44  GLN A CD  1 
ATOM   389  O OE1 . GLN A 1 48  ? -2.915  3.483   -12.346 1.00 10.38 ? 44  GLN A OE1 1 
ATOM   390  N NE2 . GLN A 1 48  ? -1.396  4.625   -13.537 1.00 10.99 ? 44  GLN A NE2 1 
ATOM   391  N N   . ASP A 1 49  ? -5.178  8.812   -12.839 1.00 10.84 ? 45  ASP A N   1 
ATOM   392  C CA  . ASP A 1 49  ? -5.311  9.667   -14.008 1.00 13.63 ? 45  ASP A CA  1 
ATOM   393  C C   . ASP A 1 49  ? -3.930  10.229  -14.312 1.00 14.32 ? 45  ASP A C   1 
ATOM   394  O O   . ASP A 1 49  ? -3.473  11.168  -13.653 1.00 13.64 ? 45  ASP A O   1 
ATOM   395  C CB  . ASP A 1 49  ? -6.312  10.791  -13.727 1.00 16.82 ? 45  ASP A CB  1 
ATOM   396  C CG  . ASP A 1 49  ? -6.648  11.601  -14.965 1.00 18.21 ? 45  ASP A CG  1 
ATOM   397  O OD1 . ASP A 1 49  ? -7.259  11.040  -15.900 1.00 20.04 ? 45  ASP A OD1 1 
ATOM   398  O OD2 . ASP A 1 49  ? -6.305  12.802  -14.994 1.00 19.06 ? 45  ASP A OD2 1 
ATOM   399  N N   . GLY A 1 50  ? -3.243  9.620   -15.271 1.00 15.03 ? 46  GLY A N   1 
ATOM   400  C CA  . GLY A 1 50  ? -1.848  9.946   -15.528 1.00 15.40 ? 46  GLY A CA  1 
ATOM   401  C C   . GLY A 1 50  ? -1.021  9.729   -14.273 1.00 14.75 ? 46  GLY A C   1 
ATOM   402  O O   . GLY A 1 50  ? -0.976  8.619   -13.734 1.00 16.72 ? 46  GLY A O   1 
ATOM   403  N N   . ASP A 1 51  ? -0.398  10.800  -13.786 1.00 14.09 ? 47  ASP A N   1 
ATOM   404  C CA  . ASP A 1 51  ? 0.458   10.728  -12.600 1.00 12.31 ? 47  ASP A CA  1 
ATOM   405  C C   . ASP A 1 51  ? -0.299  10.892  -11.291 1.00 10.85 ? 47  ASP A C   1 
ATOM   406  O O   . ASP A 1 51  ? 0.281   10.724  -10.215 1.00 9.91  ? 47  ASP A O   1 
ATOM   407  C CB  . ASP A 1 51  ? 1.574   11.773  -12.682 1.00 13.55 ? 47  ASP A CB  1 
ATOM   408  C CG  . ASP A 1 51  ? 2.633   11.410  -13.695 1.00 14.75 ? 47  ASP A CG  1 
ATOM   409  O OD1 . ASP A 1 51  ? 3.147   12.332  -14.367 1.00 15.76 ? 47  ASP A OD1 1 
ATOM   410  O OD2 . ASP A 1 51  ? 2.950   10.206  -13.827 1.00 14.45 ? 47  ASP A OD2 1 
ATOM   411  N N   . ASN A 1 52  ? -1.582  11.219  -11.380 1.00 9.44  ? 48  ASN A N   1 
ATOM   412  C CA  . ASN A 1 52  ? -2.386  11.491  -10.197 1.00 10.06 ? 48  ASN A CA  1 
ATOM   413  C C   . ASN A 1 52  ? -3.139  10.262  -9.723  1.00 8.83  ? 48  ASN A C   1 
ATOM   414  O O   . ASN A 1 52  ? -3.959  9.699   -10.456 1.00 9.15  ? 48  ASN A O   1 
ATOM   415  C CB  . ASN A 1 52  ? -3.359  12.646  -10.455 1.00 12.37 ? 48  ASN A CB  1 
ATOM   416  C CG  . ASN A 1 52  ? -2.662  13.891  -10.967 1.00 13.72 ? 48  ASN A CG  1 
ATOM   417  O OD1 . ASN A 1 52  ? -2.987  14.401  -12.038 1.00 15.96 ? 48  ASN A OD1 1 
ATOM   418  N ND2 . ASN A 1 52  ? -1.678  14.365  -10.221 1.00 13.39 ? 48  ASN A ND2 1 
ATOM   419  N N   . PHE A 1 53  ? -2.849  9.859   -8.489  1.00 7.63  ? 49  PHE A N   1 
ATOM   420  C CA  . PHE A 1 53  ? -3.481  8.713   -7.854  1.00 6.79  ? 49  PHE A CA  1 
ATOM   421  C C   . PHE A 1 53  ? -4.317  9.151   -6.666  1.00 7.28  ? 49  PHE A C   1 
ATOM   422  O O   . PHE A 1 53  ? -3.872  9.969   -5.850  1.00 7.70  ? 49  PHE A O   1 
ATOM   423  C CB  . PHE A 1 53  ? -2.417  7.758   -7.313  1.00 6.98  ? 49  PHE A CB  1 
ATOM   424  C CG  . PHE A 1 53  ? -1.808  6.836   -8.340  1.00 6.48  ? 49  PHE A CG  1 
ATOM   425  C CD1 . PHE A 1 53  ? -0.897  7.307   -9.275  1.00 7.63  ? 49  PHE A CD1 1 
ATOM   426  C CD2 . PHE A 1 53  ? -2.077  5.469   -8.304  1.00 6.58  ? 49  PHE A CD2 1 
ATOM   427  C CE1 . PHE A 1 53  ? -0.302  6.439   -10.185 1.00 7.77  ? 49  PHE A CE1 1 
ATOM   428  C CE2 . PHE A 1 53  ? -1.484  4.602   -9.214  1.00 7.29  ? 49  PHE A CE2 1 
ATOM   429  C CZ  . PHE A 1 53  ? -0.598  5.087   -10.148 1.00 7.27  ? 49  PHE A CZ  1 
ATOM   430  N N   . LYS A 1 54  ? -5.508  8.577   -6.552  1.00 7.90  ? 50  LYS A N   1 
ATOM   431  C CA  . LYS A 1 54  ? -6.275  8.616   -5.313  1.00 9.39  ? 50  LYS A CA  1 
ATOM   432  C C   . LYS A 1 54  ? -6.551  7.178   -4.958  1.00 7.98  ? 50  LYS A C   1 
ATOM   433  O O   . LYS A 1 54  ? -7.103  6.425   -5.778  1.00 8.89  ? 50  LYS A O   1 
ATOM   434  C CB  . LYS A 1 54  ? -7.598  9.373   -5.468  1.00 11.72 ? 50  LYS A CB  1 
ATOM   435  C CG  . LYS A 1 54  ? -7.474  10.715  -6.161  1.00 14.20 ? 50  LYS A CG  1 
ATOM   436  C CD  . LYS A 1 54  ? -7.858  10.569  -7.622  1.00 16.09 ? 50  LYS A CD  1 
ATOM   437  C CE  . LYS A 1 54  ? -6.837  11.201  -8.542  1.00 17.05 ? 50  LYS A CE  1 
ATOM   438  N NZ  . LYS A 1 54  ? -6.793  10.475  -9.841  1.00 15.51 ? 50  LYS A NZ  1 
ATOM   439  N N   . THR A 1 55  ? -6.126  6.778   -3.763  1.00 7.23  ? 51  THR A N   1 
ATOM   440  C CA  . THR A 1 55  ? -6.300  5.400   -3.339  1.00 8.00  ? 51  THR A CA  1 
ATOM   441  C C   . THR A 1 55  ? -7.037  5.324   -2.018  1.00 7.62  ? 51  THR A C   1 
ATOM   442  O O   . THR A 1 55  ? -6.839  6.156   -1.126  1.00 7.77  ? 51  THR A O   1 
ATOM   443  C CB  . THR A 1 55  ? -4.967  4.609   -3.245  1.00 7.71  ? 51  THR A CB  1 
ATOM   444  O OG1 . THR A 1 55  ? -4.266  4.946   -2.042  1.00 8.53  ? 51  THR A OG1 1 
ATOM   445  C CG2 . THR A 1 55  ? -4.070  4.876   -4.447  1.00 8.12  ? 51  THR A CG2 1 
ATOM   446  N N   . LYS A 1 56  ? -7.902  4.323   -1.914  1.00 7.81  ? 52  LYS A N   1 
ATOM   447  C CA  . LYS A 1 56  ? -8.619  4.035   -0.683  1.00 9.35  ? 52  LYS A CA  1 
ATOM   448  C C   . LYS A 1 56  ? -8.519  2.546   -0.394  1.00 7.99  ? 52  LYS A C   1 
ATOM   449  O O   . LYS A 1 56  ? -8.866  1.719   -1.238  1.00 10.68 ? 52  LYS A O   1 
ATOM   450  C CB  . LYS A 1 56  ? -10.089 4.456   -0.804  1.00 11.69 ? 52  LYS A CB  1 
ATOM   451  C CG  . LYS A 1 56  ? -10.307 5.963   -0.916  1.00 14.09 ? 52  LYS A CG  1 
ATOM   452  C CD  . LYS A 1 56  ? -11.719 6.309   -1.385  1.00 15.76 ? 52  LYS A CD  1 
ATOM   453  C CE  . LYS A 1 56  ? -11.996 7.809   -1.297  1.00 17.20 ? 52  LYS A CE  1 
ATOM   454  N NZ  . LYS A 1 56  ? -10.925 8.646   -1.911  1.00 18.74 ? 52  LYS A NZ  1 
ATOM   455  N N   . THR A 1 57  ? -8.021  2.215   0.791   1.00 7.43  ? 53  THR A N   1 
ATOM   456  C CA  . THR A 1 57  ? -7.885  0.830   1.215   1.00 6.84  ? 53  THR A CA  1 
ATOM   457  C C   . THR A 1 57  ? -8.740  0.633   2.453   1.00 6.18  ? 53  THR A C   1 
ATOM   458  O O   . THR A 1 57  ? -8.552  1.315   3.458   1.00 8.05  ? 53  THR A O   1 
ATOM   459  C CB  . THR A 1 57  ? -6.412  0.483   1.479   1.00 8.31  ? 53  THR A CB  1 
ATOM   460  O OG1 . THR A 1 57  ? -5.650  0.750   0.293   1.00 8.61  ? 53  THR A OG1 1 
ATOM   461  C CG2 . THR A 1 57  ? -6.255  -0.981  1.867   1.00 9.29  ? 53  THR A CG2 1 
ATOM   462  N N   . THR A 1 58  ? -9.708  -0.265  2.354   1.00 6.78  ? 54  THR A N   1 
ATOM   463  C CA  . THR A 1 58  ? -10.779 -0.357  3.333   1.00 7.44  ? 54  THR A CA  1 
ATOM   464  C C   . THR A 1 58  ? -10.875 -1.740  3.937   1.00 5.41  ? 54  THR A C   1 
ATOM   465  O O   . THR A 1 58  ? -10.606 -2.741  3.278   1.00 7.06  ? 54  THR A O   1 
ATOM   466  C CB  . THR A 1 58  ? -12.145 0.007   2.699   1.00 9.07  ? 54  THR A CB  1 
ATOM   467  O OG1 . THR A 1 58  ? -12.392 -0.852  1.579   1.00 11.34 ? 54  THR A OG1 1 
ATOM   468  C CG2 . THR A 1 58  ? -12.150 1.459   2.227   1.00 10.94 ? 54  THR A CG2 1 
ATOM   469  N N   . SER A 1 59  ? -11.269 -1.781  5.200   1.00 6.88  ? 55  SER A N   1 
ATOM   470  C CA  . SER A 1 59  ? -11.674 -3.013  5.858   1.00 6.01  ? 55  SER A CA  1 
ATOM   471  C C   . SER A 1 59  ? -12.835 -2.676  6.774   1.00 5.51  ? 55  SER A C   1 
ATOM   472  O O   . SER A 1 59  ? -13.219 -1.510  6.891   1.00 6.19  ? 55  SER A O   1 
ATOM   473  C CB  . SER A 1 59  ? -10.524 -3.586  6.672   1.00 6.47  ? 55  SER A CB  1 
ATOM   474  O OG  . SER A 1 59  ? -10.329 -2.840  7.867   1.00 5.35  ? 55  SER A OG  1 
ATOM   475  N N   . THR A 1 60  ? -13.365 -3.678  7.463   1.00 5.30  ? 56  THR A N   1 
ATOM   476  C CA  . THR A 1 60  ? -14.442 -3.431  8.419   1.00 5.23  ? 56  THR A CA  1 
ATOM   477  C C   . THR A 1 60  ? -13.931 -2.881  9.747   1.00 5.33  ? 56  THR A C   1 
ATOM   478  O O   . THR A 1 60  ? -14.731 -2.598  10.646  1.00 5.71  ? 56  THR A O   1 
ATOM   479  C CB  . THR A 1 60  ? -15.302 -4.685  8.657   1.00 5.99  ? 56  THR A CB  1 
ATOM   480  O OG1 . THR A 1 60  ? -14.471 -5.752  9.133   1.00 5.78  ? 56  THR A OG1 1 
ATOM   481  C CG2 . THR A 1 60  ? -16.018 -5.098  7.369   1.00 6.68  ? 56  THR A CG2 1 
ATOM   482  N N   . PHE A 1 61  ? -12.612 -2.722  9.864   1.00 4.99  ? 57  PHE A N   1 
ATOM   483  C CA  . PHE A 1 61  ? -12.001 -2.066  11.019  1.00 6.23  ? 57  PHE A CA  1 
ATOM   484  C C   . PHE A 1 61  ? -11.621 -0.631  10.674  1.00 7.55  ? 57  PHE A C   1 
ATOM   485  O O   . PHE A 1 61  ? -12.289 0.303   11.106  1.00 11.29 ? 57  PHE A O   1 
ATOM   486  C CB  . PHE A 1 61  ? -10.784 -2.872  11.484  1.00 6.00  ? 57  PHE A CB  1 
ATOM   487  C CG  . PHE A 1 61  ? -9.945  -2.202  12.547  1.00 6.47  ? 57  PHE A CG  1 
ATOM   488  C CD1 . PHE A 1 61  ? -10.517 -1.533  13.635  1.00 6.19  ? 57  PHE A CD1 1 
ATOM   489  C CD2 . PHE A 1 61  ? -8.563  -2.333  12.496  1.00 6.84  ? 57  PHE A CD2 1 
ATOM   490  C CE1 . PHE A 1 61  ? -9.711  -0.963  14.620  1.00 6.89  ? 57  PHE A CE1 1 
ATOM   491  C CE2 . PHE A 1 61  ? -7.754  -1.771  13.470  1.00 8.27  ? 57  PHE A CE2 1 
ATOM   492  C CZ  . PHE A 1 61  ? -8.329  -1.081  14.538  1.00 7.16  ? 57  PHE A CZ  1 
ATOM   493  N N   . ARG A 1 62  ? -10.568 -0.459  9.880   1.00 9.67  ? 58  ARG A N   1 
ATOM   494  C CA  . ARG A 1 62  ? -10.028 0.857   9.549   1.00 10.46 ? 58  ARG A CA  1 
ATOM   495  C C   . ARG A 1 62  ? -9.858  0.974   8.051   1.00 10.00 ? 58  ARG A C   1 
ATOM   496  O O   . ARG A 1 62  ? -9.788  -0.030  7.331   1.00 10.85 ? 58  ARG A O   1 
ATOM   497  C CB  . ARG A 1 62  ? -8.665  1.072   10.227  1.00 11.53 ? 58  ARG A CB  1 
ATOM   498  C CG  . ARG A 1 62  ? -8.725  1.435   11.713  1.00 12.55 ? 58  ARG A CG  1 
ATOM   499  C CD  . ARG A 1 62  ? -7.362  1.928   12.190  1.00 13.08 ? 58  ARG A CD  1 
ATOM   500  N NE  . ARG A 1 62  ? -7.378  2.446   13.560  1.00 14.06 ? 58  ARG A NE  1 
ATOM   501  C CZ  . ARG A 1 62  ? -7.686  3.696   13.897  1.00 14.39 ? 58  ARG A CZ  1 
ATOM   502  N NH1 . ARG A 1 62  ? -8.039  4.580   12.969  1.00 15.20 ? 58  ARG A NH1 1 
ATOM   503  N NH2 . ARG A 1 62  ? -7.645  4.063   15.169  1.00 14.50 ? 58  ARG A NH2 1 
ATOM   504  N N   . ASN A 1 63  ? -9.771  2.208   7.580   1.00 10.41 ? 59  ASN A N   1 
ATOM   505  C CA  . ASN A 1 63  ? -9.353  2.445   6.222   1.00 12.03 ? 59  ASN A CA  1 
ATOM   506  C C   . ASN A 1 63  ? -7.967  3.079   6.233   1.00 12.55 ? 59  ASN A C   1 
ATOM   507  O O   . ASN A 1 63  ? -7.608  3.770   7.190   1.00 13.51 ? 59  ASN A O   1 
ATOM   508  C CB  . ASN A 1 63  ? -10.374 3.334   5.504   1.00 14.15 ? 59  ASN A CB  1 
ATOM   509  C CG  . ASN A 1 63  ? -11.807 2.776   5.567   1.00 15.64 ? 59  ASN A CG  1 
ATOM   510  O OD1 . ASN A 1 63  ? -12.775 3.537   5.526   1.00 18.19 ? 59  ASN A OD1 1 
ATOM   511  N ND2 . ASN A 1 63  ? -11.940 1.456   5.662   1.00 15.84 ? 59  ASN A ND2 1 
ATOM   512  N N   A TYR A 1 64  ? -7.130  2.731   5.267   0.20 12.17 ? 60  TYR A N   1 
ATOM   513  N N   B TYR A 1 64  ? -7.254  2.922   5.115   0.80 12.81 ? 60  TYR A N   1 
ATOM   514  C CA  A TYR A 1 64  ? -6.017  3.607   4.974   0.20 12.50 ? 60  TYR A CA  1 
ATOM   515  C CA  B TYR A 1 64  ? -5.885  3.410   4.927   0.80 14.67 ? 60  TYR A CA  1 
ATOM   516  C C   A TYR A 1 64  ? -6.103  4.136   3.574   0.20 13.37 ? 60  TYR A C   1 
ATOM   517  C C   B TYR A 1 64  ? -5.796  4.175   3.574   0.80 15.45 ? 60  TYR A C   1 
ATOM   518  O O   A TYR A 1 64  ? -6.077  3.402   2.587   0.20 13.64 ? 60  TYR A O   1 
ATOM   519  O O   B TYR A 1 64  ? -5.331  3.604   2.586   0.80 18.22 ? 60  TYR A O   1 
ATOM   520  C CB  A TYR A 1 64  ? -4.632  3.032   5.276   0.20 9.97  ? 60  TYR A CB  1 
ATOM   521  C CB  B TYR A 1 64  ? -4.898  2.207   4.935   0.80 12.94 ? 60  TYR A CB  1 
ATOM   522  C CG  A TYR A 1 64  ? -3.593  4.139   5.279   0.20 9.35  ? 60  TYR A CG  1 
ATOM   523  C CG  B TYR A 1 64  ? -5.120  1.162   6.041   0.80 12.67 ? 60  TYR A CG  1 
ATOM   524  C CD1 A TYR A 1 64  ? -3.410  4.944   6.404   0.20 9.38  ? 60  TYR A CD1 1 
ATOM   525  C CD1 B TYR A 1 64  ? -5.991  0.079   5.856   0.80 12.78 ? 60  TYR A CD1 1 
ATOM   526  C CD2 A TYR A 1 64  ? -2.852  4.434   4.134   0.20 9.02  ? 60  TYR A CD2 1 
ATOM   527  C CD2 B TYR A 1 64  ? -4.441  1.249   7.258   0.80 12.34 ? 60  TYR A CD2 1 
ATOM   528  C CE1 A TYR A 1 64  ? -2.488  5.984   6.403   0.20 9.14  ? 60  TYR A CE1 1 
ATOM   529  C CE1 B TYR A 1 64  ? -6.195  -0.875  6.869   0.80 12.80 ? 60  TYR A CE1 1 
ATOM   530  C CE2 A TYR A 1 64  ? -1.926  5.473   4.122   0.20 8.67  ? 60  TYR A CE2 1 
ATOM   531  C CE2 B TYR A 1 64  ? -4.638  0.300   8.274   0.80 12.20 ? 60  TYR A CE2 1 
ATOM   532  C CZ  A TYR A 1 64  ? -1.748  6.243   5.261   0.20 8.89  ? 60  TYR A CZ  1 
ATOM   533  C CZ  B TYR A 1 64  ? -5.515  -0.758  8.071   0.80 12.44 ? 60  TYR A CZ  1 
ATOM   534  O OH  A TYR A 1 64  ? -0.836  7.275   5.258   0.20 8.20  ? 60  TYR A OH  1 
ATOM   535  O OH  B TYR A 1 64  ? -5.710  -1.695  9.070   0.80 12.32 ? 60  TYR A OH  1 
ATOM   536  N N   . ASP A 1 65  ? -6.245  5.442   3.520   1.00 15.02 ? 61  ASP A N   1 
ATOM   537  C CA  . ASP A 1 65  ? -6.342  6.175   2.253   1.00 15.68 ? 61  ASP A CA  1 
ATOM   538  C C   . ASP A 1 65  ? -5.165  7.131   2.024   1.00 14.21 ? 61  ASP A C   1 
ATOM   539  O O   . ASP A 1 65  ? -4.729  7.840   2.942   1.00 16.29 ? 61  ASP A O   1 
ATOM   540  C CB  . ASP A 1 65  ? -7.673  6.936   2.179   1.00 17.17 ? 61  ASP A CB  1 
ATOM   541  C CG  . ASP A 1 65  ? -8.895  6.027   2.355   1.00 17.37 ? 61  ASP A CG  1 
ATOM   542  O OD1 . ASP A 1 65  ? -10.007 6.569   2.526   1.00 19.37 ? 61  ASP A OD1 1 
ATOM   543  O OD2 . ASP A 1 65  ? -8.757  4.781   2.327   1.00 18.08 ? 61  ASP A OD2 1 
ATOM   544  N N   . VAL A 1 66  ? -4.654  7.150   0.794   1.00 11.38 ? 62  VAL A N   1 
ATOM   545  C CA  . VAL A 1 66  ? -3.555  8.043   0.442   1.00 9.91  ? 62  VAL A CA  1 
ATOM   546  C C   . VAL A 1 66  ? -3.655  8.470   -1.022  1.00 9.15  ? 62  VAL A C   1 
ATOM   547  O O   . VAL A 1 66  ? -3.964  7.659   -1.908  1.00 9.54  ? 62  VAL A O   1 
ATOM   548  C CB  . VAL A 1 66  ? -2.160  7.416   0.770   1.00 9.97  ? 62  VAL A CB  1 
ATOM   549  C CG1 . VAL A 1 66  ? -1.911  6.134   -0.030  1.00 9.76  ? 62  VAL A CG1 1 
ATOM   550  C CG2 . VAL A 1 66  ? -1.025  8.434   0.566   1.00 9.98  ? 62  VAL A CG2 1 
ATOM   551  N N   . ASP A 1 67  ? -3.434  9.760   -1.252  1.00 9.35  ? 63  ASP A N   1 
ATOM   552  C CA  . ASP A 1 67  ? -3.438  10.346  -2.582  1.00 9.69  ? 63  ASP A CA  1 
ATOM   553  C C   . ASP A 1 67  ? -2.056  10.903  -2.846  1.00 8.90  ? 63  ASP A C   1 
ATOM   554  O O   . ASP A 1 67  ? -1.395  11.399  -1.931  1.00 10.20 ? 63  ASP A O   1 
ATOM   555  C CB  . ASP A 1 67  ? -4.473  11.476  -2.683  1.00 11.43 ? 63  ASP A CB  1 
ATOM   556  C CG  . ASP A 1 67  ? -5.887  11.028  -2.331  1.00 12.41 ? 63  ASP A CG  1 
ATOM   557  O OD1 . ASP A 1 67  ? -6.197  9.825   -2.439  1.00 11.51 ? 63  ASP A OD1 1 
ATOM   558  O OD2 . ASP A 1 67  ? -6.703  11.896  -1.944  1.00 14.17 ? 63  ASP A OD2 1 
ATOM   559  N N   . PHE A 1 68  ? -1.604  10.813  -4.089  1.00 8.85  ? 64  PHE A N   1 
ATOM   560  C CA  . PHE A 1 68  ? -0.287  11.295  -4.443  1.00 9.39  ? 64  PHE A CA  1 
ATOM   561  C C   . PHE A 1 68  ? -0.172  11.522  -5.928  1.00 8.90  ? 64  PHE A C   1 
ATOM   562  O O   . PHE A 1 68  ? -0.983  11.028  -6.718  1.00 9.85  ? 64  PHE A O   1 
ATOM   563  C CB  . PHE A 1 68  ? 0.799   10.309  -3.992  1.00 8.66  ? 64  PHE A CB  1 
ATOM   564  C CG  . PHE A 1 68  ? 0.583   8.895   -4.470  1.00 8.19  ? 64  PHE A CG  1 
ATOM   565  C CD1 . PHE A 1 68  ? 1.033   8.485   -5.726  1.00 8.58  ? 64  PHE A CD1 1 
ATOM   566  C CD2 . PHE A 1 68  ? -0.080  7.975   -3.670  1.00 8.74  ? 64  PHE A CD2 1 
ATOM   567  C CE1 . PHE A 1 68  ? 0.828   7.176   -6.167  1.00 9.05  ? 64  PHE A CE1 1 
ATOM   568  C CE2 . PHE A 1 68  ? -0.290  6.669   -4.103  1.00 9.47  ? 64  PHE A CE2 1 
ATOM   569  C CZ  . PHE A 1 68  ? 0.170   6.271   -5.358  1.00 9.13  ? 64  PHE A CZ  1 
ATOM   570  N N   . THR A 1 69  ? 0.850   12.276  -6.296  1.00 8.41  ? 65  THR A N   1 
ATOM   571  C CA  . THR A 1 69  ? 1.238   12.424  -7.677  1.00 8.72  ? 65  THR A CA  1 
ATOM   572  C C   . THR A 1 69  ? 2.610   11.799  -7.828  1.00 7.71  ? 65  THR A C   1 
ATOM   573  O O   . THR A 1 69  ? 3.519   12.081  -7.044  1.00 8.26  ? 65  THR A O   1 
ATOM   574  C CB  . THR A 1 69  ? 1.257   13.910  -8.086  1.00 9.58  ? 65  THR A CB  1 
ATOM   575  O OG1 . THR A 1 69  ? -0.055  14.456  -7.917  1.00 11.81 ? 65  THR A OG1 1 
ATOM   576  C CG2 . THR A 1 69  ? 1.707   14.078  -9.543  1.00 10.35 ? 65  THR A CG2 1 
ATOM   577  N N   . VAL A 1 70  ? 2.734   10.905  -8.801  1.00 8.35  ? 66  VAL A N   1 
ATOM   578  C CA  . VAL A 1 70  ? 4.007   10.283  -9.099  1.00 8.44  ? 66  VAL A CA  1 
ATOM   579  C C   . VAL A 1 70  ? 5.059   11.367  -9.308  1.00 9.07  ? 66  VAL A C   1 
ATOM   580  O O   . VAL A 1 70  ? 4.821   12.338  -10.035 1.00 10.02 ? 66  VAL A O   1 
ATOM   581  C CB  . VAL A 1 70  ? 3.909   9.389   -10.358 1.00 9.17  ? 66  VAL A CB  1 
ATOM   582  C CG1 . VAL A 1 70  ? 5.284   8.930   -10.811 1.00 9.83  ? 66  VAL A CG1 1 
ATOM   583  C CG2 . VAL A 1 70  ? 2.996   8.193   -10.093 1.00 9.35  ? 66  VAL A CG2 1 
ATOM   584  N N   . GLY A 1 71  ? 6.197   11.212  -8.646  1.00 8.31  ? 67  GLY A N   1 
ATOM   585  C CA  . GLY A 1 71  ? 7.295   12.168  -8.756  1.00 9.98  ? 67  GLY A CA  1 
ATOM   586  C C   . GLY A 1 71  ? 7.111   13.455  -7.963  1.00 10.34 ? 67  GLY A C   1 
ATOM   587  O O   . GLY A 1 71  ? 7.778   14.451  -8.228  1.00 12.41 ? 67  GLY A O   1 
ATOM   588  N N   . VAL A 1 72  ? 6.220   13.454  -6.983  1.00 9.42  ? 68  VAL A N   1 
ATOM   589  C CA  . VAL A 1 72  ? 6.047   14.642  -6.148  1.00 9.40  ? 68  VAL A CA  1 
ATOM   590  C C   . VAL A 1 72  ? 6.125   14.247  -4.676  1.00 8.69  ? 68  VAL A C   1 
ATOM   591  O O   . VAL A 1 72  ? 5.230   13.579  -4.168  1.00 8.16  ? 68  VAL A O   1 
ATOM   592  C CB  . VAL A 1 72  ? 4.708   15.373  -6.432  1.00 10.10 ? 68  VAL A CB  1 
ATOM   593  C CG1 . VAL A 1 72  ? 4.575   16.611  -5.549  1.00 11.12 ? 68  VAL A CG1 1 
ATOM   594  C CG2 . VAL A 1 72  ? 4.591   15.756  -7.905  1.00 10.59 ? 68  VAL A CG2 1 
ATOM   595  N N   . GLU A 1 73  ? 7.198   14.660  -4.001  1.00 8.06  ? 69  GLU A N   1 
ATOM   596  C CA  . GLU A 1 73  ? 7.340   14.416  -2.562  1.00 8.17  ? 69  GLU A CA  1 
ATOM   597  C C   . GLU A 1 73  ? 6.173   15.022  -1.820  1.00 8.18  ? 69  GLU A C   1 
ATOM   598  O O   . GLU A 1 73  ? 5.708   16.117  -2.159  1.00 8.41  ? 69  GLU A O   1 
ATOM   599  C CB  . GLU A 1 73  ? 8.635   15.021  -2.026  1.00 9.62  ? 69  GLU A CB  1 
ATOM   600  C CG  . GLU A 1 73  ? 9.890   14.311  -2.461  1.00 10.52 ? 69  GLU A CG  1 
ATOM   601  C CD  . GLU A 1 73  ? 10.365  14.717  -3.848  1.00 11.48 ? 69  GLU A CD  1 
ATOM   602  O OE1 . GLU A 1 73  ? 11.444  14.232  -4.239  1.00 13.46 ? 69  GLU A OE1 1 
ATOM   603  O OE2 . GLU A 1 73  ? 9.665   15.494  -4.548  1.00 12.15 ? 69  GLU A OE2 1 
ATOM   604  N N   . PHE A 1 74  ? 5.691   14.318  -0.807  1.00 7.88  ? 70  PHE A N   1 
ATOM   605  C CA  . PHE A 1 74  ? 4.630   14.861  0.017   1.00 7.79  ? 70  PHE A CA  1 
ATOM   606  C C   . PHE A 1 74  ? 4.767   14.452  1.464   1.00 6.53  ? 70  PHE A C   1 
ATOM   607  O O   . PHE A 1 74  ? 5.415   13.454  1.787   1.00 6.67  ? 70  PHE A O   1 
ATOM   608  C CB  . PHE A 1 74  ? 3.230   14.511  -0.532  1.00 8.95  ? 70  PHE A CB  1 
ATOM   609  C CG  . PHE A 1 74  ? 2.894   13.038  -0.506  1.00 8.70  ? 70  PHE A CG  1 
ATOM   610  C CD1 . PHE A 1 74  ? 3.402   12.175  -1.469  1.00 8.63  ? 70  PHE A CD1 1 
ATOM   611  C CD2 . PHE A 1 74  ? 2.005   12.536  0.437   1.00 9.74  ? 70  PHE A CD2 1 
ATOM   612  C CE1 . PHE A 1 74  ? 3.065   10.823  -1.455  1.00 8.31  ? 70  PHE A CE1 1 
ATOM   613  C CE2 . PHE A 1 74  ? 1.662   11.197  0.446   1.00 9.70  ? 70  PHE A CE2 1 
ATOM   614  C CZ  . PHE A 1 74  ? 2.191   10.341  -0.497  1.00 9.05  ? 70  PHE A CZ  1 
ATOM   615  N N   . ASP A 1 75  ? 4.154   15.248  2.328   1.00 6.64  ? 71  ASP A N   1 
ATOM   616  C CA  . ASP A 1 75  ? 4.071   14.967  3.744   1.00 6.10  ? 71  ASP A CA  1 
ATOM   617  C C   . ASP A 1 75  ? 2.933   13.974  3.947   1.00 6.30  ? 71  ASP A C   1 
ATOM   618  O O   . ASP A 1 75  ? 1.751   14.347  3.875   1.00 7.83  ? 71  ASP A O   1 
ATOM   619  C CB  . ASP A 1 75  ? 3.779   16.271  4.480   1.00 6.50  ? 71  ASP A CB  1 
ATOM   620  C CG  . ASP A 1 75  ? 3.773   16.116  5.985   1.00 7.02  ? 71  ASP A CG  1 
ATOM   621  O OD1 . ASP A 1 75  ? 3.759   14.968  6.482   1.00 7.17  ? 71  ASP A OD1 1 
ATOM   622  O OD2 . ASP A 1 75  ? 3.779   17.169  6.663   1.00 7.05  ? 71  ASP A OD2 1 
ATOM   623  N N   . GLU A 1 76  ? 3.282   12.708  4.158   1.00 6.10  ? 72  GLU A N   1 
ATOM   624  C CA  . GLU A 1 76  ? 2.293   11.692  4.479   1.00 6.26  ? 72  GLU A CA  1 
ATOM   625  C C   . GLU A 1 76  ? 2.172   11.581  5.991   1.00 6.35  ? 72  GLU A C   1 
ATOM   626  O O   . GLU A 1 76  ? 3.115   11.162  6.670   1.00 6.14  ? 72  GLU A O   1 
ATOM   627  C CB  . GLU A 1 76  ? 2.662   10.343  3.860   1.00 6.15  ? 72  GLU A CB  1 
ATOM   628  C CG  . GLU A 1 76  ? 1.568   9.295   4.017   1.00 7.34  ? 72  GLU A CG  1 
ATOM   629  C CD  . GLU A 1 76  ? 1.922   7.933   3.456   1.00 7.51  ? 72  GLU A CD  1 
ATOM   630  O OE1 . GLU A 1 76  ? 2.973   7.789   2.799   1.00 8.03  ? 72  GLU A OE1 1 
ATOM   631  O OE2 . GLU A 1 76  ? 1.129   6.994   3.697   1.00 8.53  ? 72  GLU A OE2 1 
ATOM   632  N N   . TYR A 1 77  ? 1.014   11.980  6.511   1.00 6.35  ? 73  TYR A N   1 
ATOM   633  C CA  . TYR A 1 77  ? 0.706   11.834  7.917   1.00 6.57  ? 73  TYR A CA  1 
ATOM   634  C C   . TYR A 1 77  ? -0.084  10.544  8.100   1.00 7.46  ? 73  TYR A C   1 
ATOM   635  O O   . TYR A 1 77  ? -1.226  10.433  7.639   1.00 7.46  ? 73  TYR A O   1 
ATOM   636  C CB  . TYR A 1 77  ? -0.078  13.043  8.436   1.00 9.79  ? 73  TYR A CB  1 
ATOM   637  C CG  . TYR A 1 77  ? -0.484  12.886  9.884   1.00 10.84 ? 73  TYR A CG  1 
ATOM   638  C CD1 . TYR A 1 77  ? 0.459   12.561  10.850  1.00 10.40 ? 73  TYR A CD1 1 
ATOM   639  C CD2 . TYR A 1 77  ? -1.817  12.991  10.280  1.00 12.80 ? 73  TYR A CD2 1 
ATOM   640  C CE1 . TYR A 1 77  ? 0.104   12.393  12.177  1.00 11.07 ? 73  TYR A CE1 1 
ATOM   641  C CE2 . TYR A 1 77  ? -2.185  12.816  11.611  1.00 13.49 ? 73  TYR A CE2 1 
ATOM   642  C CZ  . TYR A 1 77  ? -1.212  12.519  12.552  1.00 12.68 ? 73  TYR A CZ  1 
ATOM   643  O OH  . TYR A 1 77  ? -1.536  12.340  13.877  1.00 13.54 ? 73  TYR A OH  1 
ATOM   644  N N   . THR A 1 78  ? 0.524   9.565   8.758   1.00 6.44  ? 74  THR A N   1 
ATOM   645  C CA  . THR A 1 78  ? -0.001  8.196   8.741   1.00 7.77  ? 74  THR A CA  1 
ATOM   646  C C   . THR A 1 78  ? -1.047  7.951   9.843   1.00 8.76  ? 74  THR A C   1 
ATOM   647  O O   . THR A 1 78  ? -0.917  7.037   10.665  1.00 8.92  ? 74  THR A O   1 
ATOM   648  C CB  . THR A 1 78  ? 1.145   7.192   8.830   1.00 7.52  ? 74  THR A CB  1 
ATOM   649  O OG1 . THR A 1 78  ? 1.918   7.484   9.999   1.00 6.97  ? 74  THR A OG1 1 
ATOM   650  C CG2 . THR A 1 78  ? 2.040   7.302   7.602   1.00 8.71  ? 74  THR A CG2 1 
ATOM   651  N N   . LYS A 1 79  ? -2.098  8.767   9.833   1.00 11.91 ? 75  LYS A N   1 
ATOM   652  C CA  . LYS A 1 79  ? -3.134  8.717   10.877  1.00 14.84 ? 75  LYS A CA  1 
ATOM   653  C C   . LYS A 1 79  ? -3.795  7.343   11.088  1.00 15.58 ? 75  LYS A C   1 
ATOM   654  O O   . LYS A 1 79  ? -4.200  7.016   12.204  1.00 16.98 ? 75  LYS A O   1 
ATOM   655  C CB  . LYS A 1 79  ? -4.200  9.801   10.662  1.00 17.03 ? 75  LYS A CB  1 
ATOM   656  C CG  . LYS A 1 79  ? -4.843  9.806   9.279   1.00 19.01 ? 75  LYS A CG  1 
ATOM   657  C CD  . LYS A 1 79  ? -6.302  10.275  9.323   1.00 20.55 ? 75  LYS A CD  1 
ATOM   658  C CE  . LYS A 1 79  ? -6.435  11.763  9.628   1.00 21.31 ? 75  LYS A CE  1 
ATOM   659  N NZ  . LYS A 1 79  ? -7.865  12.148  9.828   1.00 22.15 ? 75  LYS A NZ  1 
ATOM   660  N N   . SER A 1 80  ? -3.880  6.540   10.034  1.00 15.65 ? 76  SER A N   1 
ATOM   661  C CA  . SER A 1 80  ? -4.546  5.233   10.112  1.00 15.44 ? 76  SER A CA  1 
ATOM   662  C C   . SER A 1 80  ? -3.634  4.127   10.654  1.00 15.01 ? 76  SER A C   1 
ATOM   663  O O   . SER A 1 80  ? -4.067  2.983   10.852  1.00 15.32 ? 76  SER A O   1 
ATOM   664  C CB  A SER A 1 80  ? -5.109  4.844   8.746   0.50 16.45 ? 76  SER A CB  1 
ATOM   665  C CB  B SER A 1 80  ? -5.069  4.831   8.734   0.50 16.00 ? 76  SER A CB  1 
ATOM   666  O OG  A SER A 1 80  ? -6.169  5.712   8.378   0.50 17.11 ? 76  SER A OG  1 
ATOM   667  O OG  B SER A 1 80  ? -4.003  4.650   7.821   0.50 16.09 ? 76  SER A OG  1 
ATOM   668  N N   . LEU A 1 81  ? -2.376  4.479   10.896  1.00 13.00 ? 77  LEU A N   1 
ATOM   669  C CA  . LEU A 1 81  ? -1.366  3.523   11.300  1.00 11.38 ? 77  LEU A CA  1 
ATOM   670  C C   . LEU A 1 81  ? -0.640  4.021   12.539  1.00 9.51  ? 77  LEU A C   1 
ATOM   671  O O   . LEU A 1 81  ? -1.161  3.907   13.649  1.00 10.35 ? 77  LEU A O   1 
ATOM   672  C CB  . LEU A 1 81  ? -0.389  3.249   10.145  1.00 13.58 ? 77  LEU A CB  1 
ATOM   673  C CG  . LEU A 1 81  ? -0.918  2.384   8.994   1.00 14.66 ? 77  LEU A CG  1 
ATOM   674  C CD1 . LEU A 1 81  ? -0.055  2.529   7.751   1.00 15.63 ? 77  LEU A CD1 1 
ATOM   675  C CD2 . LEU A 1 81  ? -1.029  0.922   9.406   1.00 15.37 ? 77  LEU A CD2 1 
ATOM   676  N N   . ASP A 1 82  ? 0.541   4.602   12.344  1.00 8.06  ? 78  ASP A N   1 
ATOM   677  C CA  . ASP A 1 82  ? 1.410   4.970   13.453  1.00 7.47  ? 78  ASP A CA  1 
ATOM   678  C C   . ASP A 1 82  ? 1.419   6.462   13.791  1.00 7.19  ? 78  ASP A C   1 
ATOM   679  O O   . ASP A 1 82  ? 2.147   6.883   14.683  1.00 7.80  ? 78  ASP A O   1 
ATOM   680  C CB  . ASP A 1 82  ? 2.838   4.452   13.218  1.00 7.79  ? 78  ASP A CB  1 
ATOM   681  C CG  . ASP A 1 82  ? 3.453   4.941   11.906  1.00 7.14  ? 78  ASP A CG  1 
ATOM   682  O OD1 . ASP A 1 82  ? 4.692   5.101   11.878  1.00 7.70  ? 78  ASP A OD1 1 
ATOM   683  O OD2 . ASP A 1 82  ? 2.716   5.134   10.910  1.00 7.18  ? 78  ASP A OD2 1 
ATOM   684  N N   . ASN A 1 83  ? 0.619   7.256   13.086  1.00 7.10  ? 79  ASN A N   1 
ATOM   685  C CA  . ASN A 1 83  ? 0.518   8.688   13.397  1.00 6.53  ? 79  ASN A CA  1 
ATOM   686  C C   . ASN A 1 83  ? 1.872   9.398   13.365  1.00 6.55  ? 79  ASN A C   1 
ATOM   687  O O   . ASN A 1 83  ? 2.205   10.189  14.255  1.00 7.74  ? 79  ASN A O   1 
ATOM   688  C CB  . ASN A 1 83  ? -0.215  8.907   14.724  1.00 9.58  ? 79  ASN A CB  1 
ATOM   689  C CG  . ASN A 1 83  ? -1.632  8.395   14.682  1.00 11.54 ? 79  ASN A CG  1 
ATOM   690  O OD1 . ASN A 1 83  ? -2.474  8.942   13.980  1.00 14.18 ? 79  ASN A OD1 1 
ATOM   691  N ND2 . ASN A 1 83  ? -1.899  7.321   15.412  1.00 13.31 ? 79  ASN A ND2 1 
ATOM   692  N N   . ARG A 1 84  ? 2.650   9.089   12.332  1.00 5.75  ? 80  ARG A N   1 
ATOM   693  C CA  . ARG A 1 84  ? 3.917   9.752   12.093  1.00 5.41  ? 80  ARG A CA  1 
ATOM   694  C C   . ARG A 1 84  ? 3.864   10.581  10.813  1.00 5.24  ? 80  ARG A C   1 
ATOM   695  O O   . ARG A 1 84  ? 2.903   10.499  10.045  1.00 6.19  ? 80  ARG A O   1 
ATOM   696  C CB  . ARG A 1 84  ? 5.052   8.724   11.995  1.00 7.16  ? 80  ARG A CB  1 
ATOM   697  C CG  . ARG A 1 84  ? 5.425   8.056   13.306  1.00 8.39  ? 80  ARG A CG  1 
ATOM   698  C CD  . ARG A 1 84  ? 6.668   7.196   13.143  1.00 9.06  ? 80  ARG A CD  1 
ATOM   699  N NE  . ARG A 1 84  ? 7.125   6.623   14.411  1.00 10.39 ? 80  ARG A NE  1 
ATOM   700  C CZ  . ARG A 1 84  ? 6.857   5.391   14.848  1.00 10.43 ? 80  ARG A CZ  1 
ATOM   701  N NH1 . ARG A 1 84  ? 6.144   4.539   14.122  1.00 9.59  ? 80  ARG A NH1 1 
ATOM   702  N NH2 . ARG A 1 84  ? 7.334   5.000   16.024  1.00 11.46 ? 80  ARG A NH2 1 
ATOM   703  N N   . HIS A 1 85  ? 4.904   11.374  10.593  1.00 4.97  ? 81  HIS A N   1 
ATOM   704  C CA  . HIS A 1 85  ? 5.098   12.061  9.326   1.00 4.75  ? 81  HIS A CA  1 
ATOM   705  C C   . HIS A 1 85  ? 6.236   11.413  8.589   1.00 4.93  ? 81  HIS A C   1 
ATOM   706  O O   . HIS A 1 85  ? 7.289   11.166  9.164   1.00 5.19  ? 81  HIS A O   1 
ATOM   707  C CB  . HIS A 1 85  ? 5.426   13.528  9.560   1.00 5.08  ? 81  HIS A CB  1 
ATOM   708  C CG  . HIS A 1 85  ? 4.247   14.321  10.001  1.00 5.66  ? 81  HIS A CG  1 
ATOM   709  N ND1 . HIS A 1 85  ? 3.366   14.888  9.108   1.00 5.76  ? 81  HIS A ND1 1 
ATOM   710  C CD2 . HIS A 1 85  ? 3.772   14.600  11.234  1.00 6.09  ? 81  HIS A CD2 1 
ATOM   711  C CE1 . HIS A 1 85  ? 2.401   15.494  9.773   1.00 6.09  ? 81  HIS A CE1 1 
ATOM   712  N NE2 . HIS A 1 85  ? 2.621   15.328  11.064  1.00 6.17  ? 81  HIS A NE2 1 
ATOM   713  N N   . VAL A 1 86  ? 6.020   11.128  7.313   1.00 5.25  ? 82  VAL A N   1 
ATOM   714  C CA  . VAL A 1 86  ? 7.093   10.667  6.451   1.00 5.35  ? 82  VAL A CA  1 
ATOM   715  C C   . VAL A 1 86  ? 7.121   11.518  5.196   1.00 5.11  ? 82  VAL A C   1 
ATOM   716  O O   . VAL A 1 86  ? 6.081   12.015  4.751   1.00 6.06  ? 82  VAL A O   1 
ATOM   717  C CB  . VAL A 1 86  ? 6.984   9.156   6.109   1.00 5.22  ? 82  VAL A CB  1 
ATOM   718  C CG1 . VAL A 1 86  ? 7.164   8.317   7.360   1.00 5.83  ? 82  VAL A CG1 1 
ATOM   719  C CG2 . VAL A 1 86  ? 5.658   8.842   5.425   1.00 6.08  ? 82  VAL A CG2 1 
ATOM   720  N N   . LYS A 1 87  ? 8.314   11.711  4.642   1.00 5.33  ? 83  LYS A N   1 
ATOM   721  C CA  . LYS A 1 87  ? 8.437   12.317  3.331   1.00 5.86  ? 83  LYS A CA  1 
ATOM   722  C C   . LYS A 1 87  ? 8.283   11.199  2.323   1.00 5.62  ? 83  LYS A C   1 
ATOM   723  O O   . LYS A 1 87  ? 9.183   10.381  2.150   1.00 5.69  ? 83  LYS A O   1 
ATOM   724  C CB  . LYS A 1 87  ? 9.789   13.014  3.165   1.00 6.48  ? 83  LYS A CB  1 
ATOM   725  C CG  . LYS A 1 87  ? 9.919   13.739  1.829   1.00 8.34  ? 83  LYS A CG  1 
ATOM   726  C CD  . LYS A 1 87  ? 11.220  14.530  1.715   1.00 10.07 ? 83  LYS A CD  1 
ATOM   727  C CE  . LYS A 1 87  ? 12.446  13.621  1.681   1.00 11.55 ? 83  LYS A CE  1 
ATOM   728  N NZ  . LYS A 1 87  ? 12.626  12.897  0.395   1.00 12.97 ? 83  LYS A NZ  1 
ATOM   729  N N   . ALA A 1 88  ? 7.114   11.144  1.701   1.00 5.42  ? 84  ALA A N   1 
ATOM   730  C CA  . ALA A 1 88  ? 6.800   10.074  0.771   1.00 5.35  ? 84  ALA A CA  1 
ATOM   731  C C   . ALA A 1 88  ? 7.083   10.509  -0.660  1.00 6.11  ? 84  ALA A C   1 
ATOM   732  O O   . ALA A 1 88  ? 6.772   11.636  -1.053  1.00 6.83  ? 84  ALA A O   1 
ATOM   733  C CB  . ALA A 1 88  ? 5.360   9.653   0.927   1.00 5.90  ? 84  ALA A CB  1 
ATOM   734  N N   . LEU A 1 89  ? 7.683   9.608   -1.430  1.00 6.31  ? 85  LEU A N   1 
ATOM   735  C CA  . LEU A 1 89  ? 7.881   9.817   -2.854  1.00 6.37  ? 85  LEU A CA  1 
ATOM   736  C C   . LEU A 1 89  ? 7.553   8.539   -3.585  1.00 6.52  ? 85  LEU A C   1 
ATOM   737  O O   . LEU A 1 89  ? 8.113   7.485   -3.283  1.00 6.08  ? 85  LEU A O   1 
ATOM   738  C CB  . LEU A 1 89  ? 9.323   10.224  -3.150  1.00 8.03  ? 85  LEU A CB  1 
ATOM   739  C CG  . LEU A 1 89  ? 9.688   10.355  -4.634  1.00 8.87  ? 85  LEU A CG  1 
ATOM   740  C CD1 . LEU A 1 89  ? 8.901   11.462  -5.322  1.00 9.82  ? 85  LEU A CD1 1 
ATOM   741  C CD2 . LEU A 1 89  ? 11.181  10.566  -4.810  1.00 10.08 ? 85  LEU A CD2 1 
ATOM   742  N N   . VAL A 1 90  ? 6.639   8.646   -4.541  1.00 6.13  ? 86  VAL A N   1 
ATOM   743  C CA  . VAL A 1 90  ? 6.245   7.513   -5.358  1.00 6.21  ? 86  VAL A CA  1 
ATOM   744  C C   . VAL A 1 90  ? 6.780   7.715   -6.770  1.00 6.54  ? 86  VAL A C   1 
ATOM   745  O O   . VAL A 1 90  ? 6.557   8.765   -7.384  1.00 7.28  ? 86  VAL A O   1 
ATOM   746  C CB  . VAL A 1 90  ? 4.715   7.353   -5.394  1.00 6.09  ? 86  VAL A CB  1 
ATOM   747  C CG1 . VAL A 1 90  ? 4.342   6.095   -6.140  1.00 7.23  ? 86  VAL A CG1 1 
ATOM   748  C CG2 . VAL A 1 90  ? 4.134   7.329   -3.985  1.00 7.09  ? 86  VAL A CG2 1 
ATOM   749  N N   . THR A 1 91  ? 7.499   6.715   -7.269  1.00 5.99  ? 87  THR A N   1 
ATOM   750  C CA  . THR A 1 91  ? 8.087   6.766   -8.605  1.00 7.82  ? 87  THR A CA  1 
ATOM   751  C C   . THR A 1 91  ? 7.815   5.447   -9.317  1.00 6.31  ? 87  THR A C   1 
ATOM   752  O O   . THR A 1 91  ? 7.506   4.447   -8.671  1.00 9.40  ? 87  THR A O   1 
ATOM   753  C CB  . THR A 1 91  ? 9.611   6.953   -8.528  1.00 8.62  ? 87  THR A CB  1 
ATOM   754  O OG1 . THR A 1 91  ? 10.179  5.875   -7.784  1.00 11.91 ? 87  THR A OG1 1 
ATOM   755  C CG2 . THR A 1 91  ? 9.969   8.259   -7.843  1.00 10.14 ? 87  THR A CG2 1 
ATOM   756  N N   . TRP A 1 92  ? 7.922   5.433   -10.638 1.00 6.56  ? 88  TRP A N   1 
ATOM   757  C CA  . TRP A 1 92  ? 7.876   4.177   -11.376 1.00 6.39  ? 88  TRP A CA  1 
ATOM   758  C C   . TRP A 1 92  ? 9.275   3.618   -11.559 1.00 6.58  ? 88  TRP A C   1 
ATOM   759  O O   . TRP A 1 92  ? 10.201  4.337   -11.950 1.00 7.82  ? 88  TRP A O   1 
ATOM   760  C CB  . TRP A 1 92  ? 7.272   4.385   -12.762 1.00 6.33  ? 88  TRP A CB  1 
ATOM   761  C CG  . TRP A 1 92  ? 5.801   4.625   -12.798 1.00 6.04  ? 88  TRP A CG  1 
ATOM   762  C CD1 . TRP A 1 92  ? 5.173   5.792   -13.108 1.00 6.73  ? 88  TRP A CD1 1 
ATOM   763  C CD2 . TRP A 1 92  ? 4.761   3.671   -12.535 1.00 6.04  ? 88  TRP A CD2 1 
ATOM   764  N NE1 . TRP A 1 92  ? 3.815   5.630   -13.062 1.00 6.77  ? 88  TRP A NE1 1 
ATOM   765  C CE2 . TRP A 1 92  ? 3.534   4.336   -12.713 1.00 5.83  ? 88  TRP A CE2 1 
ATOM   766  C CE3 . TRP A 1 92  ? 4.750   2.313   -12.185 1.00 5.98  ? 88  TRP A CE3 1 
ATOM   767  C CZ2 . TRP A 1 92  ? 2.303   3.697   -12.543 1.00 6.43  ? 88  TRP A CZ2 1 
ATOM   768  C CZ3 . TRP A 1 92  ? 3.526   1.680   -12.017 1.00 6.67  ? 88  TRP A CZ3 1 
ATOM   769  C CH2 . TRP A 1 92  ? 2.321   2.374   -12.185 1.00 6.78  ? 88  TRP A CH2 1 
ATOM   770  N N   . GLU A 1 93  ? 9.429   2.325   -11.296 1.00 5.94  ? 89  GLU A N   1 
ATOM   771  C CA  . GLU A 1 93  ? 10.588  1.575   -11.763 1.00 6.92  ? 89  GLU A CA  1 
ATOM   772  C C   . GLU A 1 93  ? 10.051  0.530   -12.718 1.00 6.36  ? 89  GLU A C   1 
ATOM   773  O O   . GLU A 1 93  ? 9.420   -0.444  -12.296 1.00 6.04  ? 89  GLU A O   1 
ATOM   774  C CB  . GLU A 1 93  ? 11.331  0.936   -10.590 1.00 8.03  ? 89  GLU A CB  1 
ATOM   775  C CG  . GLU A 1 93  ? 11.997  1.965   -9.691  1.00 10.89 ? 89  GLU A CG  1 
ATOM   776  C CD  . GLU A 1 93  ? 12.814  1.363   -8.570  1.00 12.09 ? 89  GLU A CD  1 
ATOM   777  O OE1 . GLU A 1 93  ? 13.319  2.150   -7.744  1.00 13.67 ? 89  GLU A OE1 1 
ATOM   778  O OE2 . GLU A 1 93  ? 12.950  0.125   -8.501  1.00 13.48 ? 89  GLU A OE2 1 
ATOM   779  N N   . GLY A 1 94  ? 10.223  0.775   -14.010 1.00 6.38  ? 90  GLY A N   1 
ATOM   780  C CA  . GLY A 1 94  ? 9.517   -0.022  -15.002 1.00 6.73  ? 90  GLY A CA  1 
ATOM   781  C C   . GLY A 1 94  ? 8.025   0.159   -14.801 1.00 6.19  ? 90  GLY A C   1 
ATOM   782  O O   . GLY A 1 94  ? 7.535   1.283   -14.791 1.00 5.90  ? 90  GLY A O   1 
ATOM   783  N N   . ASP A 1 95  ? 7.314   -0.951  -14.604 1.00 5.65  ? 91  ASP A N   1 
ATOM   784  C CA  . ASP A 1 95  ? 5.887   -0.908  -14.308 1.00 5.20  ? 91  ASP A CA  1 
ATOM   785  C C   . ASP A 1 95  ? 5.606   -1.291  -12.850 1.00 5.14  ? 91  ASP A C   1 
ATOM   786  O O   . ASP A 1 95  ? 4.518   -1.763  -12.529 1.00 5.50  ? 91  ASP A O   1 
ATOM   787  C CB  . ASP A 1 95  ? 5.105   -1.822  -15.259 1.00 5.88  ? 91  ASP A CB  1 
ATOM   788  C CG  . ASP A 1 95  ? 5.076   -1.320  -16.692 1.00 6.18  ? 91  ASP A CG  1 
ATOM   789  O OD1 . ASP A 1 95  ? 5.719   -0.298  -17.030 1.00 7.26  ? 91  ASP A OD1 1 
ATOM   790  O OD2 . ASP A 1 95  ? 4.377   -1.977  -17.496 1.00 7.97  ? 91  ASP A OD2 1 
ATOM   791  N N   . VAL A 1 96  ? 6.576   -1.057  -11.969 1.00 5.29  ? 92  VAL A N   1 
ATOM   792  C CA  . VAL A 1 96  ? 6.391   -1.233  -10.532 1.00 5.38  ? 92  VAL A CA  1 
ATOM   793  C C   . VAL A 1 96  ? 6.350   0.151   -9.891  1.00 5.21  ? 92  VAL A C   1 
ATOM   794  O O   . VAL A 1 96  ? 7.252   0.977   -10.097 1.00 5.34  ? 92  VAL A O   1 
ATOM   795  C CB  . VAL A 1 96  ? 7.515   -2.090  -9.916  1.00 5.41  ? 92  VAL A CB  1 
ATOM   796  C CG1 . VAL A 1 96  ? 7.318   -2.238  -8.407  1.00 6.23  ? 92  VAL A CG1 1 
ATOM   797  C CG2 . VAL A 1 96  ? 7.579   -3.453  -10.604 1.00 6.51  ? 92  VAL A CG2 1 
ATOM   798  N N   . LEU A 1 97  ? 5.286   0.406   -9.139  1.00 4.51  ? 93  LEU A N   1 
ATOM   799  C CA  . LEU A 1 97  ? 5.085   1.679   -8.479  1.00 5.39  ? 93  LEU A CA  1 
ATOM   800  C C   . LEU A 1 97  ? 5.798   1.599   -7.133  1.00 4.98  ? 93  LEU A C   1 
ATOM   801  O O   . LEU A 1 97  ? 5.456   0.754   -6.300  1.00 6.23  ? 93  LEU A O   1 
ATOM   802  C CB  . LEU A 1 97  ? 3.587   1.909   -8.289  1.00 5.46  ? 93  LEU A CB  1 
ATOM   803  C CG  . LEU A 1 97  ? 3.158   3.318   -7.913  1.00 5.59  ? 93  LEU A CG  1 
ATOM   804  C CD1 . LEU A 1 97  ? 3.474   4.323   -9.017  1.00 6.71  ? 93  LEU A CD1 1 
ATOM   805  C CD2 . LEU A 1 97  ? 1.683   3.316   -7.605  1.00 5.71  ? 93  LEU A CD2 1 
ATOM   806  N N   . VAL A 1 98  ? 6.816   2.436   -6.942  1.00 4.74  ? 94  VAL A N   1 
ATOM   807  C CA  . VAL A 1 98  ? 7.693   2.340   -5.771  1.00 5.50  ? 94  VAL A CA  1 
ATOM   808  C C   . VAL A 1 98  ? 7.533   3.565   -4.886  1.00 5.56  ? 94  VAL A C   1 
ATOM   809  O O   . VAL A 1 98  ? 7.704   4.701   -5.342  1.00 6.38  ? 94  VAL A O   1 
ATOM   810  C CB  . VAL A 1 98  ? 9.172   2.213   -6.192  1.00 6.38  ? 94  VAL A CB  1 
ATOM   811  C CG1 . VAL A 1 98  ? 10.090  2.202   -4.966  1.00 6.84  ? 94  VAL A CG1 1 
ATOM   812  C CG2 . VAL A 1 98  ? 9.367   0.959   -7.023  1.00 7.33  ? 94  VAL A CG2 1 
ATOM   813  N N   . CYS A 1 99  ? 7.194   3.341   -3.622  1.00 5.34  ? 95  CYS A N   1 
ATOM   814  C CA  . CYS A 1 99  ? 7.100   4.427   -2.662  1.00 6.27  ? 95  CYS A CA  1 
ATOM   815  C C   . CYS A 1 99  ? 8.196   4.299   -1.624  1.00 5.77  ? 95  CYS A C   1 
ATOM   816  O O   . CYS A 1 99  ? 8.386   3.228   -1.051  1.00 5.63  ? 95  CYS A O   1 
ATOM   817  C CB  . CYS A 1 99  ? 5.751   4.418   -1.971  1.00 6.32  ? 95  CYS A CB  1 
ATOM   818  S SG  . CYS A 1 99  ? 5.576   5.701   -0.719  1.00 7.10  ? 95  CYS A SG  1 
ATOM   819  N N   . VAL A 1 100 ? 8.923   5.389   -1.399  1.00 5.70  ? 96  VAL A N   1 
ATOM   820  C CA  . VAL A 1 100 ? 9.870   5.476   -0.298  1.00 6.07  ? 96  VAL A CA  1 
ATOM   821  C C   . VAL A 1 100 ? 9.335   6.483   0.707   1.00 5.44  ? 96  VAL A C   1 
ATOM   822  O O   . VAL A 1 100 ? 8.964   7.595   0.332   1.00 6.41  ? 96  VAL A O   1 
ATOM   823  C CB  . VAL A 1 100 ? 11.286  5.892   -0.787  1.00 6.84  ? 96  VAL A CB  1 
ATOM   824  C CG1 . VAL A 1 100 ? 12.251  6.052   0.385   1.00 8.92  ? 96  VAL A CG1 1 
ATOM   825  C CG2 . VAL A 1 100 ? 11.826  4.879   -1.798  1.00 8.19  ? 96  VAL A CG2 1 
ATOM   826  N N   . GLN A 1 101 ? 9.258   6.074   1.968   1.00 4.97  ? 97  GLN A N   1 
ATOM   827  C CA  . GLN A 1 101 ? 8.734   6.903   3.041   1.00 4.70  ? 97  GLN A CA  1 
ATOM   828  C C   . GLN A 1 101 ? 9.868   7.251   3.991   1.00 5.03  ? 97  GLN A C   1 
ATOM   829  O O   . GLN A 1 101 ? 10.219  6.459   4.868   1.00 5.85  ? 97  GLN A O   1 
ATOM   830  C CB  . GLN A 1 101 ? 7.624   6.153   3.772   1.00 5.36  ? 97  GLN A CB  1 
ATOM   831  C CG  . GLN A 1 101 ? 6.364   6.003   2.935   1.00 5.75  ? 97  GLN A CG  1 
ATOM   832  C CD  . GLN A 1 101 ? 5.361   5.020   3.516   1.00 6.04  ? 97  GLN A CD  1 
ATOM   833  O OE1 . GLN A 1 101 ? 4.150   5.276   3.523   1.00 8.50  ? 97  GLN A OE1 1 
ATOM   834  N NE2 . GLN A 1 101 ? 5.847   3.881   3.978   1.00 6.22  ? 97  GLN A NE2 1 
ATOM   835  N N   . LYS A 1 102 ? 10.473  8.413   3.784   1.00 5.31  ? 98  LYS A N   1 
ATOM   836  C CA  . LYS A 1 102 ? 11.626  8.816   4.582   1.00 5.86  ? 98  LYS A CA  1 
ATOM   837  C C   . LYS A 1 102 ? 11.176  9.386   5.910   1.00 5.50  ? 98  LYS A C   1 
ATOM   838  O O   . LYS A 1 102 ? 10.230  10.169  5.971   1.00 5.60  ? 98  LYS A O   1 
ATOM   839  C CB  . LYS A 1 102 ? 12.490  9.837   3.834   1.00 7.52  ? 98  LYS A CB  1 
ATOM   840  C CG  . LYS A 1 102 ? 13.228  9.272   2.623   1.00 9.76  ? 98  LYS A CG  1 
ATOM   841  C CD  . LYS A 1 102 ? 14.168  8.143   3.017   1.00 12.47 ? 98  LYS A CD  1 
ATOM   842  C CE  . LYS A 1 102 ? 15.140  7.804   1.894   1.00 13.99 ? 98  LYS A CE  1 
ATOM   843  N NZ  . LYS A 1 102 ? 16.240  6.915   2.356   1.00 16.53 ? 98  LYS A NZ  1 
ATOM   844  N N   . GLY A 1 103 ? 11.862  8.990   6.970   1.00 6.27  ? 99  GLY A N   1 
ATOM   845  C CA  . GLY A 1 103 ? 11.517  9.430   8.306   1.00 6.97  ? 99  GLY A CA  1 
ATOM   846  C C   . GLY A 1 103 ? 12.276  8.608   9.321   1.00 8.30  ? 99  GLY A C   1 
ATOM   847  O O   . GLY A 1 103 ? 13.339  8.063   9.024   1.00 9.63  ? 99  GLY A O   1 
ATOM   848  N N   . GLU A 1 104 ? 11.711  8.502   10.512  1.00 8.67  ? 100 GLU A N   1 
ATOM   849  C CA  . GLU A 1 104 ? 12.358  7.807   11.614  1.00 10.30 ? 100 GLU A CA  1 
ATOM   850  C C   . GLU A 1 104 ? 12.654  6.349   11.292  1.00 9.86  ? 100 GLU A C   1 
ATOM   851  O O   . GLU A 1 104 ? 13.773  5.877   11.500  1.00 9.89  ? 100 GLU A O   1 
ATOM   852  C CB  . GLU A 1 104 ? 11.501  7.912   12.875  1.00 13.69 ? 100 GLU A CB  1 
ATOM   853  C CG  . GLU A 1 104 ? 12.134  7.293   14.116  1.00 17.44 ? 100 GLU A CG  1 
ATOM   854  C CD  . GLU A 1 104 ? 11.588  5.920   14.429  1.00 19.73 ? 100 GLU A CD  1 
ATOM   855  O OE1 . GLU A 1 104 ? 10.346  5.770   14.473  1.00 21.51 ? 100 GLU A OE1 1 
ATOM   856  O OE2 . GLU A 1 104 ? 12.399  4.991   14.647  1.00 21.76 ? 100 GLU A OE2 1 
ATOM   857  N N   . LYS A 1 105 ? 11.655  5.626   10.799  1.00 7.67  ? 101 LYS A N   1 
ATOM   858  C CA  . LYS A 1 105 ? 11.852  4.214   10.498  1.00 7.91  ? 101 LYS A CA  1 
ATOM   859  C C   . LYS A 1 105 ? 12.736  4.040   9.272   1.00 7.35  ? 101 LYS A C   1 
ATOM   860  O O   . LYS A 1 105 ? 12.638  4.792   8.304   1.00 8.48  ? 101 LYS A O   1 
ATOM   861  C CB  . LYS A 1 105 ? 10.515  3.503   10.294  1.00 8.21  ? 101 LYS A CB  1 
ATOM   862  C CG  . LYS A 1 105 ? 9.604   3.532   11.508  1.00 8.89  ? 101 LYS A CG  1 
ATOM   863  C CD  . LYS A 1 105 ? 10.162  2.683   12.647  1.00 10.22 ? 101 LYS A CD  1 
ATOM   864  C CE  . LYS A 1 105 ? 9.307   2.797   13.886  1.00 10.11 ? 101 LYS A CE  1 
ATOM   865  N NZ  . LYS A 1 105 ? 9.860   1.998   15.007  1.00 11.82 ? 101 LYS A NZ  1 
ATOM   866  N N   . GLU A 1 106 ? 13.614  3.047   9.333   1.00 7.12  ? 102 GLU A N   1 
ATOM   867  C CA  . GLU A 1 106 ? 14.458  2.695   8.200   1.00 6.72  ? 102 GLU A CA  1 
ATOM   868  C C   . GLU A 1 106 ? 13.698  1.824   7.214   1.00 5.91  ? 102 GLU A C   1 
ATOM   869  O O   . GLU A 1 106 ? 12.809  1.072   7.610   1.00 6.32  ? 102 GLU A O   1 
ATOM   870  C CB  . GLU A 1 106 ? 15.698  1.919   8.660   1.00 8.89  ? 102 GLU A CB  1 
ATOM   871  C CG  . GLU A 1 106 ? 16.483  2.557   9.800   1.00 11.86 ? 102 GLU A CG  1 
ATOM   872  C CD  . GLU A 1 106 ? 16.953  3.962   9.488   1.00 13.82 ? 102 GLU A CD  1 
ATOM   873  O OE1 . GLU A 1 106 ? 17.112  4.760   10.435  1.00 16.59 ? 102 GLU A OE1 1 
ATOM   874  O OE2 . GLU A 1 106 ? 17.147  4.281   8.299   1.00 14.95 ? 102 GLU A OE2 1 
ATOM   875  N N   . ASN A 1 107 ? 14.071  1.912   5.938   1.00 5.56  ? 103 ASN A N   1 
ATOM   876  C CA  . ASN A 1 107 ? 13.623  0.950   4.922   1.00 5.46  ? 103 ASN A CA  1 
ATOM   877  C C   . ASN A 1 107 ? 12.102  0.907   4.801   1.00 5.80  ? 103 ASN A C   1 
ATOM   878  O O   . ASN A 1 107 ? 11.506  -0.151  4.566   1.00 6.50  ? 103 ASN A O   1 
ATOM   879  C CB  . ASN A 1 107 ? 14.167  -0.450  5.232   1.00 6.74  ? 103 ASN A CB  1 
ATOM   880  C CG  . ASN A 1 107 ? 15.663  -0.461  5.429   1.00 6.90  ? 103 ASN A CG  1 
ATOM   881  O OD1 . ASN A 1 107 ? 16.383  0.346   4.844   1.00 7.08  ? 103 ASN A OD1 1 
ATOM   882  N ND2 . ASN A 1 107 ? 16.141  -1.389  6.250   1.00 7.15  ? 103 ASN A ND2 1 
ATOM   883  N N   . ARG A 1 108 ? 11.481  2.067   4.986   1.00 6.03  ? 104 ARG A N   1 
ATOM   884  C CA  . ARG A 1 108 ? 10.038  2.161   5.015   1.00 4.89  ? 104 ARG A CA  1 
ATOM   885  C C   . ARG A 1 108 ? 9.502   2.584   3.655   1.00 4.87  ? 104 ARG A C   1 
ATOM   886  O O   . ARG A 1 108 ? 9.953   3.564   3.070   1.00 5.50  ? 104 ARG A O   1 
ATOM   887  C CB  . ARG A 1 108 ? 9.589   3.133   6.095   1.00 5.60  ? 104 ARG A CB  1 
ATOM   888  C CG  . ARG A 1 108 ? 8.098   3.165   6.287   1.00 5.29  ? 104 ARG A CG  1 
ATOM   889  C CD  . ARG A 1 108 ? 7.659   4.271   7.225   1.00 5.64  ? 104 ARG A CD  1 
ATOM   890  N NE  . ARG A 1 108 ? 6.208   4.264   7.367   1.00 5.97  ? 104 ARG A NE  1 
ATOM   891  C CZ  . ARG A 1 108 ? 5.542   4.681   8.440   1.00 6.05  ? 104 ARG A CZ  1 
ATOM   892  N NH1 . ARG A 1 108 ? 6.191   5.201   9.473   1.00 6.69  ? 104 ARG A NH1 1 
ATOM   893  N NH2 . ARG A 1 108 ? 4.221   4.559   8.483   1.00 6.35  ? 104 ARG A NH2 1 
ATOM   894  N N   . GLY A 1 109 ? 8.529   1.833   3.158   1.00 4.76  ? 105 GLY A N   1 
ATOM   895  C CA  . GLY A 1 109 ? 7.918   2.148   1.879   1.00 5.37  ? 105 GLY A CA  1 
ATOM   896  C C   . GLY A 1 109 ? 7.068   1.000   1.396   1.00 4.26  ? 105 GLY A C   1 
ATOM   897  O O   . GLY A 1 109 ? 6.682   0.128   2.175   1.00 5.26  ? 105 GLY A O   1 
ATOM   898  N N   . TRP A 1 110 ? 6.776   1.003   0.105   1.00 4.99  ? 106 TRP A N   1 
ATOM   899  C CA  . TRP A 1 110 ? 6.008   -0.069  -0.500  1.00 4.95  ? 106 TRP A CA  1 
ATOM   900  C C   . TRP A 1 110 ? 6.229   -0.104  -1.997  1.00 4.04  ? 106 TRP A C   1 
ATOM   901  O O   . TRP A 1 110 ? 6.727   0.857   -2.583  1.00 4.70  ? 106 TRP A O   1 
ATOM   902  C CB  . TRP A 1 110 ? 4.509   0.040   -0.170  1.00 5.65  ? 106 TRP A CB  1 
ATOM   903  C CG  . TRP A 1 110 ? 3.860   1.377   -0.393  1.00 5.34  ? 106 TRP A CG  1 
ATOM   904  C CD1 . TRP A 1 110 ? 3.552   2.295   0.562   1.00 6.15  ? 106 TRP A CD1 1 
ATOM   905  C CD2 . TRP A 1 110 ? 3.387   1.922   -1.637  1.00 5.02  ? 106 TRP A CD2 1 
ATOM   906  N NE1 . TRP A 1 110 ? 2.930   3.386   0.000   1.00 6.41  ? 106 TRP A NE1 1 
ATOM   907  C CE2 . TRP A 1 110 ? 2.816   3.183   -1.348  1.00 6.01  ? 106 TRP A CE2 1 
ATOM   908  C CE3 . TRP A 1 110 ? 3.402   1.475   -2.969  1.00 5.20  ? 106 TRP A CE3 1 
ATOM   909  C CZ2 . TRP A 1 110 ? 2.271   4.006   -2.339  1.00 6.55  ? 106 TRP A CZ2 1 
ATOM   910  C CZ3 . TRP A 1 110 ? 2.856   2.301   -3.953  1.00 6.49  ? 106 TRP A CZ3 1 
ATOM   911  C CH2 . TRP A 1 110 ? 2.304   3.551   -3.632  1.00 6.37  ? 106 TRP A CH2 1 
ATOM   912  N N   . LYS A 1 111 ? 5.880   -1.234  -2.600  1.00 4.33  ? 107 LYS A N   1 
ATOM   913  C CA  . LYS A 1 111 ? 5.952   -1.420  -4.044  1.00 4.30  ? 107 LYS A CA  1 
ATOM   914  C C   . LYS A 1 111 ? 4.673   -2.103  -4.493  1.00 4.07  ? 107 LYS A C   1 
ATOM   915  O O   . LYS A 1 111 ? 4.236   -3.074  -3.873  1.00 5.25  ? 107 LYS A O   1 
ATOM   916  C CB  . LYS A 1 111 ? 7.175   -2.263  -4.419  1.00 5.70  ? 107 LYS A CB  1 
ATOM   917  C CG  . LYS A 1 111 ? 8.501   -1.607  -4.065  1.00 6.34  ? 107 LYS A CG  1 
ATOM   918  C CD  . LYS A 1 111 ? 9.696   -2.403  -4.536  1.00 7.22  ? 107 LYS A CD  1 
ATOM   919  C CE  . LYS A 1 111 ? 10.978  -1.736  -4.063  1.00 8.82  ? 107 LYS A CE  1 
ATOM   920  N NZ  . LYS A 1 111 ? 12.212  -2.483  -4.432  1.00 9.61  ? 107 LYS A NZ  1 
ATOM   921  N N   . GLN A 1 112 ? 4.070   -1.593  -5.561  1.00 4.21  ? 108 GLN A N   1 
ATOM   922  C CA  . GLN A 1 112 ? 2.762   -2.052  -6.014  1.00 4.20  ? 108 GLN A CA  1 
ATOM   923  C C   . GLN A 1 112 ? 2.791   -2.254  -7.511  1.00 4.45  ? 108 GLN A C   1 
ATOM   924  O O   . GLN A 1 112 ? 3.243   -1.380  -8.249  1.00 5.21  ? 108 GLN A O   1 
ATOM   925  C CB  . GLN A 1 112 ? 1.712   -1.009  -5.646  1.00 4.58  ? 108 GLN A CB  1 
ATOM   926  C CG  . GLN A 1 112 ? 0.287   -1.373  -6.000  1.00 5.12  ? 108 GLN A CG  1 
ATOM   927  C CD  . GLN A 1 112 ? -0.679  -0.463  -5.307  1.00 5.67  ? 108 GLN A CD  1 
ATOM   928  O OE1 . GLN A 1 112 ? -1.032  -0.695  -4.144  1.00 6.73  ? 108 GLN A OE1 1 
ATOM   929  N NE2 . GLN A 1 112 ? -1.081  0.609   -5.982  1.00 6.43  ? 108 GLN A NE2 1 
ATOM   930  N N   . TRP A 1 113 ? 2.308   -3.399  -7.973  1.00 5.03  ? 109 TRP A N   1 
ATOM   931  C CA  . TRP A 1 113 ? 2.386   -3.698  -9.395  1.00 5.29  ? 109 TRP A CA  1 
ATOM   932  C C   . TRP A 1 113 ? 1.300   -4.675  -9.820  1.00 5.60  ? 109 TRP A C   1 
ATOM   933  O O   . TRP A 1 113 ? 0.777   -5.443  -9.003  1.00 6.53  ? 109 TRP A O   1 
ATOM   934  C CB  . TRP A 1 113 ? 3.782   -4.220  -9.763  1.00 6.21  ? 109 TRP A CB  1 
ATOM   935  C CG  . TRP A 1 113 ? 4.083   -5.592  -9.259  1.00 6.12  ? 109 TRP A CG  1 
ATOM   936  C CD1 . TRP A 1 113 ? 4.015   -6.751  -9.975  1.00 6.96  ? 109 TRP A CD1 1 
ATOM   937  C CD2 . TRP A 1 113 ? 4.500   -5.963  -7.934  1.00 6.34  ? 109 TRP A CD2 1 
ATOM   938  N NE1 . TRP A 1 113 ? 4.365   -7.818  -9.187  1.00 7.40  ? 109 TRP A NE1 1 
ATOM   939  C CE2 . TRP A 1 113 ? 4.661   -7.365  -7.928  1.00 6.85  ? 109 TRP A CE2 1 
ATOM   940  C CE3 . TRP A 1 113 ? 4.750   -5.248  -6.754  1.00 6.35  ? 109 TRP A CE3 1 
ATOM   941  C CZ2 . TRP A 1 113 ? 5.063   -8.073  -6.787  1.00 7.07  ? 109 TRP A CZ2 1 
ATOM   942  C CZ3 . TRP A 1 113 ? 5.148   -5.957  -5.616  1.00 6.41  ? 109 TRP A CZ3 1 
ATOM   943  C CH2 . TRP A 1 113 ? 5.303   -7.356  -5.647  1.00 7.14  ? 109 TRP A CH2 1 
ATOM   944  N N   . ILE A 1 114 ? 0.977   -4.639  -11.109 1.00 6.09  ? 110 ILE A N   1 
ATOM   945  C CA  . ILE A 1 114 ? -0.012  -5.535  -11.704 1.00 7.01  ? 110 ILE A CA  1 
ATOM   946  C C   . ILE A 1 114 ? 0.706   -6.681  -12.404 1.00 7.33  ? 110 ILE A C   1 
ATOM   947  O O   . ILE A 1 114 ? 1.676   -6.464  -13.137 1.00 8.21  ? 110 ILE A O   1 
ATOM   948  C CB  . ILE A 1 114 ? -0.878  -4.804  -12.759 1.00 8.11  ? 110 ILE A CB  1 
ATOM   949  C CG1 . ILE A 1 114 ? -1.558  -3.561  -12.167 1.00 9.89  ? 110 ILE A CG1 1 
ATOM   950  C CG2 . ILE A 1 114 ? -1.883  -5.768  -13.437 1.00 9.05  ? 110 ILE A CG2 1 
ATOM   951  C CD1 . ILE A 1 114 ? -2.388  -3.819  -10.922 1.00 11.83 ? 110 ILE A CD1 1 
ATOM   952  N N   . GLU A 1 115 ? 0.222   -7.899  -12.185 1.00 7.91  ? 111 GLU A N   1 
ATOM   953  C CA  . GLU A 1 115 ? 0.596   -9.038  -13.027 1.00 10.29 ? 111 GLU A CA  1 
ATOM   954  C C   . GLU A 1 115 ? -0.680  -9.613  -13.600 1.00 10.98 ? 111 GLU A C   1 
ATOM   955  O O   . GLU A 1 115 ? -1.461  -10.246 -12.884 1.00 11.43 ? 111 GLU A O   1 
ATOM   956  C CB  . GLU A 1 115 ? 1.314   -10.124 -12.231 1.00 10.62 ? 111 GLU A CB  1 
ATOM   957  C CG  . GLU A 1 115 ? 2.604   -9.682  -11.574 1.00 11.04 ? 111 GLU A CG  1 
ATOM   958  C CD  . GLU A 1 115 ? 3.282   -10.802 -10.795 1.00 10.90 ? 111 GLU A CD  1 
ATOM   959  O OE1 . GLU A 1 115 ? 2.917   -11.987 -10.981 1.00 11.90 ? 111 GLU A OE1 1 
ATOM   960  O OE2 . GLU A 1 115 ? 4.181   -10.503 -9.987  1.00 10.18 ? 111 GLU A OE2 1 
ATOM   961  N N   . GLY A 1 116 ? -0.904  -9.377  -14.887 1.00 12.55 ? 112 GLY A N   1 
ATOM   962  C CA  . GLY A 1 116 ? -2.113  -9.848  -15.547 1.00 12.86 ? 112 GLY A CA  1 
ATOM   963  C C   . GLY A 1 116 ? -3.360  -9.276  -14.906 1.00 12.69 ? 112 GLY A C   1 
ATOM   964  O O   . GLY A 1 116 ? -3.659  -8.088  -15.056 1.00 14.05 ? 112 GLY A O   1 
ATOM   965  N N   . ASP A 1 117 ? -4.074  -10.121 -14.167 1.00 12.89 ? 113 ASP A N   1 
ATOM   966  C CA  . ASP A 1 117 ? -5.353  -9.739  -13.586 1.00 12.79 ? 113 ASP A CA  1 
ATOM   967  C C   . ASP A 1 117 ? -5.311  -9.585  -12.062 1.00 10.35 ? 113 ASP A C   1 
ATOM   968  O O   . ASP A 1 117 ? -6.360  -9.537  -11.428 1.00 10.51 ? 113 ASP A O   1 
ATOM   969  C CB  . ASP A 1 117 ? -6.437  -10.751 -13.986 1.00 15.59 ? 113 ASP A CB  1 
ATOM   970  C CG  . ASP A 1 117 ? -6.263  -12.101 -13.306 1.00 17.64 ? 113 ASP A CG  1 
ATOM   971  O OD1 . ASP A 1 117 ? -5.138  -12.411 -12.856 1.00 19.12 ? 113 ASP A OD1 1 
ATOM   972  O OD2 . ASP A 1 117 ? -7.255  -12.855 -13.222 1.00 19.66 ? 113 ASP A OD2 1 
ATOM   973  N N   . LYS A 1 118 ? -4.109  -9.512  -11.480 1.00 9.18  ? 114 LYS A N   1 
ATOM   974  C CA  . LYS A 1 118 ? -3.960  -9.335  -10.027 1.00 7.96  ? 114 LYS A CA  1 
ATOM   975  C C   . LYS A 1 118 ? -3.058  -8.153  -9.692  1.00 7.18  ? 114 LYS A C   1 
ATOM   976  O O   . LYS A 1 118 ? -2.167  -7.801  -10.466 1.00 7.98  ? 114 LYS A O   1 
ATOM   977  C CB  . LYS A 1 118 ? -3.419  -10.606 -9.368  1.00 9.63  ? 114 LYS A CB  1 
ATOM   978  C CG  . LYS A 1 118 ? -4.351  -11.804 -9.483  1.00 10.88 ? 114 LYS A CG  1 
ATOM   979  C CD  . LYS A 1 118 ? -3.890  -12.968 -8.613  1.00 12.68 ? 114 LYS A CD  1 
ATOM   980  C CE  . LYS A 1 118 ? -4.756  -14.205 -8.846  1.00 14.02 ? 114 LYS A CE  1 
ATOM   981  N NZ  . LYS A 1 118 ? -4.351  -15.334 -7.973  1.00 15.91 ? 114 LYS A NZ  1 
ATOM   982  N N   . LEU A 1 119 ? -3.293  -7.568  -8.523  1.00 6.18  ? 115 LEU A N   1 
ATOM   983  C CA  . LEU A 1 119 ? -2.483  -6.476  -8.001  1.00 5.64  ? 115 LEU A CA  1 
ATOM   984  C C   . LEU A 1 119 ? -1.680  -6.978  -6.803  1.00 5.53  ? 115 LEU A C   1 
ATOM   985  O O   . LEU A 1 119 ? -2.224  -7.647  -5.916  1.00 5.56  ? 115 LEU A O   1 
ATOM   986  C CB  . LEU A 1 119 ? -3.387  -5.307  -7.608  1.00 6.12  ? 115 LEU A CB  1 
ATOM   987  C CG  . LEU A 1 119 ? -2.713  -4.071  -6.997  1.00 5.74  ? 115 LEU A CG  1 
ATOM   988  C CD1 . LEU A 1 119 ? -3.446  -2.800  -7.401  1.00 8.63  ? 115 LEU A CD1 1 
ATOM   989  C CD2 . LEU A 1 119 ? -2.577  -4.175  -5.479  1.00 8.45  ? 115 LEU A CD2 1 
ATOM   990  N N   . TYR A 1 120 ? -0.396  -6.645  -6.793  1.00 5.50  ? 116 TYR A N   1 
ATOM   991  C CA  . TYR A 1 120 ? 0.542   -7.076  -5.765  1.00 5.75  ? 116 TYR A CA  1 
ATOM   992  C C   . TYR A 1 120 ? 1.041   -5.863  -5.018  1.00 5.11  ? 116 TYR A C   1 
ATOM   993  O O   . TYR A 1 120 ? 1.280   -4.815  -5.623  1.00 5.01  ? 116 TYR A O   1 
ATOM   994  C CB  . TYR A 1 120 ? 1.719   -7.802  -6.411  1.00 7.50  ? 116 TYR A CB  1 
ATOM   995  C CG  . TYR A 1 120 ? 1.298   -9.072  -7.111  1.00 8.23  ? 116 TYR A CG  1 
ATOM   996  C CD1 . TYR A 1 120 ? 0.644   -9.031  -8.349  1.00 8.66  ? 116 TYR A CD1 1 
ATOM   997  C CD2 . TYR A 1 120 ? 1.512   -10.316 -6.522  1.00 8.98  ? 116 TYR A CD2 1 
ATOM   998  C CE1 . TYR A 1 120 ? 0.221   -10.189 -8.975  1.00 9.47  ? 116 TYR A CE1 1 
ATOM   999  C CE2 . TYR A 1 120 ? 1.099   -11.486 -7.153  1.00 9.20  ? 116 TYR A CE2 1 
ATOM   1000 C CZ  . TYR A 1 120 ? 0.452   -11.409 -8.376  1.00 9.17  ? 116 TYR A CZ  1 
ATOM   1001 O OH  . TYR A 1 120 ? 0.027   -12.564 -9.009  1.00 9.99  ? 116 TYR A OH  1 
ATOM   1002 N N   . LEU A 1 121 ? 1.186   -6.000  -3.704  1.00 5.19  ? 117 LEU A N   1 
ATOM   1003 C CA  . LEU A 1 121 ? 1.696   -4.916  -2.873  1.00 5.95  ? 117 LEU A CA  1 
ATOM   1004 C C   . LEU A 1 121 ? 2.640   -5.483  -1.828  1.00 5.98  ? 117 LEU A C   1 
ATOM   1005 O O   . LEU A 1 121 ? 2.252   -6.356  -1.047  1.00 7.44  ? 117 LEU A O   1 
ATOM   1006 C CB  . LEU A 1 121 ? 0.544   -4.160  -2.196  1.00 7.28  ? 117 LEU A CB  1 
ATOM   1007 C CG  . LEU A 1 121 ? 0.900   -3.043  -1.206  1.00 7.28  ? 117 LEU A CG  1 
ATOM   1008 C CD1 . LEU A 1 121 ? 1.627   -1.895  -1.910  1.00 7.65  ? 117 LEU A CD1 1 
ATOM   1009 C CD2 . LEU A 1 121 ? -0.359  -2.529  -0.499  1.00 8.17  ? 117 LEU A CD2 1 
ATOM   1010 N N   . GLU A 1 122 ? 3.877   -4.987  -1.824  1.00 5.56  ? 118 GLU A N   1 
ATOM   1011 C CA  . GLU A 1 122 ? 4.875   -5.348  -0.814  1.00 7.11  ? 118 GLU A CA  1 
ATOM   1012 C C   . GLU A 1 122 ? 5.130   -4.127  0.055   1.00 5.60  ? 118 GLU A C   1 
ATOM   1013 O O   . GLU A 1 122 ? 5.516   -3.080  -0.459  1.00 7.28  ? 118 GLU A O   1 
ATOM   1014 C CB  . GLU A 1 122 ? 6.179   -5.802  -1.494  1.00 9.00  ? 118 GLU A CB  1 
ATOM   1015 C CG  . GLU A 1 122 ? 7.423   -5.851  -0.602  1.00 13.09 ? 118 GLU A CG  1 
ATOM   1016 C CD  . GLU A 1 122 ? 8.660   -6.373  -1.334  1.00 14.04 ? 118 GLU A CD  1 
ATOM   1017 O OE1 . GLU A 1 122 ? 9.670   -5.633  -1.418  1.00 16.57 ? 118 GLU A OE1 1 
ATOM   1018 O OE2 . GLU A 1 122 ? 8.621   -7.523  -1.826  1.00 16.20 ? 118 GLU A OE2 1 
ATOM   1019 N N   . LEU A 1 123 ? 4.900   -4.257  1.357   1.00 4.83  ? 119 LEU A N   1 
ATOM   1020 C CA  . LEU A 1 123 ? 5.083   -3.164  2.304   1.00 5.55  ? 119 LEU A CA  1 
ATOM   1021 C C   . LEU A 1 123 ? 6.304   -3.457  3.153   1.00 4.96  ? 119 LEU A C   1 
ATOM   1022 O O   . LEU A 1 123 ? 6.460   -4.580  3.625   1.00 5.90  ? 119 LEU A O   1 
ATOM   1023 C CB  . LEU A 1 123 ? 3.858   -3.053  3.211   1.00 8.15  ? 119 LEU A CB  1 
ATOM   1024 C CG  . LEU A 1 123 ? 2.524   -2.702  2.544   1.00 9.71  ? 119 LEU A CG  1 
ATOM   1025 C CD1 . LEU A 1 123 ? 1.419   -3.647  2.983   1.00 12.91 ? 119 LEU A CD1 1 
ATOM   1026 C CD2 . LEU A 1 123 ? 2.138   -1.239  2.816   1.00 10.62 ? 119 LEU A CD2 1 
ATOM   1027 N N   . THR A 1 124 ? 7.160   -2.458  3.362   1.00 4.86  ? 120 THR A N   1 
ATOM   1028 C CA  . THR A 1 124 ? 8.395   -2.682  4.110   1.00 5.47  ? 120 THR A CA  1 
ATOM   1029 C C   . THR A 1 124 ? 8.561   -1.685  5.239   1.00 5.26  ? 120 THR A C   1 
ATOM   1030 O O   . THR A 1 124 ? 8.164   -0.522  5.131   1.00 5.41  ? 120 THR A O   1 
ATOM   1031 C CB  . THR A 1 124 ? 9.640   -2.613  3.207   1.00 5.53  ? 120 THR A CB  1 
ATOM   1032 O OG1 . THR A 1 124 ? 9.761   -1.294  2.657   1.00 6.61  ? 120 THR A OG1 1 
ATOM   1033 C CG2 . THR A 1 124 ? 9.534   -3.621  2.082   1.00 6.68  ? 120 THR A CG2 1 
ATOM   1034 N N   . CYS A 1 125 ? 9.162   -2.159  6.322   1.00 5.21  ? 121 CYS A N   1 
ATOM   1035 C CA  . CYS A 1 125 ? 9.617   -1.303  7.398   1.00 5.36  ? 121 CYS A CA  1 
ATOM   1036 C C   . CYS A 1 125 ? 10.698  -2.051  8.155   1.00 6.22  ? 121 CYS A C   1 
ATOM   1037 O O   . CYS A 1 125 ? 10.505  -3.200  8.556   1.00 6.43  ? 121 CYS A O   1 
ATOM   1038 C CB  . CYS A 1 125 ? 8.472   -0.922  8.337   1.00 5.88  ? 121 CYS A CB  1 
ATOM   1039 S SG  . CYS A 1 125 ? 8.936   0.301   9.574   1.00 7.88  ? 121 CYS A SG  1 
ATOM   1040 N N   . GLY A 1 126 ? 11.852  -1.407  8.325   1.00 6.31  ? 122 GLY A N   1 
ATOM   1041 C CA  . GLY A 1 126 ? 12.978  -2.031  9.025   1.00 7.91  ? 122 GLY A CA  1 
ATOM   1042 C C   . GLY A 1 126 ? 13.401  -3.299  8.312   1.00 7.32  ? 122 GLY A C   1 
ATOM   1043 O O   . GLY A 1 126 ? 13.730  -3.259  7.127   1.00 7.93  ? 122 GLY A O   1 
ATOM   1044 N N   . ASP A 1 127 ? 13.365  -4.424  9.020   1.00 7.33  ? 123 ASP A N   1 
ATOM   1045 C CA  . ASP A 1 127 ? 13.711  -5.710  8.417   1.00 8.32  ? 123 ASP A CA  1 
ATOM   1046 C C   . ASP A 1 127 ? 12.472  -6.561  8.115   1.00 7.41  ? 123 ASP A C   1 
ATOM   1047 O O   . ASP A 1 127 ? 12.572  -7.778  7.915   1.00 8.74  ? 123 ASP A O   1 
ATOM   1048 C CB  . ASP A 1 127 ? 14.708  -6.488  9.297   1.00 10.55 ? 123 ASP A CB  1 
ATOM   1049 C CG  . ASP A 1 127 ? 14.119  -6.910  10.640  1.00 12.18 ? 123 ASP A CG  1 
ATOM   1050 O OD1 . ASP A 1 127 ? 12.978  -6.529  10.964  1.00 11.81 ? 123 ASP A OD1 1 
ATOM   1051 O OD2 . ASP A 1 127 ? 14.818  -7.625  11.392  1.00 14.09 ? 123 ASP A OD2 1 
ATOM   1052 N N   . GLN A 1 128 ? 11.305  -5.917  8.085   1.00 6.88  ? 124 GLN A N   1 
ATOM   1053 C CA  . GLN A 1 128 ? 10.045  -6.609  7.852   1.00 7.13  ? 124 GLN A CA  1 
ATOM   1054 C C   . GLN A 1 128 ? 9.500   -6.315  6.465   1.00 6.47  ? 124 GLN A C   1 
ATOM   1055 O O   . GLN A 1 128 ? 9.552   -5.175  5.985   1.00 6.62  ? 124 GLN A O   1 
ATOM   1056 C CB  . GLN A 1 128 ? 9.008   -6.231  8.912   1.00 7.10  ? 124 GLN A CB  1 
ATOM   1057 C CG  . GLN A 1 128 ? 9.417   -6.591  10.325  1.00 7.72  ? 124 GLN A CG  1 
ATOM   1058 C CD  . GLN A 1 128 ? 9.619   -8.076  10.512  1.00 8.25  ? 124 GLN A CD  1 
ATOM   1059 O OE1 . GLN A 1 128 ? 8.751   -8.882  10.177  1.00 8.71  ? 124 GLN A OE1 1 
ATOM   1060 N NE2 . GLN A 1 128 ? 10.780  -8.451  11.038  1.00 9.81  ? 124 GLN A NE2 1 
ATOM   1061 N N   . VAL A 1 129 ? 8.985   -7.367  5.836   1.00 5.85  ? 125 VAL A N   1 
ATOM   1062 C CA  . VAL A 1 129 ? 8.326   -7.281  4.541   1.00 6.44  ? 125 VAL A CA  1 
ATOM   1063 C C   . VAL A 1 129 ? 6.974   -7.975  4.632   1.00 6.05  ? 125 VAL A C   1 
ATOM   1064 O O   . VAL A 1 129 ? 6.890   -9.137  5.042   1.00 6.25  ? 125 VAL A O   1 
ATOM   1065 C CB  . VAL A 1 129 ? 9.170   -7.963  3.442   1.00 7.58  ? 125 VAL A CB  1 
ATOM   1066 C CG1 . VAL A 1 129 ? 8.483   -7.871  2.095   1.00 8.75  ? 125 VAL A CG1 1 
ATOM   1067 C CG2 . VAL A 1 129 ? 10.572  -7.359  3.375   1.00 8.60  ? 125 VAL A CG2 1 
ATOM   1068 N N   . CYS A 1 130 ? 5.923   -7.254  4.257   1.00 5.60  ? 126 CYS A N   1 
ATOM   1069 C CA  . CYS A 1 130 ? 4.581   -7.812  4.156   1.00 5.56  ? 126 CYS A CA  1 
ATOM   1070 C C   . CYS A 1 130 ? 4.224   -7.926  2.676   1.00 5.80  ? 126 CYS A C   1 
ATOM   1071 O O   . CYS A 1 130 ? 4.418   -6.973  1.915   1.00 6.96  ? 126 CYS A O   1 
ATOM   1072 C CB  . CYS A 1 130 ? 3.591   -6.903  4.885   1.00 6.40  ? 126 CYS A CB  1 
ATOM   1073 S SG  . CYS A 1 130 ? 1.864   -7.199  4.523   1.00 6.17  ? 126 CYS A SG  1 
ATOM   1074 N N   . ARG A 1 131 ? 3.739   -9.094  2.265   1.00 5.38  ? 127 ARG A N   1 
ATOM   1075 C CA  . ARG A 1 131 ? 3.334   -9.301  0.879   1.00 6.46  ? 127 ARG A CA  1 
ATOM   1076 C C   . ARG A 1 131 ? 1.835   -9.517  0.790   1.00 5.94  ? 127 ARG A C   1 
ATOM   1077 O O   . ARG A 1 131 ? 1.275   -10.380 1.475   1.00 6.19  ? 127 ARG A O   1 
ATOM   1078 C CB  . ARG A 1 131 ? 4.068   -10.489 0.258   1.00 9.22  ? 127 ARG A CB  1 
ATOM   1079 C CG  . ARG A 1 131 ? 3.650   -10.764 -1.188  1.00 13.06 ? 127 ARG A CG  1 
ATOM   1080 C CD  . ARG A 1 131 ? 4.723   -11.512 -1.954  1.00 15.99 ? 127 ARG A CD  1 
ATOM   1081 N NE  . ARG A 1 131 ? 5.465   -10.625 -2.851  1.00 18.87 ? 127 ARG A NE  1 
ATOM   1082 C CZ  . ARG A 1 131 ? 6.535   -9.912  -2.505  1.00 20.18 ? 127 ARG A CZ  1 
ATOM   1083 N NH1 . ARG A 1 131 ? 7.136   -9.147  -3.402  1.00 20.84 ? 127 ARG A NH1 1 
ATOM   1084 N NH2 . ARG A 1 131 ? 7.015   -9.965  -1.268  1.00 21.19 ? 127 ARG A NH2 1 
ATOM   1085 N N   . GLN A 1 132 ? 1.192   -8.736  -0.074  1.00 5.38  ? 128 GLN A N   1 
ATOM   1086 C CA  . GLN A 1 132 ? -0.252  -8.796  -0.262  1.00 5.85  ? 128 GLN A CA  1 
ATOM   1087 C C   . GLN A 1 132 ? -0.550  -9.038  -1.722  1.00 5.33  ? 128 GLN A C   1 
ATOM   1088 O O   . GLN A 1 132 ? 0.173   -8.536  -2.607  1.00 6.30  ? 128 GLN A O   1 
ATOM   1089 C CB  . GLN A 1 132 ? -0.892  -7.487  0.179   1.00 6.15  ? 128 GLN A CB  1 
ATOM   1090 C CG  . GLN A 1 132 ? -0.567  -7.132  1.612   1.00 6.64  ? 128 GLN A CG  1 
ATOM   1091 C CD  . GLN A 1 132 ? -1.265  -5.881  2.093   1.00 6.46  ? 128 GLN A CD  1 
ATOM   1092 O OE1 . GLN A 1 132 ? -1.751  -5.074  1.295   1.00 7.50  ? 128 GLN A OE1 1 
ATOM   1093 N NE2 . GLN A 1 132 ? -1.311  -5.701  3.411   1.00 6.55  ? 128 GLN A NE2 1 
ATOM   1094 N N   . VAL A 1 133 ? -1.586  -9.827  -1.980  1.00 4.62  ? 129 VAL A N   1 
ATOM   1095 C CA  . VAL A 1 133 ? -2.052  -10.039 -3.340  1.00 5.26  ? 129 VAL A CA  1 
ATOM   1096 C C   . VAL A 1 133 ? -3.538  -9.774  -3.359  1.00 4.77  ? 129 VAL A C   1 
ATOM   1097 O O   . VAL A 1 133 ? -4.253  -10.188 -2.449  1.00 4.79  ? 129 VAL A O   1 
ATOM   1098 C CB  . VAL A 1 133 ? -1.763  -11.470 -3.841  1.00 6.32  ? 129 VAL A CB  1 
ATOM   1099 C CG1 . VAL A 1 133 ? -2.139  -11.611 -5.318  1.00 7.73  ? 129 VAL A CG1 1 
ATOM   1100 C CG2 . VAL A 1 133 ? -0.300  -11.833 -3.639  1.00 7.36  ? 129 VAL A CG2 1 
ATOM   1101 N N   . PHE A 1 134 ? -3.985  -9.058  -4.387  1.00 4.81  ? 130 PHE A N   1 
ATOM   1102 C CA  . PHE A 1 134 ? -5.380  -8.691  -4.557  1.00 5.22  ? 130 PHE A CA  1 
ATOM   1103 C C   . PHE A 1 134 ? -5.893  -9.230  -5.888  1.00 5.95  ? 130 PHE A C   1 
ATOM   1104 O O   . PHE A 1 134 ? -5.249  -9.072  -6.937  1.00 7.15  ? 130 PHE A O   1 
ATOM   1105 C CB  . PHE A 1 134 ? -5.549  -7.164  -4.566  1.00 5.78  ? 130 PHE A CB  1 
ATOM   1106 C CG  . PHE A 1 134 ? -5.220  -6.485  -3.258  1.00 5.84  ? 130 PHE A CG  1 
ATOM   1107 C CD1 . PHE A 1 134 ? -3.905  -6.343  -2.832  1.00 6.60  ? 130 PHE A CD1 1 
ATOM   1108 C CD2 . PHE A 1 134 ? -6.228  -5.913  -2.490  1.00 5.86  ? 130 PHE A CD2 1 
ATOM   1109 C CE1 . PHE A 1 134 ? -3.613  -5.699  -1.634  1.00 6.81  ? 130 PHE A CE1 1 
ATOM   1110 C CE2 . PHE A 1 134 ? -5.940  -5.273  -1.294  1.00 6.87  ? 130 PHE A CE2 1 
ATOM   1111 C CZ  . PHE A 1 134 ? -4.631  -5.172  -0.864  1.00 6.84  ? 130 PHE A CZ  1 
ATOM   1112 N N   . LYS A 1 135 ? -7.057  -9.860  -5.851  1.00 5.64  ? 131 LYS A N   1 
ATOM   1113 C CA  . LYS A 1 135 ? -7.737  -10.248 -7.071  1.00 6.73  ? 131 LYS A CA  1 
ATOM   1114 C C   . LYS A 1 135 ? -8.588  -9.096  -7.602  1.00 5.92  ? 131 LYS A C   1 
ATOM   1115 O O   . LYS A 1 135 ? -8.988  -8.192  -6.859  1.00 5.78  ? 131 LYS A O   1 
ATOM   1116 C CB  . LYS A 1 135 ? -8.594  -11.497 -6.841  1.00 8.55  ? 131 LYS A CB  1 
ATOM   1117 C CG  . LYS A 1 135 ? -9.776  -11.286 -5.901  1.00 10.33 ? 131 LYS A CG  1 
ATOM   1118 C CD  . LYS A 1 135 ? -10.674 -12.514 -5.839  1.00 12.17 ? 131 LYS A CD  1 
ATOM   1119 C CE  . LYS A 1 135 ? -12.067 -12.166 -5.331  1.00 14.15 ? 131 LYS A CE  1 
ATOM   1120 N NZ  . LYS A 1 135 ? -12.807 -11.315 -6.308  1.00 16.46 ? 131 LYS A NZ  1 
ATOM   1121 N N   . LYS A 1 136 ? -8.877  -9.144  -8.893  1.00 6.49  ? 132 LYS A N   1 
ATOM   1122 C CA  . LYS A 1 136 ? -9.678  -8.115  -9.531  1.00 5.94  ? 132 LYS A CA  1 
ATOM   1123 C C   . LYS A 1 136 ? -11.147 -8.204  -9.133  1.00 6.56  ? 132 LYS A C   1 
ATOM   1124 O O   . LYS A 1 136 ? -11.745 -9.279  -9.195  1.00 6.95  ? 132 LYS A O   1 
ATOM   1125 C CB  . LYS A 1 136 ? -9.571  -8.261  -11.039 1.00 7.23  ? 132 LYS A CB  1 
ATOM   1126 C CG  . LYS A 1 136 ? -10.374 -7.224  -11.795 1.00 8.32  ? 132 LYS A CG  1 
ATOM   1127 C CD  . LYS A 1 136 ? -10.574 -7.607  -13.234 1.00 10.30 ? 132 LYS A CD  1 
ATOM   1128 C CE  . LYS A 1 136 ? -9.258  -7.625  -13.964 1.00 10.85 ? 132 LYS A CE  1 
ATOM   1129 N NZ  . LYS A 1 136 ? -9.431  -8.127  -15.353 1.00 11.82 ? 132 LYS A NZ  1 
ATOM   1130 N N   . LYS A 1 137 ? -11.729 -7.074  -8.736  1.00 5.76  ? 133 LYS A N   1 
ATOM   1131 C CA  . LYS A 1 137 ? -13.181 -6.938  -8.686  1.00 5.68  ? 133 LYS A CA  1 
ATOM   1132 C C   . LYS A 1 137 ? -13.681 -6.187  -9.917  1.00 5.31  ? 133 LYS A C   1 
ATOM   1133 O O   . LYS A 1 137 ? -14.595 -6.655  -10.601 1.00 6.16  ? 133 LYS A O   1 
ATOM   1134 C CB  . LYS A 1 137 ? -13.626 -6.256  -7.394  1.00 7.09  ? 133 LYS A CB  1 
ATOM   1135 C CG  . LYS A 1 137 ? -13.711 -7.196  -6.203  1.00 9.85  ? 133 LYS A CG  1 
ATOM   1136 C CD  . LYS A 1 137 ? -15.001 -8.020  -6.289  1.00 11.81 ? 133 LYS A CD  1 
ATOM   1137 C CE  . LYS A 1 137 ? -15.219 -8.861  -5.065  1.00 13.39 ? 133 LYS A CE  1 
ATOM   1138 N NZ  . LYS A 1 137 ? -16.316 -9.820  -5.313  1.00 13.64 ? 133 LYS A NZ  1 
ATOM   1139 N N   . LEU A 1 138 ? -13.083 -5.030  -10.197 1.00 5.03  ? 134 LEU A N   1 
ATOM   1140 C CA  . LEU A 1 138 ? -13.466 -4.211  -11.348 1.00 5.70  ? 134 LEU A CA  1 
ATOM   1141 C C   . LEU A 1 138 ? -12.248 -3.516  -11.898 1.00 5.56  ? 134 LEU A C   1 
ATOM   1142 O O   . LEU A 1 138 ? -11.422 -3.032  -11.120 1.00 6.12  ? 134 LEU A O   1 
ATOM   1143 C CB  . LEU A 1 138 ? -14.466 -3.134  -10.929 1.00 6.25  ? 134 LEU A CB  1 
ATOM   1144 C CG  . LEU A 1 138 ? -15.839 -3.559  -10.416 1.00 6.68  ? 134 LEU A CG  1 
ATOM   1145 C CD1 . LEU A 1 138 ? -16.568 -2.378  -9.799  1.00 8.60  ? 134 LEU A CD1 1 
ATOM   1146 C CD2 . LEU A 1 138 ? -16.680 -4.185  -11.520 1.00 7.15  ? 134 LEU A CD2 1 
ATOM   1147 N N   . VAL A 1 139 ? -12.147 -3.439  -13.222 1.00 5.87  ? 135 VAL A N   1 
ATOM   1148 C CA  . VAL A 1 139 ? -11.215 -2.517  -13.870 1.00 5.93  ? 135 VAL A CA  1 
ATOM   1149 C C   . VAL A 1 139 ? -11.915 -1.837  -15.044 1.00 5.80  ? 135 VAL A C   1 
ATOM   1150 O O   . VAL A 1 139 ? -12.803 -2.431  -15.664 1.00 6.08  ? 135 VAL A O   1 
ATOM   1151 C CB  . VAL A 1 139 ? -9.942  -3.234  -14.398 1.00 6.52  ? 135 VAL A CB  1 
ATOM   1152 C CG1 . VAL A 1 139 ? -9.090  -3.767  -13.248 1.00 7.29  ? 135 VAL A CG1 1 
ATOM   1153 C CG2 . VAL A 1 139 ? -10.286 -4.335  -15.405 1.00 7.30  ? 135 VAL A CG2 1 
ATOM   1154 N N   . PRO A 1 140 ? -11.525 -0.600  -15.374 1.00 5.88  ? 136 PRO A N   1 
ATOM   1155 C CA  . PRO A 1 140 ? -12.123 0.034   -16.565 1.00 6.49  ? 136 PRO A CA  1 
ATOM   1156 C C   . PRO A 1 140 ? -11.735 -0.639  -17.884 1.00 6.82  ? 136 PRO A C   1 
ATOM   1157 O O   . PRO A 1 140 ? -12.529 -0.657  -18.825 1.00 7.01  ? 136 PRO A O   1 
ATOM   1158 C CB  . PRO A 1 140 ? -11.579 1.467   -16.535 1.00 8.25  ? 136 PRO A CB  1 
ATOM   1159 C CG  . PRO A 1 140 ? -10.937 1.644   -15.206 1.00 8.90  ? 136 PRO A CG  1 
ATOM   1160 C CD  . PRO A 1 140 ? -10.602 0.297   -14.658 1.00 6.83  ? 136 PRO A CD  1 
ATOM   1161 N N   . ARG A 1 141 ? -10.517 -1.160  -17.952 1.00 6.66  ? 137 ARG A N   1 
ATOM   1162 C CA  . ARG A 1 141 ? -10.032 -1.839  -19.148 1.00 9.01  ? 137 ARG A CA  1 
ATOM   1163 C C   . ARG A 1 141 ? -8.894  -2.767  -18.781 1.00 8.89  ? 137 ARG A C   1 
ATOM   1164 O O   . ARG A 1 141 ? -8.332  -2.672  -17.682 1.00 10.10 ? 137 ARG A O   1 
ATOM   1165 C CB  . ARG A 1 141 ? -9.597  -0.843  -20.240 1.00 10.67 ? 137 ARG A CB  1 
ATOM   1166 C CG  . ARG A 1 141 ? -8.729  0.297   -19.745 1.00 12.28 ? 137 ARG A CG  1 
ATOM   1167 C CD  . ARG A 1 141 ? -8.329  1.262   -20.865 1.00 12.88 ? 137 ARG A CD  1 
ATOM   1168 N NE  . ARG A 1 141 ? -9.434  2.082   -21.367 1.00 15.26 ? 137 ARG A NE  1 
ATOM   1169 C CZ  . ARG A 1 141 ? -9.998  3.090   -20.701 1.00 16.10 ? 137 ARG A CZ  1 
ATOM   1170 N NH1 . ARG A 1 141 ? -9.596  3.402   -19.475 1.00 16.68 ? 137 ARG A NH1 1 
ATOM   1171 N NH2 . ARG A 1 141 ? -10.986 3.778   -21.257 1.00 16.50 ? 137 ARG A NH2 1 
ATOM   1172 O OXT . ARG A 1 141 ? -8.535  -3.635  -19.573 1.00 10.88 ? 137 ARG A OXT 1 
HETATM 1173 S S   . SO4 B 2 .   ? 3.489   -13.941 -14.952 1.00 19.85 ? 151 SO4 A S   1 
HETATM 1174 O O1  . SO4 B 2 .   ? 2.542   -12.845 -14.765 1.00 19.99 ? 151 SO4 A O1  1 
HETATM 1175 O O2  . SO4 B 2 .   ? 3.629   -14.217 -16.380 1.00 19.89 ? 151 SO4 A O2  1 
HETATM 1176 O O3  . SO4 B 2 .   ? 4.797   -13.580 -14.406 1.00 18.33 ? 151 SO4 A O3  1 
HETATM 1177 O O4  . SO4 B 2 .   ? 2.992   -15.132 -14.268 1.00 20.48 ? 151 SO4 A O4  1 
HETATM 1178 S S   . SO4 C 2 .   ? -8.470  7.781   15.180  1.00 18.91 ? 152 SO4 A S   1 
HETATM 1179 O O1  . SO4 C 2 .   ? -7.536  6.897   15.874  1.00 19.98 ? 152 SO4 A O1  1 
HETATM 1180 O O2  . SO4 C 2 .   ? -7.737  8.665   14.275  1.00 19.96 ? 152 SO4 A O2  1 
HETATM 1181 O O3  . SO4 C 2 .   ? -9.431  6.992   14.410  1.00 19.73 ? 152 SO4 A O3  1 
HETATM 1182 O O4  . SO4 C 2 .   ? -9.193  8.601   16.147  1.00 20.25 ? 152 SO4 A O4  1 
HETATM 1183 O O1  . TLA D 3 .   ? -2.127  -15.471 8.162   1.00 11.57 ? 150 TLA A O1  1 
HETATM 1184 O O11 . TLA D 3 .   ? -0.175  -16.461 8.272   1.00 13.81 ? 150 TLA A O11 1 
HETATM 1185 C C1  . TLA D 3 .   ? -0.879  -15.433 8.146   1.00 11.30 ? 150 TLA A C1  1 
HETATM 1186 C C2  . TLA D 3 .   ? -0.211  -14.092 7.979   1.00 10.03 ? 150 TLA A C2  1 
HETATM 1187 O O2  . TLA D 3 .   ? 1.203   -14.199 7.758   1.00 10.25 ? 150 TLA A O2  1 
HETATM 1188 C C3  . TLA D 3 .   ? -0.453  -13.252 9.225   1.00 8.77  ? 150 TLA A C3  1 
HETATM 1189 O O3  . TLA D 3 .   ? 0.033   -13.929 10.389  1.00 9.93  ? 150 TLA A O3  1 
HETATM 1190 C C4  . TLA D 3 .   ? 0.229   -11.932 9.044   1.00 7.76  ? 150 TLA A C4  1 
HETATM 1191 O O4  . TLA D 3 .   ? -0.168  -11.238 8.095   1.00 7.30  ? 150 TLA A O4  1 
HETATM 1192 O O41 . TLA D 3 .   ? 1.152   -11.584 9.818   1.00 8.17  ? 150 TLA A O41 1 
HETATM 1193 O O   . HOH E 4 .   ? -2.592  -3.056  4.456   1.00 14.97 ? 153 HOH A O   1 
HETATM 1194 O O   . HOH E 4 .   ? -3.157  -2.696  1.424   1.00 11.82 ? 154 HOH A O   1 
HETATM 1195 O O   . HOH E 4 .   ? -4.734  3.324   0.206   1.00 10.87 ? 155 HOH A O   1 
HETATM 1196 O O   . HOH E 4 .   ? 2.435   6.375   0.404   1.00 18.44 ? 156 HOH A O   1 
HETATM 1197 O O   . HOH E 4 .   ? 1.573   4.154   4.456   1.00 16.07 ? 157 HOH A O   1 
HETATM 1198 O O   . HOH E 4 .   ? 3.182   3.136   6.322   1.00 9.96  ? 158 HOH A O   1 
HETATM 1199 O O   . HOH E 4 .   ? 4.961   1.332   4.083   1.00 7.61  ? 159 HOH A O   1 
HETATM 1200 O O   . HOH E 4 .   ? -7.958  -3.680  8.998   1.00 9.00  ? 160 HOH A O   1 
HETATM 1201 O O   . HOH E 4 .   ? -6.757  -5.714  7.554   1.00 5.83  ? 161 HOH A O   1 
HETATM 1202 O O   . HOH E 4 .   ? -5.430  -8.897  6.306   1.00 7.70  ? 162 HOH A O   1 
HETATM 1203 O O   . HOH E 4 .   ? -1.789  0.730   -2.132  1.00 12.62 ? 163 HOH A O   1 
HETATM 1204 O O   . HOH E 4 .   ? -3.723  0.741   12.399  1.00 13.94 ? 164 HOH A O   1 
HETATM 1205 O O   . HOH E 4 .   ? 0.992   4.860   1.976   1.00 19.39 ? 165 HOH A O   1 
HETATM 1206 O O   . HOH E 4 .   ? -4.071  -1.677  11.243  1.00 15.55 ? 166 HOH A O   1 
HETATM 1207 O O   . HOH E 4 .   ? -2.758  -11.384 7.264   1.00 6.59  ? 167 HOH A O   1 
HETATM 1208 O O   . HOH E 4 .   ? -7.836  -10.345 12.387  1.00 8.26  ? 168 HOH A O   1 
HETATM 1209 O O   . HOH E 4 .   ? 1.222   0.746   -19.054 1.00 11.03 ? 169 HOH A O   1 
HETATM 1210 O O   . HOH E 4 .   ? 12.200  -4.309  5.158   1.00 8.39  ? 170 HOH A O   1 
HETATM 1211 O O   . HOH E 4 .   ? 10.000  -9.971  6.500   1.00 10.26 ? 171 HOH A O   1 
HETATM 1212 O O   . HOH E 4 .   ? -11.193 -8.408  13.830  1.00 9.23  ? 172 HOH A O   1 
HETATM 1213 O O   . HOH E 4 .   ? 13.406  1.053   11.539  1.00 11.69 ? 173 HOH A O   1 
HETATM 1214 O O   . HOH E 4 .   ? 2.356   13.737  -4.275  1.00 9.94  ? 174 HOH A O   1 
HETATM 1215 O O   . HOH E 4 .   ? -2.143  -14.966 -3.401  1.00 12.05 ? 175 HOH A O   1 
HETATM 1216 O O   . HOH E 4 .   ? -2.646  -3.329  22.967  1.00 10.79 ? 176 HOH A O   1 
HETATM 1217 O O   . HOH E 4 .   ? 9.394   -1.022  -0.071  1.00 10.34 ? 177 HOH A O   1 
HETATM 1218 O O   . HOH E 4 .   ? 10.992  -2.567  -11.604 1.00 10.47 ? 178 HOH A O   1 
HETATM 1219 O O   . HOH E 4 .   ? 8.381   7.893   -12.258 1.00 11.27 ? 179 HOH A O   1 
HETATM 1220 O O   . HOH E 4 .   ? -4.996  -15.970 2.058   1.00 7.16  ? 180 HOH A O   1 
HETATM 1221 O O   . HOH E 4 .   ? 12.873  9.296   -1.587  1.00 23.23 ? 181 HOH A O   1 
HETATM 1222 O O   . HOH E 4 .   ? 10.467  6.318   7.678   1.00 6.72  ? 182 HOH A O   1 
HETATM 1223 O O   . HOH E 4 .   ? -7.865  -16.112 -1.052  1.00 6.56  ? 183 HOH A O   1 
HETATM 1224 O O   . HOH E 4 .   ? 12.213  -5.334  -3.658  1.00 12.04 ? 184 HOH A O   1 
HETATM 1225 O O   . HOH E 4 .   ? -12.598 -5.552  2.248   1.00 12.82 ? 185 HOH A O   1 
HETATM 1226 O O   . HOH E 4 .   ? -7.701  -0.333  -16.314 1.00 11.06 ? 186 HOH A O   1 
HETATM 1227 O O   . HOH E 4 .   ? -9.517  4.479   10.026  1.00 11.39 ? 187 HOH A O   1 
HETATM 1228 O O   . HOH E 4 .   ? 6.938   18.468  -2.977  1.00 11.85 ? 188 HOH A O   1 
HETATM 1229 O O   . HOH E 4 .   ? 4.434   -1.212  -19.954 1.00 11.89 ? 189 HOH A O   1 
HETATM 1230 O O   . HOH E 4 .   ? -8.211  8.653   -1.219  1.00 14.15 ? 190 HOH A O   1 
HETATM 1231 O O   . HOH E 4 .   ? 12.747  1.448   -2.377  1.00 12.10 ? 191 HOH A O   1 
HETATM 1232 O O   . HOH E 4 .   ? -7.583  -6.775  20.365  1.00 12.73 ? 192 HOH A O   1 
HETATM 1233 O O   . HOH E 4 .   ? -15.213 -0.435  -18.902 1.00 7.44  ? 193 HOH A O   1 
HETATM 1234 O O   . HOH E 4 .   ? 0.440   -12.648 0.069   1.00 9.43  ? 194 HOH A O   1 
HETATM 1235 O O   . HOH E 4 .   ? 10.259  6.432   -4.976  1.00 13.76 ? 195 HOH A O   1 
HETATM 1236 O O   . HOH E 4 .   ? 11.449  -0.893  12.010  1.00 14.00 ? 196 HOH A O   1 
HETATM 1237 O O   . HOH E 4 .   ? 3.622   19.486  5.277   1.00 16.35 ? 197 HOH A O   1 
HETATM 1238 O O   . HOH E 4 .   ? -8.044  -11.391 -10.538 1.00 12.97 ? 198 HOH A O   1 
HETATM 1239 O O   . HOH E 4 .   ? 4.880   -9.409  -15.172 1.00 14.45 ? 199 HOH A O   1 
HETATM 1240 O O   . HOH E 4 .   ? -14.198 -11.162 0.907   1.00 12.69 ? 200 HOH A O   1 
HETATM 1241 O O   . HOH E 4 .   ? 10.909  10.494  0.034   1.00 16.04 ? 201 HOH A O   1 
HETATM 1242 O O   . HOH E 4 .   ? 16.338  3.826   5.781   1.00 12.91 ? 202 HOH A O   1 
HETATM 1243 O O   . HOH E 4 .   ? 6.575   -10.326 -11.228 1.00 10.82 ? 203 HOH A O   1 
HETATM 1244 O O   . HOH E 4 .   ? 16.193  2.336   2.895   1.00 12.96 ? 204 HOH A O   1 
HETATM 1245 O O   . HOH E 4 .   ? 8.367   -6.747  13.549  1.00 15.46 ? 205 HOH A O   1 
HETATM 1246 O O   . HOH E 4 .   ? 2.419   -10.373 -15.752 1.00 16.68 ? 206 HOH A O   1 
HETATM 1247 O O   . HOH E 4 .   ? -16.949 -7.721  -9.623  1.00 7.71  ? 207 HOH A O   1 
HETATM 1248 O O   . HOH E 4 .   ? 11.827  1.342   1.449   1.00 14.85 ? 208 HOH A O   1 
HETATM 1249 O O   . HOH E 4 .   ? -3.242  11.483  1.068   1.00 16.73 ? 209 HOH A O   1 
HETATM 1250 O O   . HOH E 4 .   ? 5.597   13.954  -11.968 1.00 14.21 ? 210 HOH A O   1 
HETATM 1251 O O   . HOH E 4 .   ? -14.148 -6.236  -2.178  1.00 11.60 ? 211 HOH A O   1 
HETATM 1252 O O   . HOH E 4 .   ? -12.534 5.040   -8.154  1.00 18.95 ? 212 HOH A O   1 
HETATM 1253 O O   . HOH E 4 .   ? 2.922   17.630  1.241   1.00 12.51 ? 213 HOH A O   1 
HETATM 1254 O O   . HOH E 4 .   ? 3.289   6.579   -16.816 1.00 15.66 ? 214 HOH A O   1 
HETATM 1255 O O   . HOH E 4 .   ? 16.765  -3.288  8.861   1.00 15.93 ? 215 HOH A O   1 
HETATM 1256 O O   . HOH E 4 .   ? -13.807 -3.049  2.453   1.00 14.17 ? 216 HOH A O   1 
HETATM 1257 O O   . HOH E 4 .   ? -0.591  -14.774 -7.594  1.00 20.93 ? 217 HOH A O   1 
HETATM 1258 O O   . HOH E 4 .   ? -0.911  13.518  -14.699 1.00 23.73 ? 218 HOH A O   1 
HETATM 1259 O O   . HOH E 4 .   ? -4.078  12.693  -6.418  1.00 17.48 ? 219 HOH A O   1 
HETATM 1260 O O   . HOH E 4 .   ? 12.606  5.462   -10.934 1.00 20.60 ? 220 HOH A O   1 
HETATM 1261 O O   . HOH E 4 .   ? -3.411  11.368  6.377   1.00 23.62 ? 221 HOH A O   1 
HETATM 1262 O O   . HOH E 4 .   ? -16.458 -2.739  -2.167  1.00 13.41 ? 222 HOH A O   1 
HETATM 1263 O O   . HOH E 4 .   ? -4.645  -0.179  22.057  1.00 24.06 ? 223 HOH A O   1 
HETATM 1264 O O   . HOH E 4 .   ? -9.894  6.086   -4.924  1.00 25.35 ? 224 HOH A O   1 
HETATM 1265 O O   . HOH E 4 .   ? 1.016   17.169  7.539   1.00 20.89 ? 225 HOH A O   1 
HETATM 1266 O O   . HOH E 4 .   ? 15.997  6.962   9.412   1.00 18.05 ? 226 HOH A O   1 
HETATM 1267 O O   . HOH E 4 .   ? -14.046 -0.071  -0.757  1.00 22.43 ? 227 HOH A O   1 
HETATM 1268 O O   . HOH E 4 .   ? -9.960  -10.731 -14.951 1.00 16.03 ? 228 HOH A O   1 
HETATM 1269 O O   . HOH E 4 .   ? 4.231   -14.389 7.754   1.00 26.38 ? 229 HOH A O   1 
HETATM 1270 O O   . HOH E 4 .   ? 3.808   5.923   16.592  1.00 21.19 ? 230 HOH A O   1 
HETATM 1271 O O   . HOH E 4 .   ? -15.333 0.055   8.604   1.00 21.00 ? 231 HOH A O   1 
HETATM 1272 O O   . HOH E 4 .   ? -7.753  -6.080  -19.019 1.00 15.10 ? 232 HOH A O   1 
HETATM 1273 O O   . HOH E 4 .   ? -1.310  -12.623 -11.496 1.00 17.03 ? 233 HOH A O   1 
HETATM 1274 O O   . HOH E 4 .   ? -7.688  3.062   -17.559 1.00 23.52 ? 234 HOH A O   1 
HETATM 1275 O O   . HOH E 4 .   ? 12.515  -3.566  11.967  1.00 16.72 ? 235 HOH A O   1 
HETATM 1276 O O   . HOH E 4 .   ? -6.650  1.354   16.493  1.00 16.73 ? 236 HOH A O   1 
HETATM 1277 O O   . HOH E 4 .   ? -1.014  3.805   -16.979 1.00 21.53 ? 237 HOH A O   1 
HETATM 1278 O O   . HOH E 4 .   ? 4.207   -5.646  -20.349 1.00 28.72 ? 238 HOH A O   1 
HETATM 1279 O O   . HOH E 4 .   ? -7.045  -7.160  -16.522 1.00 17.97 ? 239 HOH A O   1 
HETATM 1280 O O   . HOH E 4 .   ? -2.147  -6.725  -17.152 1.00 19.53 ? 240 HOH A O   1 
HETATM 1281 O O   . HOH E 4 .   ? 8.971   -3.598  -16.853 1.00 19.34 ? 241 HOH A O   1 
HETATM 1282 O O   . HOH E 4 .   ? 1.250   -13.648 -12.255 1.00 18.96 ? 242 HOH A O   1 
HETATM 1283 O O   . HOH E 4 .   ? 0.125   3.565   16.401  1.00 25.00 ? 243 HOH A O   1 
HETATM 1284 O O   . HOH E 4 .   ? 4.903   10.886  -4.851  1.00 7.39  ? 244 HOH A O   1 
HETATM 1285 O O   . HOH E 4 .   ? 10.101  -10.282 -6.958  1.00 26.19 ? 245 HOH A O   1 
HETATM 1286 O O   . HOH E 4 .   ? 18.013  -7.587  10.828  1.00 16.65 ? 246 HOH A O   1 
HETATM 1287 O O   . HOH E 4 .   ? 3.819   22.414  2.365   1.00 27.61 ? 247 HOH A O   1 
HETATM 1288 O O   . HOH E 4 .   ? -1.133  13.117  4.949   1.00 21.91 ? 248 HOH A O   1 
HETATM 1289 O O   . HOH E 4 .   ? 3.190   -13.236 10.671  1.00 21.70 ? 249 HOH A O   1 
HETATM 1290 O O   . HOH E 4 .   ? 15.218  4.405   -11.335 1.00 27.05 ? 250 HOH A O   1 
HETATM 1291 O O   . HOH E 4 .   ? -3.318  -14.280 -12.383 1.00 31.58 ? 251 HOH A O   1 
HETATM 1292 O O   . HOH E 4 .   ? 14.764  -10.332 10.129  1.00 20.97 ? 252 HOH A O   1 
HETATM 1293 O O   . HOH E 4 .   ? 2.981   -9.484  -19.556 1.00 36.24 ? 253 HOH A O   1 
HETATM 1294 O O   . HOH E 4 .   ? 7.576   -11.286 11.448  1.00 23.29 ? 254 HOH A O   1 
HETATM 1295 O O   . HOH E 4 .   ? -4.757  14.940  -2.018  1.00 32.67 ? 255 HOH A O   1 
HETATM 1296 O O   . HOH E 4 .   ? 12.616  7.492   -4.178  1.00 27.01 ? 256 HOH A O   1 
HETATM 1297 O O   . HOH E 4 .   ? -13.596 3.995   -19.556 1.00 26.98 ? 257 HOH A O   1 
HETATM 1298 O O   . HOH E 4 .   ? -14.111 -8.130  1.815   1.00 23.61 ? 258 HOH A O   1 
HETATM 1299 O O   . HOH E 4 .   ? 13.887  6.991   -6.861  1.00 22.70 ? 259 HOH A O   1 
HETATM 1300 O O   . HOH E 4 .   ? 4.318   -2.609  18.640  1.00 23.50 ? 260 HOH A O   1 
HETATM 1301 O O   . HOH E 4 .   ? -11.538 0.558   -0.700  1.00 20.73 ? 261 HOH A O   1 
HETATM 1302 O O   . HOH E 4 .   ? -9.842  -9.561  -17.870 1.00 21.57 ? 262 HOH A O   1 
HETATM 1303 O O   . HOH E 4 .   ? 14.012  -9.458  5.934   1.00 18.88 ? 263 HOH A O   1 
HETATM 1304 O O   . HOH E 4 .   ? 12.573  4.774   4.425   1.00 8.48  ? 264 HOH A O   1 
HETATM 1305 O O   . HOH E 4 .   ? -6.121  -17.399 -8.599  1.00 38.06 ? 265 HOH A O   1 
HETATM 1306 O O   . HOH E 4 .   ? -8.099  14.565  11.065  1.00 23.95 ? 266 HOH A O   1 
HETATM 1307 O O   . HOH E 4 .   ? -5.189  15.631  10.936  1.00 24.60 ? 267 HOH A O   1 
HETATM 1308 O O   . HOH E 4 .   ? -0.990  -17.339 1.679   1.00 23.43 ? 268 HOH A O   1 
HETATM 1309 O O   . HOH E 4 .   ? -1.331  1.519   17.173  1.00 27.57 ? 269 HOH A O   1 
HETATM 1310 O O   . HOH E 4 .   ? -5.093  -1.206  -18.882 1.00 20.32 ? 270 HOH A O   1 
HETATM 1311 O O   . HOH E 4 .   ? -2.436  9.456   4.107   1.00 19.47 ? 271 HOH A O   1 
HETATM 1312 O O   . HOH E 4 .   ? -9.122  7.005   -13.699 1.00 29.98 ? 272 HOH A O   1 
HETATM 1313 O O   . HOH E 4 .   ? -6.676  -3.980  -15.877 1.00 22.30 ? 273 HOH A O   1 
HETATM 1314 O O   . HOH E 4 .   ? 3.598   -6.830  21.270  1.00 29.10 ? 274 HOH A O   1 
HETATM 1315 O O   . HOH E 4 .   ? 13.244  12.819  -2.529  1.00 23.82 ? 275 HOH A O   1 
HETATM 1316 O O   . HOH E 4 .   ? -2.318  14.649  -3.212  1.00 28.23 ? 276 HOH A O   1 
HETATM 1317 O O   . HOH E 4 .   ? -4.328  14.349  7.688   1.00 44.13 ? 277 HOH A O   1 
HETATM 1318 O O   . HOH E 4 .   ? 11.634  -7.330  -0.392  1.00 25.46 ? 278 HOH A O   1 
HETATM 1319 O O   . HOH E 4 .   ? -3.112  -14.702 3.608   1.00 6.51  ? 279 HOH A O   1 
HETATM 1320 O O   . HOH E 4 .   ? -12.874 0.763   -12.140 1.00 7.34  ? 280 HOH A O   1 
HETATM 1321 O O   . HOH E 4 .   ? 8.845   6.524   9.861   1.00 7.14  ? 281 HOH A O   1 
HETATM 1322 O O   . HOH E 4 .   ? -10.727 -12.536 -0.908  1.00 7.61  ? 282 HOH A O   1 
HETATM 1323 O O   . HOH E 4 .   ? -13.141 0.882   -9.388  1.00 6.79  ? 283 HOH A O   1 
HETATM 1324 O O   . HOH E 4 .   ? -11.342 2.932   -9.390  1.00 9.37  ? 284 HOH A O   1 
HETATM 1325 O O   . HOH E 4 .   ? 13.640  6.544   6.309   1.00 10.13 ? 285 HOH A O   1 
HETATM 1326 O O   . HOH E 4 .   ? 10.437  1.417   -1.004  1.00 10.66 ? 286 HOH A O   1 
HETATM 1327 O O   . HOH E 4 .   ? 10.237  -4.733  -13.031 1.00 8.86  ? 287 HOH A O   1 
HETATM 1328 O O   . HOH E 4 .   ? 3.748   1.354   -19.884 1.00 10.72 ? 288 HOH A O   1 
HETATM 1329 O O   . HOH E 4 .   ? -6.263  -1.667  -14.192 1.00 11.09 ? 289 HOH A O   1 
HETATM 1330 O O   . HOH E 4 .   ? -15.976 -4.950  -3.685  1.00 12.92 ? 290 HOH A O   1 
HETATM 1331 O O   . HOH E 4 .   ? -15.546 -0.390  -2.970  1.00 13.59 ? 291 HOH A O   1 
HETATM 1332 O O   . HOH E 4 .   ? -10.049 -11.600 11.297  1.00 10.46 ? 292 HOH A O   1 
HETATM 1333 O O   . HOH E 4 .   ? 9.708   5.850   -16.113 1.00 9.96  ? 293 HOH A O   1 
HETATM 1334 O O   . HOH E 4 .   ? -4.408  -4.087  24.883  1.00 12.83 ? 294 HOH A O   1 
HETATM 1335 O O   . HOH E 4 .   ? 6.906   19.741  -0.563  1.00 13.90 ? 295 HOH A O   1 
HETATM 1336 O O   . HOH E 4 .   ? 13.778  -6.468  4.512   1.00 13.19 ? 296 HOH A O   1 
HETATM 1337 O O   . HOH E 4 .   ? 6.189   -11.347 -13.808 1.00 11.83 ? 297 HOH A O   1 
HETATM 1338 O O   . HOH E 4 .   ? 4.376   19.389  2.678   1.00 16.28 ? 298 HOH A O   1 
HETATM 1339 O O   . HOH E 4 .   ? 8.024   -3.736  -14.320 1.00 6.81  ? 299 HOH A O   1 
HETATM 1340 O O   . HOH E 4 .   ? -1.189  11.458  2.893   1.00 17.10 ? 300 HOH A O   1 
HETATM 1341 O O   . HOH E 4 .   ? 2.044   7.659   -13.971 1.00 15.83 ? 301 HOH A O   1 
HETATM 1342 O O   . HOH E 4 .   ? -6.629  -12.822 13.402  1.00 16.48 ? 302 HOH A O   1 
HETATM 1343 O O   . HOH E 4 .   ? 1.823   -2.037  -12.238 1.00 6.30  ? 303 HOH A O   1 
HETATM 1344 O O   . HOH E 4 .   ? -12.127 -10.734 12.948  1.00 13.78 ? 304 HOH A O   1 
HETATM 1345 O O   . HOH E 4 .   ? 16.138  -9.637  7.893   1.00 15.89 ? 305 HOH A O   1 
HETATM 1346 O O   . HOH E 4 .   ? 13.707  3.228   2.249   1.00 17.19 ? 306 HOH A O   1 
HETATM 1347 O O   . HOH E 4 .   ? 0.209   13.844  -2.212  1.00 20.60 ? 307 HOH A O   1 
HETATM 1348 O O   . HOH E 4 .   ? -14.774 0.245   12.295  1.00 7.30  ? 308 HOH A O   1 
# 
loop_
_pdbx_poly_seq_scheme.asym_id 
_pdbx_poly_seq_scheme.entity_id 
_pdbx_poly_seq_scheme.seq_id 
_pdbx_poly_seq_scheme.mon_id 
_pdbx_poly_seq_scheme.ndb_seq_num 
_pdbx_poly_seq_scheme.pdb_seq_num 
_pdbx_poly_seq_scheme.auth_seq_num 
_pdbx_poly_seq_scheme.pdb_mon_id 
_pdbx_poly_seq_scheme.auth_mon_id 
_pdbx_poly_seq_scheme.pdb_strand_id 
_pdbx_poly_seq_scheme.pdb_ins_code 
_pdbx_poly_seq_scheme.hetero 
A 1 1   MET 1   -3  -3  MET MET A . n 
A 1 2   ARG 2   -2  -2  ARG ARG A . n 
A 1 3   GLY 3   -1  -1  GLY GLY A . n 
A 1 4   SER 4   0   0   SER SER A . n 
A 1 5   THR 5   1   1   THR THR A . n 
A 1 6   ARG 6   2   2   ARG ARG A . n 
A 1 7   ASP 7   3   3   ASP ASP A . n 
A 1 8   GLN 8   4   4   GLN GLN A . n 
A 1 9   ASN 9   5   5   ASN ASN A . n 
A 1 10  GLY 10  6   6   GLY GLY A . n 
A 1 11  THR 11  7   7   THR THR A . n 
A 1 12  TRP 12  8   8   TRP TRP A . n 
A 1 13  GLU 13  9   9   GLU GLU A . n 
A 1 14  MET 14  10  10  MET MET A . n 
A 1 15  GLU 15  11  11  GLU GLU A . n 
A 1 16  SER 16  12  12  SER SER A . n 
A 1 17  ASN 17  13  13  ASN ASN A . n 
A 1 18  GLU 18  14  14  GLU GLU A . n 
A 1 19  ASN 19  15  15  ASN ASN A . n 
A 1 20  PHE 20  16  16  PHE PHE A . n 
A 1 21  GLU 21  17  17  GLU GLU A . n 
A 1 22  GLY 22  18  18  GLY GLY A . n 
A 1 23  TYR 23  19  19  TYR TYR A . n 
A 1 24  MET 24  20  20  MET MET A . n 
A 1 25  LYS 25  21  21  LYS LYS A . n 
A 1 26  ALA 26  22  22  ALA ALA A . n 
A 1 27  LEU 27  23  23  LEU LEU A . n 
A 1 28  ASP 28  24  24  ASP ASP A . n 
A 1 29  ILE 29  25  25  ILE ILE A . n 
A 1 30  ASP 30  26  26  ASP ASP A . n 
A 1 31  PHE 31  27  27  PHE PHE A . n 
A 1 32  ALA 32  28  28  ALA ALA A . n 
A 1 33  THR 33  29  29  THR THR A . n 
A 1 34  ARG 34  30  30  ARG ARG A . n 
A 1 35  LYS 35  31  31  LYS LYS A . n 
A 1 36  ILE 36  32  32  ILE ILE A . n 
A 1 37  ALA 37  33  33  ALA ALA A . n 
A 1 38  VAL 38  34  34  VAL VAL A . n 
A 1 39  ARG 39  35  35  ARG ARG A . n 
A 1 40  LEU 40  36  36  LEU LEU A . n 
A 1 41  THR 41  37  37  THR THR A . n 
A 1 42  GLN 42  38  38  GLN GLN A . n 
A 1 43  THR 43  39  39  THR THR A . n 
A 1 44  LYS 44  40  40  LYS LYS A . n 
A 1 45  VAL 45  41  41  VAL VAL A . n 
A 1 46  ILE 46  42  42  ILE ILE A . n 
A 1 47  ASP 47  43  43  ASP ASP A . n 
A 1 48  GLN 48  44  44  GLN GLN A . n 
A 1 49  ASP 49  45  45  ASP ASP A . n 
A 1 50  GLY 50  46  46  GLY GLY A . n 
A 1 51  ASP 51  47  47  ASP ASP A . n 
A 1 52  ASN 52  48  48  ASN ASN A . n 
A 1 53  PHE 53  49  49  PHE PHE A . n 
A 1 54  LYS 54  50  50  LYS LYS A . n 
A 1 55  THR 55  51  51  THR THR A . n 
A 1 56  LYS 56  52  52  LYS LYS A . n 
A 1 57  THR 57  53  53  THR THR A . n 
A 1 58  THR 58  54  54  THR THR A . n 
A 1 59  SER 59  55  55  SER SER A . n 
A 1 60  THR 60  56  56  THR THR A . n 
A 1 61  PHE 61  57  57  PHE PHE A . n 
A 1 62  ARG 62  58  58  ARG ARG A . n 
A 1 63  ASN 63  59  59  ASN ASN A . n 
A 1 64  TYR 64  60  60  TYR TYR A . n 
A 1 65  ASP 65  61  61  ASP ASP A . n 
A 1 66  VAL 66  62  62  VAL VAL A . n 
A 1 67  ASP 67  63  63  ASP ASP A . n 
A 1 68  PHE 68  64  64  PHE PHE A . n 
A 1 69  THR 69  65  65  THR THR A . n 
A 1 70  VAL 70  66  66  VAL VAL A . n 
A 1 71  GLY 71  67  67  GLY GLY A . n 
A 1 72  VAL 72  68  68  VAL VAL A . n 
A 1 73  GLU 73  69  69  GLU GLU A . n 
A 1 74  PHE 74  70  70  PHE PHE A . n 
A 1 75  ASP 75  71  71  ASP ASP A . n 
A 1 76  GLU 76  72  72  GLU GLU A . n 
A 1 77  TYR 77  73  73  TYR TYR A . n 
A 1 78  THR 78  74  74  THR THR A . n 
A 1 79  LYS 79  75  75  LYS LYS A . n 
A 1 80  SER 80  76  76  SER SER A . n 
A 1 81  LEU 81  77  77  LEU LEU A . n 
A 1 82  ASP 82  78  78  ASP ASP A . n 
A 1 83  ASN 83  79  79  ASN ASN A . n 
A 1 84  ARG 84  80  80  ARG ARG A . n 
A 1 85  HIS 85  81  81  HIS HIS A . n 
A 1 86  VAL 86  82  82  VAL VAL A . n 
A 1 87  LYS 87  83  83  LYS LYS A . n 
A 1 88  ALA 88  84  84  ALA ALA A . n 
A 1 89  LEU 89  85  85  LEU LEU A . n 
A 1 90  VAL 90  86  86  VAL VAL A . n 
A 1 91  THR 91  87  87  THR THR A . n 
A 1 92  TRP 92  88  88  TRP TRP A . n 
A 1 93  GLU 93  89  89  GLU GLU A . n 
A 1 94  GLY 94  90  90  GLY GLY A . n 
A 1 95  ASP 95  91  91  ASP ASP A . n 
A 1 96  VAL 96  92  92  VAL VAL A . n 
A 1 97  LEU 97  93  93  LEU LEU A . n 
A 1 98  VAL 98  94  94  VAL VAL A . n 
A 1 99  CYS 99  95  95  CYS CYS A . n 
A 1 100 VAL 100 96  96  VAL VAL A . n 
A 1 101 GLN 101 97  97  GLN GLN A . n 
A 1 102 LYS 102 98  98  LYS LYS A . n 
A 1 103 GLY 103 99  99  GLY GLY A . n 
A 1 104 GLU 104 100 100 GLU GLU A . n 
A 1 105 LYS 105 101 101 LYS LYS A . n 
A 1 106 GLU 106 102 102 GLU GLU A . n 
A 1 107 ASN 107 103 103 ASN ASN A . n 
A 1 108 ARG 108 104 104 ARG ARG A . n 
A 1 109 GLY 109 105 105 GLY GLY A . n 
A 1 110 TRP 110 106 106 TRP TRP A . n 
A 1 111 LYS 111 107 107 LYS LYS A . n 
A 1 112 GLN 112 108 108 GLN GLN A . n 
A 1 113 TRP 113 109 109 TRP TRP A . n 
A 1 114 ILE 114 110 110 ILE ILE A . n 
A 1 115 GLU 115 111 111 GLU GLU A . n 
A 1 116 GLY 116 112 112 GLY GLY A . n 
A 1 117 ASP 117 113 113 ASP ASP A . n 
A 1 118 LYS 118 114 114 LYS LYS A . n 
A 1 119 LEU 119 115 115 LEU LEU A . n 
A 1 120 TYR 120 116 116 TYR TYR A . n 
A 1 121 LEU 121 117 117 LEU LEU A . n 
A 1 122 GLU 122 118 118 GLU GLU A . n 
A 1 123 LEU 123 119 119 LEU LEU A . n 
A 1 124 THR 124 120 120 THR THR A . n 
A 1 125 CYS 125 121 121 CYS CYS A . n 
A 1 126 GLY 126 122 122 GLY GLY A . n 
A 1 127 ASP 127 123 123 ASP ASP A . n 
A 1 128 GLN 128 124 124 GLN GLN A . n 
A 1 129 VAL 129 125 125 VAL VAL A . n 
A 1 130 CYS 130 126 126 CYS CYS A . n 
A 1 131 ARG 131 127 127 ARG ARG A . n 
A 1 132 GLN 132 128 128 GLN GLN A . n 
A 1 133 VAL 133 129 129 VAL VAL A . n 
A 1 134 PHE 134 130 130 PHE PHE A . n 
A 1 135 LYS 135 131 131 LYS LYS A . n 
A 1 136 LYS 136 132 132 LYS LYS A . n 
A 1 137 LYS 137 133 133 LYS LYS A . n 
A 1 138 LEU 138 134 134 LEU LEU A . n 
A 1 139 VAL 139 135 135 VAL VAL A . n 
A 1 140 PRO 140 136 136 PRO PRO A . n 
A 1 141 ARG 141 137 137 ARG ARG A . n 
# 
loop_
_pdbx_nonpoly_scheme.asym_id 
_pdbx_nonpoly_scheme.entity_id 
_pdbx_nonpoly_scheme.mon_id 
_pdbx_nonpoly_scheme.ndb_seq_num 
_pdbx_nonpoly_scheme.pdb_seq_num 
_pdbx_nonpoly_scheme.auth_seq_num 
_pdbx_nonpoly_scheme.pdb_mon_id 
_pdbx_nonpoly_scheme.auth_mon_id 
_pdbx_nonpoly_scheme.pdb_strand_id 
_pdbx_nonpoly_scheme.pdb_ins_code 
B 2 SO4 1   151 151 SO4 SO4 A . 
C 2 SO4 1   152 152 SO4 SO4 A . 
D 3 TLA 1   150 150 TLA TLA A . 
E 4 HOH 1   153 153 HOH HOH A . 
E 4 HOH 2   154 154 HOH HOH A . 
E 4 HOH 3   155 155 HOH HOH A . 
E 4 HOH 4   156 156 HOH HOH A . 
E 4 HOH 5   157 157 HOH HOH A . 
E 4 HOH 6   158 158 HOH HOH A . 
E 4 HOH 7   159 159 HOH HOH A . 
E 4 HOH 8   160 160 HOH HOH A . 
E 4 HOH 9   161 161 HOH HOH A . 
E 4 HOH 10  162 162 HOH HOH A . 
E 4 HOH 11  163 163 HOH HOH A . 
E 4 HOH 12  164 164 HOH HOH A . 
E 4 HOH 13  165 165 HOH HOH A . 
E 4 HOH 14  166 166 HOH HOH A . 
E 4 HOH 15  167 167 HOH HOH A . 
E 4 HOH 16  168 168 HOH HOH A . 
E 4 HOH 17  169 169 HOH HOH A . 
E 4 HOH 18  170 170 HOH HOH A . 
E 4 HOH 19  171 171 HOH HOH A . 
E 4 HOH 20  172 172 HOH HOH A . 
E 4 HOH 21  173 173 HOH HOH A . 
E 4 HOH 22  174 174 HOH HOH A . 
E 4 HOH 23  175 175 HOH HOH A . 
E 4 HOH 24  176 176 HOH HOH A . 
E 4 HOH 25  177 177 HOH HOH A . 
E 4 HOH 26  178 178 HOH HOH A . 
E 4 HOH 27  179 179 HOH HOH A . 
E 4 HOH 28  180 180 HOH HOH A . 
E 4 HOH 29  181 181 HOH HOH A . 
E 4 HOH 30  182 182 HOH HOH A . 
E 4 HOH 31  183 183 HOH HOH A . 
E 4 HOH 32  184 184 HOH HOH A . 
E 4 HOH 33  185 185 HOH HOH A . 
E 4 HOH 34  186 186 HOH HOH A . 
E 4 HOH 35  187 187 HOH HOH A . 
E 4 HOH 36  188 188 HOH HOH A . 
E 4 HOH 37  189 189 HOH HOH A . 
E 4 HOH 38  190 190 HOH HOH A . 
E 4 HOH 39  191 191 HOH HOH A . 
E 4 HOH 40  192 192 HOH HOH A . 
E 4 HOH 41  193 193 HOH HOH A . 
E 4 HOH 42  194 194 HOH HOH A . 
E 4 HOH 43  195 195 HOH HOH A . 
E 4 HOH 44  196 196 HOH HOH A . 
E 4 HOH 45  197 197 HOH HOH A . 
E 4 HOH 46  198 198 HOH HOH A . 
E 4 HOH 47  199 199 HOH HOH A . 
E 4 HOH 48  200 200 HOH HOH A . 
E 4 HOH 49  201 201 HOH HOH A . 
E 4 HOH 50  202 202 HOH HOH A . 
E 4 HOH 51  203 203 HOH HOH A . 
E 4 HOH 52  204 204 HOH HOH A . 
E 4 HOH 53  205 205 HOH HOH A . 
E 4 HOH 54  206 206 HOH HOH A . 
E 4 HOH 55  207 207 HOH HOH A . 
E 4 HOH 56  208 208 HOH HOH A . 
E 4 HOH 57  209 209 HOH HOH A . 
E 4 HOH 58  210 210 HOH HOH A . 
E 4 HOH 59  211 211 HOH HOH A . 
E 4 HOH 60  212 212 HOH HOH A . 
E 4 HOH 61  213 213 HOH HOH A . 
E 4 HOH 62  214 214 HOH HOH A . 
E 4 HOH 63  215 215 HOH HOH A . 
E 4 HOH 64  216 216 HOH HOH A . 
E 4 HOH 65  217 217 HOH HOH A . 
E 4 HOH 66  218 218 HOH HOH A . 
E 4 HOH 67  219 219 HOH HOH A . 
E 4 HOH 68  220 220 HOH HOH A . 
E 4 HOH 69  221 221 HOH HOH A . 
E 4 HOH 70  222 222 HOH HOH A . 
E 4 HOH 71  223 223 HOH HOH A . 
E 4 HOH 72  224 224 HOH HOH A . 
E 4 HOH 73  225 225 HOH HOH A . 
E 4 HOH 74  226 226 HOH HOH A . 
E 4 HOH 75  227 227 HOH HOH A . 
E 4 HOH 76  228 228 HOH HOH A . 
E 4 HOH 77  229 229 HOH HOH A . 
E 4 HOH 78  230 230 HOH HOH A . 
E 4 HOH 79  231 231 HOH HOH A . 
E 4 HOH 80  232 232 HOH HOH A . 
E 4 HOH 81  233 233 HOH HOH A . 
E 4 HOH 82  234 234 HOH HOH A . 
E 4 HOH 83  235 235 HOH HOH A . 
E 4 HOH 84  236 236 HOH HOH A . 
E 4 HOH 85  237 237 HOH HOH A . 
E 4 HOH 86  238 238 HOH HOH A . 
E 4 HOH 87  239 239 HOH HOH A . 
E 4 HOH 88  240 240 HOH HOH A . 
E 4 HOH 89  241 241 HOH HOH A . 
E 4 HOH 90  242 242 HOH HOH A . 
E 4 HOH 91  243 243 HOH HOH A . 
E 4 HOH 92  244 244 HOH HOH A . 
E 4 HOH 93  245 245 HOH HOH A . 
E 4 HOH 94  246 246 HOH HOH A . 
E 4 HOH 95  247 247 HOH HOH A . 
E 4 HOH 96  248 248 HOH HOH A . 
E 4 HOH 97  249 249 HOH HOH A . 
E 4 HOH 98  250 250 HOH HOH A . 
E 4 HOH 99  251 251 HOH HOH A . 
E 4 HOH 100 252 252 HOH HOH A . 
E 4 HOH 101 253 253 HOH HOH A . 
E 4 HOH 102 254 254 HOH HOH A . 
E 4 HOH 103 255 255 HOH HOH A . 
E 4 HOH 104 256 256 HOH HOH A . 
E 4 HOH 105 257 257 HOH HOH A . 
E 4 HOH 106 258 258 HOH HOH A . 
E 4 HOH 107 259 259 HOH HOH A . 
E 4 HOH 108 260 260 HOH HOH A . 
E 4 HOH 109 261 261 HOH HOH A . 
E 4 HOH 110 262 262 HOH HOH A . 
E 4 HOH 111 263 263 HOH HOH A . 
E 4 HOH 112 264 264 HOH HOH A . 
E 4 HOH 113 265 265 HOH HOH A . 
E 4 HOH 114 266 266 HOH HOH A . 
E 4 HOH 115 267 267 HOH HOH A . 
E 4 HOH 116 268 268 HOH HOH A . 
E 4 HOH 117 269 269 HOH HOH A . 
E 4 HOH 118 270 270 HOH HOH A . 
E 4 HOH 119 271 271 HOH HOH A . 
E 4 HOH 120 272 272 HOH HOH A . 
E 4 HOH 121 273 273 HOH HOH A . 
E 4 HOH 122 274 274 HOH HOH A . 
E 4 HOH 123 275 275 HOH HOH A . 
E 4 HOH 124 276 276 HOH HOH A . 
E 4 HOH 125 277 277 HOH HOH A . 
E 4 HOH 126 278 278 HOH HOH A . 
E 4 HOH 127 279 279 HOH HOH A . 
E 4 HOH 128 280 280 HOH HOH A . 
E 4 HOH 129 281 281 HOH HOH A . 
E 4 HOH 130 282 282 HOH HOH A . 
E 4 HOH 131 283 283 HOH HOH A . 
E 4 HOH 132 284 284 HOH HOH A . 
E 4 HOH 133 285 285 HOH HOH A . 
E 4 HOH 134 286 286 HOH HOH A . 
E 4 HOH 135 287 287 HOH HOH A . 
E 4 HOH 136 288 288 HOH HOH A . 
E 4 HOH 137 289 289 HOH HOH A . 
E 4 HOH 138 290 290 HOH HOH A . 
E 4 HOH 139 291 291 HOH HOH A . 
E 4 HOH 140 292 292 HOH HOH A . 
E 4 HOH 141 293 293 HOH HOH A . 
E 4 HOH 142 294 294 HOH HOH A . 
E 4 HOH 143 295 295 HOH HOH A . 
E 4 HOH 144 296 296 HOH HOH A . 
E 4 HOH 145 297 297 HOH HOH A . 
E 4 HOH 146 298 298 HOH HOH A . 
E 4 HOH 147 299 299 HOH HOH A . 
E 4 HOH 148 300 300 HOH HOH A . 
E 4 HOH 149 301 301 HOH HOH A . 
E 4 HOH 150 302 302 HOH HOH A . 
E 4 HOH 151 303 303 HOH HOH A . 
E 4 HOH 152 304 304 HOH HOH A . 
E 4 HOH 153 305 305 HOH HOH A . 
E 4 HOH 154 306 306 HOH HOH A . 
E 4 HOH 155 307 307 HOH HOH A . 
E 4 HOH 156 308 308 HOH HOH A . 
# 
_pdbx_struct_assembly.id                   1 
_pdbx_struct_assembly.details              author_and_software_defined_assembly 
_pdbx_struct_assembly.method_details       PISA 
_pdbx_struct_assembly.oligomeric_details   monomeric 
_pdbx_struct_assembly.oligomeric_count     1 
# 
_pdbx_struct_assembly_gen.assembly_id       1 
_pdbx_struct_assembly_gen.oper_expression   1 
_pdbx_struct_assembly_gen.asym_id_list      A,B,C,D,E 
# 
_pdbx_struct_oper_list.id                   1 
_pdbx_struct_oper_list.type                 'identity operation' 
_pdbx_struct_oper_list.name                 1_555 
_pdbx_struct_oper_list.symmetry_operation   x,y,z 
_pdbx_struct_oper_list.matrix[1][1]         1.0000000000 
_pdbx_struct_oper_list.matrix[1][2]         0.0000000000 
_pdbx_struct_oper_list.matrix[1][3]         0.0000000000 
_pdbx_struct_oper_list.vector[1]            0.0000000000 
_pdbx_struct_oper_list.matrix[2][1]         0.0000000000 
_pdbx_struct_oper_list.matrix[2][2]         1.0000000000 
_pdbx_struct_oper_list.matrix[2][3]         0.0000000000 
_pdbx_struct_oper_list.vector[2]            0.0000000000 
_pdbx_struct_oper_list.matrix[3][1]         0.0000000000 
_pdbx_struct_oper_list.matrix[3][2]         0.0000000000 
_pdbx_struct_oper_list.matrix[3][3]         1.0000000000 
_pdbx_struct_oper_list.vector[3]            0.0000000000 
# 
loop_
_pdbx_audit_revision_history.ordinal 
_pdbx_audit_revision_history.data_content_type 
_pdbx_audit_revision_history.major_revision 
_pdbx_audit_revision_history.minor_revision 
_pdbx_audit_revision_history.revision_date 
1 'Structure model' 1 0 2007-10-02 
2 'Structure model' 1 1 2011-07-13 
3 'Structure model' 1 2 2016-12-14 
4 'Structure model' 1 3 2023-08-30 
# 
_pdbx_audit_revision_details.ordinal             1 
_pdbx_audit_revision_details.revision_ordinal    1 
_pdbx_audit_revision_details.data_content_type   'Structure model' 
_pdbx_audit_revision_details.provider            repository 
_pdbx_audit_revision_details.type                'Initial release' 
_pdbx_audit_revision_details.description         ? 
_pdbx_audit_revision_details.details             ? 
# 
loop_
_pdbx_audit_revision_group.ordinal 
_pdbx_audit_revision_group.revision_ordinal 
_pdbx_audit_revision_group.data_content_type 
_pdbx_audit_revision_group.group 
1 2 'Structure model' 'Version format compliance' 
2 3 'Structure model' 'Structure summary'         
3 4 'Structure model' 'Data collection'           
4 4 'Structure model' 'Database references'       
5 4 'Structure model' 'Derived calculations'      
6 4 'Structure model' 'Refinement description'    
# 
loop_
_pdbx_audit_revision_category.ordinal 
_pdbx_audit_revision_category.revision_ordinal 
_pdbx_audit_revision_category.data_content_type 
_pdbx_audit_revision_category.category 
1 4 'Structure model' chem_comp_atom                
2 4 'Structure model' chem_comp_bond                
3 4 'Structure model' database_2                    
4 4 'Structure model' pdbx_initial_refinement_model 
5 4 'Structure model' struct_ref_seq_dif            
6 4 'Structure model' struct_site                   
# 
loop_
_pdbx_audit_revision_item.ordinal 
_pdbx_audit_revision_item.revision_ordinal 
_pdbx_audit_revision_item.data_content_type 
_pdbx_audit_revision_item.item 
1 4 'Structure model' '_database_2.pdbx_DOI'                
2 4 'Structure model' '_database_2.pdbx_database_accession' 
3 4 'Structure model' '_struct_ref_seq_dif.details'         
4 4 'Structure model' '_struct_site.pdbx_auth_asym_id'      
5 4 'Structure model' '_struct_site.pdbx_auth_comp_id'      
6 4 'Structure model' '_struct_site.pdbx_auth_seq_id'       
# 
loop_
_software.name 
_software.version 
_software.date 
_software.type 
_software.contact_author 
_software.contact_author_email 
_software.classification 
_software.location 
_software.language 
_software.citation_id 
_software.pdbx_ordinal 
REFMAC      5.2.0019 ?              program 'Murshudov, G.N.' ccp4@dl.ac.uk            refinement        
http://www.ccp4.ac.uk/main.html  Fortran_77 ? 1 
PDB_EXTRACT 3.000    'July 2, 2007' package PDB               sw-help@rcsb.rutgers.edu 'data extraction' 
http://pdb.rutgers.edu/software/ C++        ? 2 
MAR345dtb   .        ?              ?       ?                 ?                        'data collection' ? ?          ? 3 
MOSFLM      .        ?              ?       ?                 ?                        'data reduction'  ? ?          ? 4 
SCALA       .        ?              ?       ?                 ?                        'data scaling'    ? ?          ? 5 
MOLREP      .        ?              ?       ?                 ?                        phasing           ? ?          ? 6 
# 
loop_
_pdbx_validate_torsion.id 
_pdbx_validate_torsion.PDB_model_num 
_pdbx_validate_torsion.auth_comp_id 
_pdbx_validate_torsion.auth_asym_id 
_pdbx_validate_torsion.auth_seq_id 
_pdbx_validate_torsion.PDB_ins_code 
_pdbx_validate_torsion.label_alt_id 
_pdbx_validate_torsion.phi 
_pdbx_validate_torsion.psi 
1 1 PHE A 57 ? ? -101.07 -73.27 
2 1 LEU A 77 ? ? -129.38 -99.32 
# 
loop_
_chem_comp_atom.comp_id 
_chem_comp_atom.atom_id 
_chem_comp_atom.type_symbol 
_chem_comp_atom.pdbx_aromatic_flag 
_chem_comp_atom.pdbx_stereo_config 
_chem_comp_atom.pdbx_ordinal 
ALA N    N N N 1   
ALA CA   C N S 2   
ALA C    C N N 3   
ALA O    O N N 4   
ALA CB   C N N 5   
ALA OXT  O N N 6   
ALA H    H N N 7   
ALA H2   H N N 8   
ALA HA   H N N 9   
ALA HB1  H N N 10  
ALA HB2  H N N 11  
ALA HB3  H N N 12  
ALA HXT  H N N 13  
ARG N    N N N 14  
ARG CA   C N S 15  
ARG C    C N N 16  
ARG O    O N N 17  
ARG CB   C N N 18  
ARG CG   C N N 19  
ARG CD   C N N 20  
ARG NE   N N N 21  
ARG CZ   C N N 22  
ARG NH1  N N N 23  
ARG NH2  N N N 24  
ARG OXT  O N N 25  
ARG H    H N N 26  
ARG H2   H N N 27  
ARG HA   H N N 28  
ARG HB2  H N N 29  
ARG HB3  H N N 30  
ARG HG2  H N N 31  
ARG HG3  H N N 32  
ARG HD2  H N N 33  
ARG HD3  H N N 34  
ARG HE   H N N 35  
ARG HH11 H N N 36  
ARG HH12 H N N 37  
ARG HH21 H N N 38  
ARG HH22 H N N 39  
ARG HXT  H N N 40  
ASN N    N N N 41  
ASN CA   C N S 42  
ASN C    C N N 43  
ASN O    O N N 44  
ASN CB   C N N 45  
ASN CG   C N N 46  
ASN OD1  O N N 47  
ASN ND2  N N N 48  
ASN OXT  O N N 49  
ASN H    H N N 50  
ASN H2   H N N 51  
ASN HA   H N N 52  
ASN HB2  H N N 53  
ASN HB3  H N N 54  
ASN HD21 H N N 55  
ASN HD22 H N N 56  
ASN HXT  H N N 57  
ASP N    N N N 58  
ASP CA   C N S 59  
ASP C    C N N 60  
ASP O    O N N 61  
ASP CB   C N N 62  
ASP CG   C N N 63  
ASP OD1  O N N 64  
ASP OD2  O N N 65  
ASP OXT  O N N 66  
ASP H    H N N 67  
ASP H2   H N N 68  
ASP HA   H N N 69  
ASP HB2  H N N 70  
ASP HB3  H N N 71  
ASP HD2  H N N 72  
ASP HXT  H N N 73  
CYS N    N N N 74  
CYS CA   C N R 75  
CYS C    C N N 76  
CYS O    O N N 77  
CYS CB   C N N 78  
CYS SG   S N N 79  
CYS OXT  O N N 80  
CYS H    H N N 81  
CYS H2   H N N 82  
CYS HA   H N N 83  
CYS HB2  H N N 84  
CYS HB3  H N N 85  
CYS HG   H N N 86  
CYS HXT  H N N 87  
GLN N    N N N 88  
GLN CA   C N S 89  
GLN C    C N N 90  
GLN O    O N N 91  
GLN CB   C N N 92  
GLN CG   C N N 93  
GLN CD   C N N 94  
GLN OE1  O N N 95  
GLN NE2  N N N 96  
GLN OXT  O N N 97  
GLN H    H N N 98  
GLN H2   H N N 99  
GLN HA   H N N 100 
GLN HB2  H N N 101 
GLN HB3  H N N 102 
GLN HG2  H N N 103 
GLN HG3  H N N 104 
GLN HE21 H N N 105 
GLN HE22 H N N 106 
GLN HXT  H N N 107 
GLU N    N N N 108 
GLU CA   C N S 109 
GLU C    C N N 110 
GLU O    O N N 111 
GLU CB   C N N 112 
GLU CG   C N N 113 
GLU CD   C N N 114 
GLU OE1  O N N 115 
GLU OE2  O N N 116 
GLU OXT  O N N 117 
GLU H    H N N 118 
GLU H2   H N N 119 
GLU HA   H N N 120 
GLU HB2  H N N 121 
GLU HB3  H N N 122 
GLU HG2  H N N 123 
GLU HG3  H N N 124 
GLU HE2  H N N 125 
GLU HXT  H N N 126 
GLY N    N N N 127 
GLY CA   C N N 128 
GLY C    C N N 129 
GLY O    O N N 130 
GLY OXT  O N N 131 
GLY H    H N N 132 
GLY H2   H N N 133 
GLY HA2  H N N 134 
GLY HA3  H N N 135 
GLY HXT  H N N 136 
HIS N    N N N 137 
HIS CA   C N S 138 
HIS C    C N N 139 
HIS O    O N N 140 
HIS CB   C N N 141 
HIS CG   C Y N 142 
HIS ND1  N Y N 143 
HIS CD2  C Y N 144 
HIS CE1  C Y N 145 
HIS NE2  N Y N 146 
HIS OXT  O N N 147 
HIS H    H N N 148 
HIS H2   H N N 149 
HIS HA   H N N 150 
HIS HB2  H N N 151 
HIS HB3  H N N 152 
HIS HD1  H N N 153 
HIS HD2  H N N 154 
HIS HE1  H N N 155 
HIS HE2  H N N 156 
HIS HXT  H N N 157 
HOH O    O N N 158 
HOH H1   H N N 159 
HOH H2   H N N 160 
ILE N    N N N 161 
ILE CA   C N S 162 
ILE C    C N N 163 
ILE O    O N N 164 
ILE CB   C N S 165 
ILE CG1  C N N 166 
ILE CG2  C N N 167 
ILE CD1  C N N 168 
ILE OXT  O N N 169 
ILE H    H N N 170 
ILE H2   H N N 171 
ILE HA   H N N 172 
ILE HB   H N N 173 
ILE HG12 H N N 174 
ILE HG13 H N N 175 
ILE HG21 H N N 176 
ILE HG22 H N N 177 
ILE HG23 H N N 178 
ILE HD11 H N N 179 
ILE HD12 H N N 180 
ILE HD13 H N N 181 
ILE HXT  H N N 182 
LEU N    N N N 183 
LEU CA   C N S 184 
LEU C    C N N 185 
LEU O    O N N 186 
LEU CB   C N N 187 
LEU CG   C N N 188 
LEU CD1  C N N 189 
LEU CD2  C N N 190 
LEU OXT  O N N 191 
LEU H    H N N 192 
LEU H2   H N N 193 
LEU HA   H N N 194 
LEU HB2  H N N 195 
LEU HB3  H N N 196 
LEU HG   H N N 197 
LEU HD11 H N N 198 
LEU HD12 H N N 199 
LEU HD13 H N N 200 
LEU HD21 H N N 201 
LEU HD22 H N N 202 
LEU HD23 H N N 203 
LEU HXT  H N N 204 
LYS N    N N N 205 
LYS CA   C N S 206 
LYS C    C N N 207 
LYS O    O N N 208 
LYS CB   C N N 209 
LYS CG   C N N 210 
LYS CD   C N N 211 
LYS CE   C N N 212 
LYS NZ   N N N 213 
LYS OXT  O N N 214 
LYS H    H N N 215 
LYS H2   H N N 216 
LYS HA   H N N 217 
LYS HB2  H N N 218 
LYS HB3  H N N 219 
LYS HG2  H N N 220 
LYS HG3  H N N 221 
LYS HD2  H N N 222 
LYS HD3  H N N 223 
LYS HE2  H N N 224 
LYS HE3  H N N 225 
LYS HZ1  H N N 226 
LYS HZ2  H N N 227 
LYS HZ3  H N N 228 
LYS HXT  H N N 229 
MET N    N N N 230 
MET CA   C N S 231 
MET C    C N N 232 
MET O    O N N 233 
MET CB   C N N 234 
MET CG   C N N 235 
MET SD   S N N 236 
MET CE   C N N 237 
MET OXT  O N N 238 
MET H    H N N 239 
MET H2   H N N 240 
MET HA   H N N 241 
MET HB2  H N N 242 
MET HB3  H N N 243 
MET HG2  H N N 244 
MET HG3  H N N 245 
MET HE1  H N N 246 
MET HE2  H N N 247 
MET HE3  H N N 248 
MET HXT  H N N 249 
PHE N    N N N 250 
PHE CA   C N S 251 
PHE C    C N N 252 
PHE O    O N N 253 
PHE CB   C N N 254 
PHE CG   C Y N 255 
PHE CD1  C Y N 256 
PHE CD2  C Y N 257 
PHE CE1  C Y N 258 
PHE CE2  C Y N 259 
PHE CZ   C Y N 260 
PHE OXT  O N N 261 
PHE H    H N N 262 
PHE H2   H N N 263 
PHE HA   H N N 264 
PHE HB2  H N N 265 
PHE HB3  H N N 266 
PHE HD1  H N N 267 
PHE HD2  H N N 268 
PHE HE1  H N N 269 
PHE HE2  H N N 270 
PHE HZ   H N N 271 
PHE HXT  H N N 272 
PRO N    N N N 273 
PRO CA   C N S 274 
PRO C    C N N 275 
PRO O    O N N 276 
PRO CB   C N N 277 
PRO CG   C N N 278 
PRO CD   C N N 279 
PRO OXT  O N N 280 
PRO H    H N N 281 
PRO HA   H N N 282 
PRO HB2  H N N 283 
PRO HB3  H N N 284 
PRO HG2  H N N 285 
PRO HG3  H N N 286 
PRO HD2  H N N 287 
PRO HD3  H N N 288 
PRO HXT  H N N 289 
SER N    N N N 290 
SER CA   C N S 291 
SER C    C N N 292 
SER O    O N N 293 
SER CB   C N N 294 
SER OG   O N N 295 
SER OXT  O N N 296 
SER H    H N N 297 
SER H2   H N N 298 
SER HA   H N N 299 
SER HB2  H N N 300 
SER HB3  H N N 301 
SER HG   H N N 302 
SER HXT  H N N 303 
SO4 S    S N N 304 
SO4 O1   O N N 305 
SO4 O2   O N N 306 
SO4 O3   O N N 307 
SO4 O4   O N N 308 
THR N    N N N 309 
THR CA   C N S 310 
THR C    C N N 311 
THR O    O N N 312 
THR CB   C N R 313 
THR OG1  O N N 314 
THR CG2  C N N 315 
THR OXT  O N N 316 
THR H    H N N 317 
THR H2   H N N 318 
THR HA   H N N 319 
THR HB   H N N 320 
THR HG1  H N N 321 
THR HG21 H N N 322 
THR HG22 H N N 323 
THR HG23 H N N 324 
THR HXT  H N N 325 
TLA O1   O N N 326 
TLA O11  O N N 327 
TLA C1   C N N 328 
TLA C2   C N R 329 
TLA O2   O N N 330 
TLA C3   C N R 331 
TLA O3   O N N 332 
TLA C4   C N N 333 
TLA O4   O N N 334 
TLA O41  O N N 335 
TLA H11  H N N 336 
TLA H2   H N N 337 
TLA HA   H N N 338 
TLA H3   H N N 339 
TLA HB   H N N 340 
TLA H41  H N N 341 
TRP N    N N N 342 
TRP CA   C N S 343 
TRP C    C N N 344 
TRP O    O N N 345 
TRP CB   C N N 346 
TRP CG   C Y N 347 
TRP CD1  C Y N 348 
TRP CD2  C Y N 349 
TRP NE1  N Y N 350 
TRP CE2  C Y N 351 
TRP CE3  C Y N 352 
TRP CZ2  C Y N 353 
TRP CZ3  C Y N 354 
TRP CH2  C Y N 355 
TRP OXT  O N N 356 
TRP H    H N N 357 
TRP H2   H N N 358 
TRP HA   H N N 359 
TRP HB2  H N N 360 
TRP HB3  H N N 361 
TRP HD1  H N N 362 
TRP HE1  H N N 363 
TRP HE3  H N N 364 
TRP HZ2  H N N 365 
TRP HZ3  H N N 366 
TRP HH2  H N N 367 
TRP HXT  H N N 368 
TYR N    N N N 369 
TYR CA   C N S 370 
TYR C    C N N 371 
TYR O    O N N 372 
TYR CB   C N N 373 
TYR CG   C Y N 374 
TYR CD1  C Y N 375 
TYR CD2  C Y N 376 
TYR CE1  C Y N 377 
TYR CE2  C Y N 378 
TYR CZ   C Y N 379 
TYR OH   O N N 380 
TYR OXT  O N N 381 
TYR H    H N N 382 
TYR H2   H N N 383 
TYR HA   H N N 384 
TYR HB2  H N N 385 
TYR HB3  H N N 386 
TYR HD1  H N N 387 
TYR HD2  H N N 388 
TYR HE1  H N N 389 
TYR HE2  H N N 390 
TYR HH   H N N 391 
TYR HXT  H N N 392 
VAL N    N N N 393 
VAL CA   C N S 394 
VAL C    C N N 395 
VAL O    O N N 396 
VAL CB   C N N 397 
VAL CG1  C N N 398 
VAL CG2  C N N 399 
VAL OXT  O N N 400 
VAL H    H N N 401 
VAL H2   H N N 402 
VAL HA   H N N 403 
VAL HB   H N N 404 
VAL HG11 H N N 405 
VAL HG12 H N N 406 
VAL HG13 H N N 407 
VAL HG21 H N N 408 
VAL HG22 H N N 409 
VAL HG23 H N N 410 
VAL HXT  H N N 411 
# 
loop_
_chem_comp_bond.comp_id 
_chem_comp_bond.atom_id_1 
_chem_comp_bond.atom_id_2 
_chem_comp_bond.value_order 
_chem_comp_bond.pdbx_aromatic_flag 
_chem_comp_bond.pdbx_stereo_config 
_chem_comp_bond.pdbx_ordinal 
ALA N   CA   sing N N 1   
ALA N   H    sing N N 2   
ALA N   H2   sing N N 3   
ALA CA  C    sing N N 4   
ALA CA  CB   sing N N 5   
ALA CA  HA   sing N N 6   
ALA C   O    doub N N 7   
ALA C   OXT  sing N N 8   
ALA CB  HB1  sing N N 9   
ALA CB  HB2  sing N N 10  
ALA CB  HB3  sing N N 11  
ALA OXT HXT  sing N N 12  
ARG N   CA   sing N N 13  
ARG N   H    sing N N 14  
ARG N   H2   sing N N 15  
ARG CA  C    sing N N 16  
ARG CA  CB   sing N N 17  
ARG CA  HA   sing N N 18  
ARG C   O    doub N N 19  
ARG C   OXT  sing N N 20  
ARG CB  CG   sing N N 21  
ARG CB  HB2  sing N N 22  
ARG CB  HB3  sing N N 23  
ARG CG  CD   sing N N 24  
ARG CG  HG2  sing N N 25  
ARG CG  HG3  sing N N 26  
ARG CD  NE   sing N N 27  
ARG CD  HD2  sing N N 28  
ARG CD  HD3  sing N N 29  
ARG NE  CZ   sing N N 30  
ARG NE  HE   sing N N 31  
ARG CZ  NH1  sing N N 32  
ARG CZ  NH2  doub N N 33  
ARG NH1 HH11 sing N N 34  
ARG NH1 HH12 sing N N 35  
ARG NH2 HH21 sing N N 36  
ARG NH2 HH22 sing N N 37  
ARG OXT HXT  sing N N 38  
ASN N   CA   sing N N 39  
ASN N   H    sing N N 40  
ASN N   H2   sing N N 41  
ASN CA  C    sing N N 42  
ASN CA  CB   sing N N 43  
ASN CA  HA   sing N N 44  
ASN C   O    doub N N 45  
ASN C   OXT  sing N N 46  
ASN CB  CG   sing N N 47  
ASN CB  HB2  sing N N 48  
ASN CB  HB3  sing N N 49  
ASN CG  OD1  doub N N 50  
ASN CG  ND2  sing N N 51  
ASN ND2 HD21 sing N N 52  
ASN ND2 HD22 sing N N 53  
ASN OXT HXT  sing N N 54  
ASP N   CA   sing N N 55  
ASP N   H    sing N N 56  
ASP N   H2   sing N N 57  
ASP CA  C    sing N N 58  
ASP CA  CB   sing N N 59  
ASP CA  HA   sing N N 60  
ASP C   O    doub N N 61  
ASP C   OXT  sing N N 62  
ASP CB  CG   sing N N 63  
ASP CB  HB2  sing N N 64  
ASP CB  HB3  sing N N 65  
ASP CG  OD1  doub N N 66  
ASP CG  OD2  sing N N 67  
ASP OD2 HD2  sing N N 68  
ASP OXT HXT  sing N N 69  
CYS N   CA   sing N N 70  
CYS N   H    sing N N 71  
CYS N   H2   sing N N 72  
CYS CA  C    sing N N 73  
CYS CA  CB   sing N N 74  
CYS CA  HA   sing N N 75  
CYS C   O    doub N N 76  
CYS C   OXT  sing N N 77  
CYS CB  SG   sing N N 78  
CYS CB  HB2  sing N N 79  
CYS CB  HB3  sing N N 80  
CYS SG  HG   sing N N 81  
CYS OXT HXT  sing N N 82  
GLN N   CA   sing N N 83  
GLN N   H    sing N N 84  
GLN N   H2   sing N N 85  
GLN CA  C    sing N N 86  
GLN CA  CB   sing N N 87  
GLN CA  HA   sing N N 88  
GLN C   O    doub N N 89  
GLN C   OXT  sing N N 90  
GLN CB  CG   sing N N 91  
GLN CB  HB2  sing N N 92  
GLN CB  HB3  sing N N 93  
GLN CG  CD   sing N N 94  
GLN CG  HG2  sing N N 95  
GLN CG  HG3  sing N N 96  
GLN CD  OE1  doub N N 97  
GLN CD  NE2  sing N N 98  
GLN NE2 HE21 sing N N 99  
GLN NE2 HE22 sing N N 100 
GLN OXT HXT  sing N N 101 
GLU N   CA   sing N N 102 
GLU N   H    sing N N 103 
GLU N   H2   sing N N 104 
GLU CA  C    sing N N 105 
GLU CA  CB   sing N N 106 
GLU CA  HA   sing N N 107 
GLU C   O    doub N N 108 
GLU C   OXT  sing N N 109 
GLU CB  CG   sing N N 110 
GLU CB  HB2  sing N N 111 
GLU CB  HB3  sing N N 112 
GLU CG  CD   sing N N 113 
GLU CG  HG2  sing N N 114 
GLU CG  HG3  sing N N 115 
GLU CD  OE1  doub N N 116 
GLU CD  OE2  sing N N 117 
GLU OE2 HE2  sing N N 118 
GLU OXT HXT  sing N N 119 
GLY N   CA   sing N N 120 
GLY N   H    sing N N 121 
GLY N   H2   sing N N 122 
GLY CA  C    sing N N 123 
GLY CA  HA2  sing N N 124 
GLY CA  HA3  sing N N 125 
GLY C   O    doub N N 126 
GLY C   OXT  sing N N 127 
GLY OXT HXT  sing N N 128 
HIS N   CA   sing N N 129 
HIS N   H    sing N N 130 
HIS N   H2   sing N N 131 
HIS CA  C    sing N N 132 
HIS CA  CB   sing N N 133 
HIS CA  HA   sing N N 134 
HIS C   O    doub N N 135 
HIS C   OXT  sing N N 136 
HIS CB  CG   sing N N 137 
HIS CB  HB2  sing N N 138 
HIS CB  HB3  sing N N 139 
HIS CG  ND1  sing Y N 140 
HIS CG  CD2  doub Y N 141 
HIS ND1 CE1  doub Y N 142 
HIS ND1 HD1  sing N N 143 
HIS CD2 NE2  sing Y N 144 
HIS CD2 HD2  sing N N 145 
HIS CE1 NE2  sing Y N 146 
HIS CE1 HE1  sing N N 147 
HIS NE2 HE2  sing N N 148 
HIS OXT HXT  sing N N 149 
HOH O   H1   sing N N 150 
HOH O   H2   sing N N 151 
ILE N   CA   sing N N 152 
ILE N   H    sing N N 153 
ILE N   H2   sing N N 154 
ILE CA  C    sing N N 155 
ILE CA  CB   sing N N 156 
ILE CA  HA   sing N N 157 
ILE C   O    doub N N 158 
ILE C   OXT  sing N N 159 
ILE CB  CG1  sing N N 160 
ILE CB  CG2  sing N N 161 
ILE CB  HB   sing N N 162 
ILE CG1 CD1  sing N N 163 
ILE CG1 HG12 sing N N 164 
ILE CG1 HG13 sing N N 165 
ILE CG2 HG21 sing N N 166 
ILE CG2 HG22 sing N N 167 
ILE CG2 HG23 sing N N 168 
ILE CD1 HD11 sing N N 169 
ILE CD1 HD12 sing N N 170 
ILE CD1 HD13 sing N N 171 
ILE OXT HXT  sing N N 172 
LEU N   CA   sing N N 173 
LEU N   H    sing N N 174 
LEU N   H2   sing N N 175 
LEU CA  C    sing N N 176 
LEU CA  CB   sing N N 177 
LEU CA  HA   sing N N 178 
LEU C   O    doub N N 179 
LEU C   OXT  sing N N 180 
LEU CB  CG   sing N N 181 
LEU CB  HB2  sing N N 182 
LEU CB  HB3  sing N N 183 
LEU CG  CD1  sing N N 184 
LEU CG  CD2  sing N N 185 
LEU CG  HG   sing N N 186 
LEU CD1 HD11 sing N N 187 
LEU CD1 HD12 sing N N 188 
LEU CD1 HD13 sing N N 189 
LEU CD2 HD21 sing N N 190 
LEU CD2 HD22 sing N N 191 
LEU CD2 HD23 sing N N 192 
LEU OXT HXT  sing N N 193 
LYS N   CA   sing N N 194 
LYS N   H    sing N N 195 
LYS N   H2   sing N N 196 
LYS CA  C    sing N N 197 
LYS CA  CB   sing N N 198 
LYS CA  HA   sing N N 199 
LYS C   O    doub N N 200 
LYS C   OXT  sing N N 201 
LYS CB  CG   sing N N 202 
LYS CB  HB2  sing N N 203 
LYS CB  HB3  sing N N 204 
LYS CG  CD   sing N N 205 
LYS CG  HG2  sing N N 206 
LYS CG  HG3  sing N N 207 
LYS CD  CE   sing N N 208 
LYS CD  HD2  sing N N 209 
LYS CD  HD3  sing N N 210 
LYS CE  NZ   sing N N 211 
LYS CE  HE2  sing N N 212 
LYS CE  HE3  sing N N 213 
LYS NZ  HZ1  sing N N 214 
LYS NZ  HZ2  sing N N 215 
LYS NZ  HZ3  sing N N 216 
LYS OXT HXT  sing N N 217 
MET N   CA   sing N N 218 
MET N   H    sing N N 219 
MET N   H2   sing N N 220 
MET CA  C    sing N N 221 
MET CA  CB   sing N N 222 
MET CA  HA   sing N N 223 
MET C   O    doub N N 224 
MET C   OXT  sing N N 225 
MET CB  CG   sing N N 226 
MET CB  HB2  sing N N 227 
MET CB  HB3  sing N N 228 
MET CG  SD   sing N N 229 
MET CG  HG2  sing N N 230 
MET CG  HG3  sing N N 231 
MET SD  CE   sing N N 232 
MET CE  HE1  sing N N 233 
MET CE  HE2  sing N N 234 
MET CE  HE3  sing N N 235 
MET OXT HXT  sing N N 236 
PHE N   CA   sing N N 237 
PHE N   H    sing N N 238 
PHE N   H2   sing N N 239 
PHE CA  C    sing N N 240 
PHE CA  CB   sing N N 241 
PHE CA  HA   sing N N 242 
PHE C   O    doub N N 243 
PHE C   OXT  sing N N 244 
PHE CB  CG   sing N N 245 
PHE CB  HB2  sing N N 246 
PHE CB  HB3  sing N N 247 
PHE CG  CD1  doub Y N 248 
PHE CG  CD2  sing Y N 249 
PHE CD1 CE1  sing Y N 250 
PHE CD1 HD1  sing N N 251 
PHE CD2 CE2  doub Y N 252 
PHE CD2 HD2  sing N N 253 
PHE CE1 CZ   doub Y N 254 
PHE CE1 HE1  sing N N 255 
PHE CE2 CZ   sing Y N 256 
PHE CE2 HE2  sing N N 257 
PHE CZ  HZ   sing N N 258 
PHE OXT HXT  sing N N 259 
PRO N   CA   sing N N 260 
PRO N   CD   sing N N 261 
PRO N   H    sing N N 262 
PRO CA  C    sing N N 263 
PRO CA  CB   sing N N 264 
PRO CA  HA   sing N N 265 
PRO C   O    doub N N 266 
PRO C   OXT  sing N N 267 
PRO CB  CG   sing N N 268 
PRO CB  HB2  sing N N 269 
PRO CB  HB3  sing N N 270 
PRO CG  CD   sing N N 271 
PRO CG  HG2  sing N N 272 
PRO CG  HG3  sing N N 273 
PRO CD  HD2  sing N N 274 
PRO CD  HD3  sing N N 275 
PRO OXT HXT  sing N N 276 
SER N   CA   sing N N 277 
SER N   H    sing N N 278 
SER N   H2   sing N N 279 
SER CA  C    sing N N 280 
SER CA  CB   sing N N 281 
SER CA  HA   sing N N 282 
SER C   O    doub N N 283 
SER C   OXT  sing N N 284 
SER CB  OG   sing N N 285 
SER CB  HB2  sing N N 286 
SER CB  HB3  sing N N 287 
SER OG  HG   sing N N 288 
SER OXT HXT  sing N N 289 
SO4 S   O1   doub N N 290 
SO4 S   O2   doub N N 291 
SO4 S   O3   sing N N 292 
SO4 S   O4   sing N N 293 
THR N   CA   sing N N 294 
THR N   H    sing N N 295 
THR N   H2   sing N N 296 
THR CA  C    sing N N 297 
THR CA  CB   sing N N 298 
THR CA  HA   sing N N 299 
THR C   O    doub N N 300 
THR C   OXT  sing N N 301 
THR CB  OG1  sing N N 302 
THR CB  CG2  sing N N 303 
THR CB  HB   sing N N 304 
THR OG1 HG1  sing N N 305 
THR CG2 HG21 sing N N 306 
THR CG2 HG22 sing N N 307 
THR CG2 HG23 sing N N 308 
THR OXT HXT  sing N N 309 
TLA O1  C1   doub N N 310 
TLA O11 C1   sing N N 311 
TLA O11 H11  sing N N 312 
TLA C1  C2   sing N N 313 
TLA C2  O2   sing N N 314 
TLA C2  C3   sing N N 315 
TLA C2  H2   sing N N 316 
TLA O2  HA   sing N N 317 
TLA C3  O3   sing N N 318 
TLA C3  C4   sing N N 319 
TLA C3  H3   sing N N 320 
TLA O3  HB   sing N N 321 
TLA C4  O4   doub N N 322 
TLA C4  O41  sing N N 323 
TLA O41 H41  sing N N 324 
TRP N   CA   sing N N 325 
TRP N   H    sing N N 326 
TRP N   H2   sing N N 327 
TRP CA  C    sing N N 328 
TRP CA  CB   sing N N 329 
TRP CA  HA   sing N N 330 
TRP C   O    doub N N 331 
TRP C   OXT  sing N N 332 
TRP CB  CG   sing N N 333 
TRP CB  HB2  sing N N 334 
TRP CB  HB3  sing N N 335 
TRP CG  CD1  doub Y N 336 
TRP CG  CD2  sing Y N 337 
TRP CD1 NE1  sing Y N 338 
TRP CD1 HD1  sing N N 339 
TRP CD2 CE2  doub Y N 340 
TRP CD2 CE3  sing Y N 341 
TRP NE1 CE2  sing Y N 342 
TRP NE1 HE1  sing N N 343 
TRP CE2 CZ2  sing Y N 344 
TRP CE3 CZ3  doub Y N 345 
TRP CE3 HE3  sing N N 346 
TRP CZ2 CH2  doub Y N 347 
TRP CZ2 HZ2  sing N N 348 
TRP CZ3 CH2  sing Y N 349 
TRP CZ3 HZ3  sing N N 350 
TRP CH2 HH2  sing N N 351 
TRP OXT HXT  sing N N 352 
TYR N   CA   sing N N 353 
TYR N   H    sing N N 354 
TYR N   H2   sing N N 355 
TYR CA  C    sing N N 356 
TYR CA  CB   sing N N 357 
TYR CA  HA   sing N N 358 
TYR C   O    doub N N 359 
TYR C   OXT  sing N N 360 
TYR CB  CG   sing N N 361 
TYR CB  HB2  sing N N 362 
TYR CB  HB3  sing N N 363 
TYR CG  CD1  doub Y N 364 
TYR CG  CD2  sing Y N 365 
TYR CD1 CE1  sing Y N 366 
TYR CD1 HD1  sing N N 367 
TYR CD2 CE2  doub Y N 368 
TYR CD2 HD2  sing N N 369 
TYR CE1 CZ   doub Y N 370 
TYR CE1 HE1  sing N N 371 
TYR CE2 CZ   sing Y N 372 
TYR CE2 HE2  sing N N 373 
TYR CZ  OH   sing N N 374 
TYR OH  HH   sing N N 375 
TYR OXT HXT  sing N N 376 
VAL N   CA   sing N N 377 
VAL N   H    sing N N 378 
VAL N   H2   sing N N 379 
VAL CA  C    sing N N 380 
VAL CA  CB   sing N N 381 
VAL CA  HA   sing N N 382 
VAL C   O    doub N N 383 
VAL C   OXT  sing N N 384 
VAL CB  CG1  sing N N 385 
VAL CB  CG2  sing N N 386 
VAL CB  HB   sing N N 387 
VAL CG1 HG11 sing N N 388 
VAL CG1 HG12 sing N N 389 
VAL CG1 HG13 sing N N 390 
VAL CG2 HG21 sing N N 391 
VAL CG2 HG22 sing N N 392 
VAL CG2 HG23 sing N N 393 
VAL OXT HXT  sing N N 394 
# 
loop_
_pdbx_entity_nonpoly.entity_id 
_pdbx_entity_nonpoly.name 
_pdbx_entity_nonpoly.comp_id 
2 'SULFATE ION'        SO4 
3 'L(+)-TARTARIC ACID' TLA 
4 water                HOH 
# 
_pdbx_initial_refinement_model.id               1 
_pdbx_initial_refinement_model.entity_id_list   ? 
_pdbx_initial_refinement_model.type             'experimental model' 
_pdbx_initial_refinement_model.source_name      PDB 
_pdbx_initial_refinement_model.accession_code   1OPA 
_pdbx_initial_refinement_model.details          'PDB ENTRY 1OPA' 
# 
